data_4QHS
#
_entry.id   4QHS
#
_cell.length_a   81.292
_cell.length_b   153.285
_cell.length_c   193.747
_cell.angle_alpha   90.00
_cell.angle_beta   90.00
_cell.angle_gamma   90.00
#
_symmetry.space_group_name_H-M   'P 21 21 21'
#
loop_
_entity.id
_entity.type
_entity.pdbx_description
1 polymer 'Flagellar regulatory protein C'
2 non-polymer 1,2-ETHANEDIOL
3 water water
#
_entity_poly.entity_id   1
_entity_poly.type   'polypeptide(L)'
_entity_poly.pdbx_seq_one_letter_code
;HHHHHHSSGLVPRGSHMVVADTKSLKLLALADKVAKTDANVMILGPSGSGKEVMSRYIHNASPRKEGPFIAINCAAIPDN
MLEATLFGYEKGAFTGAVQACPGKFEQAQGGTILLDEISEMDLNLQAKLLRVLQEREVERLGSRKSIKLDVRVLATSNRD
LKQYVQAGHFREDLYYRLNVFPLTWPALCERKDDIEPLANHLIERHCKKLGLPVPSIAPNAITKLLNYPWPGNVRELDNV
VQRALILSENGHIQSEHILLEGVDWHD
;
_entity_poly.pdbx_strand_id   A,C,B,F,G,E,D
#
loop_
_chem_comp.id
_chem_comp.type
_chem_comp.name
_chem_comp.formula
EDO non-polymer 1,2-ETHANEDIOL 'C2 H6 O2'
#
# COMPACT_ATOMS: atom_id res chain seq x y z
N MET A 17 38.94 -25.91 23.58
CA MET A 17 39.51 -25.64 22.26
C MET A 17 40.90 -26.28 22.14
N VAL A 18 41.09 -27.11 21.11
CA VAL A 18 42.40 -27.70 20.84
C VAL A 18 43.07 -26.98 19.69
N VAL A 19 44.30 -26.53 19.91
CA VAL A 19 44.98 -25.71 18.91
C VAL A 19 46.50 -25.82 18.91
N ALA A 20 47.09 -25.14 17.93
CA ALA A 20 48.53 -24.93 17.86
C ALA A 20 48.74 -23.60 17.17
N ASP A 21 49.63 -23.56 16.19
CA ASP A 21 49.79 -22.40 15.32
C ASP A 21 50.14 -21.10 16.04
N THR A 22 50.57 -21.19 17.30
CA THR A 22 51.03 -20.01 18.03
C THR A 22 50.01 -18.86 18.06
N LYS A 23 49.61 -18.38 16.87
CA LYS A 23 48.57 -17.35 16.74
C LYS A 23 47.26 -17.69 17.48
N SER A 24 46.80 -18.93 17.34
CA SER A 24 45.69 -19.43 18.14
C SER A 24 46.06 -19.40 19.61
N LEU A 25 47.27 -19.87 19.92
CA LEU A 25 47.74 -19.94 21.30
C LEU A 25 47.86 -18.55 21.93
N LYS A 26 48.22 -17.57 21.12
CA LYS A 26 48.24 -16.20 21.51
C LYS A 26 46.85 -15.69 21.86
N LEU A 27 45.87 -16.10 21.09
CA LEU A 27 44.52 -15.74 21.35
C LEU A 27 44.10 -16.25 22.68
N LEU A 28 44.35 -17.52 22.93
CA LEU A 28 43.95 -18.14 24.19
C LEU A 28 44.59 -17.47 25.40
N ALA A 29 45.85 -17.04 25.28
CA ALA A 29 46.49 -16.27 26.35
C ALA A 29 45.80 -14.92 26.57
N LEU A 30 45.31 -14.30 25.51
CA LEU A 30 44.53 -13.07 25.68
C LEU A 30 43.23 -13.41 26.38
N ALA A 31 42.60 -14.47 25.91
CA ALA A 31 41.36 -14.94 26.51
C ALA A 31 41.55 -15.17 28.02
N ASP A 32 42.62 -15.87 28.40
CA ASP A 32 42.88 -16.13 29.82
C ASP A 32 42.90 -14.84 30.62
N LYS A 33 43.45 -13.80 30.03
CA LYS A 33 43.44 -12.51 30.67
C LYS A 33 42.05 -11.94 30.88
N VAL A 34 41.23 -11.82 29.84
CA VAL A 34 39.87 -11.28 30.05
C VAL A 34 39.07 -12.12 31.00
N ALA A 35 39.23 -13.43 30.86
CA ALA A 35 38.38 -14.38 31.56
C ALA A 35 38.41 -14.08 33.05
N LYS A 36 39.58 -13.75 33.55
CA LYS A 36 39.71 -13.44 34.94
C LYS A 36 38.95 -12.22 35.36
N THR A 37 38.52 -11.41 34.42
CA THR A 37 37.71 -10.24 34.73
C THR A 37 36.24 -10.40 34.39
N ASP A 38 35.48 -9.32 34.55
CA ASP A 38 34.06 -9.33 34.27
C ASP A 38 33.71 -8.61 33.00
N ALA A 39 34.72 -8.22 32.23
CA ALA A 39 34.52 -7.44 31.03
C ALA A 39 33.77 -8.15 29.94
N ASN A 40 33.08 -7.38 29.12
CA ASN A 40 32.41 -7.90 27.96
C ASN A 40 33.43 -8.29 26.95
N VAL A 41 33.18 -9.40 26.29
CA VAL A 41 34.12 -9.92 25.30
C VAL A 41 33.44 -10.12 23.94
N MET A 42 34.00 -9.50 22.93
CA MET A 42 33.52 -9.65 21.55
C MET A 42 34.44 -10.62 20.78
N ILE A 43 33.88 -11.72 20.28
CA ILE A 43 34.67 -12.64 19.47
C ILE A 43 34.34 -12.50 17.99
N LEU A 44 35.31 -11.96 17.25
CA LEU A 44 35.20 -11.70 15.83
C LEU A 44 35.76 -12.89 15.02
N GLY A 45 35.51 -12.91 13.73
CA GLY A 45 35.98 -14.00 12.88
C GLY A 45 34.83 -14.61 12.11
N PRO A 46 35.15 -15.47 11.14
CA PRO A 46 34.05 -16.04 10.37
C PRO A 46 33.16 -16.95 11.22
N SER A 47 31.91 -17.14 10.79
CA SER A 47 31.04 -18.09 11.45
C SER A 47 31.58 -19.48 11.17
N GLY A 48 31.18 -20.43 12.00
CA GLY A 48 31.60 -21.82 11.83
C GLY A 48 33.09 -21.97 11.78
N SER A 49 33.78 -21.20 12.62
CA SER A 49 35.22 -21.26 12.73
C SER A 49 35.63 -21.62 14.16
N GLY A 50 34.77 -22.36 14.85
CA GLY A 50 35.05 -22.85 16.19
C GLY A 50 34.91 -21.85 17.33
N LYS A 51 34.24 -20.71 17.09
CA LYS A 51 34.08 -19.67 18.10
C LYS A 51 33.35 -20.13 19.36
N GLU A 52 32.44 -21.06 19.16
CA GLU A 52 31.48 -21.44 20.20
C GLU A 52 32.18 -21.96 21.46
N VAL A 53 33.36 -22.54 21.28
CA VAL A 53 34.06 -23.15 22.39
C VAL A 53 34.99 -22.17 23.12
N MET A 54 35.52 -21.20 22.39
CA MET A 54 36.38 -20.17 22.96
C MET A 54 35.64 -19.41 24.05
N SER A 55 34.37 -19.14 23.81
CA SER A 55 33.51 -18.50 24.80
C SER A 55 33.26 -19.41 26.01
N ARG A 56 33.13 -20.71 25.75
CA ARG A 56 32.91 -21.63 26.84
C ARG A 56 34.22 -21.77 27.62
N TYR A 57 35.34 -21.65 26.91
CA TYR A 57 36.65 -21.64 27.53
C TYR A 57 36.78 -20.44 28.45
N ILE A 58 36.29 -19.30 28.00
CA ILE A 58 36.38 -18.10 28.81
C ILE A 58 35.59 -18.28 30.11
N HIS A 59 34.38 -18.82 29.99
CA HIS A 59 33.52 -19.08 31.14
C HIS A 59 34.22 -19.93 32.18
N ASN A 60 34.82 -21.02 31.73
CA ASN A 60 35.47 -21.97 32.64
C ASN A 60 36.75 -21.43 33.24
N ALA A 61 37.34 -20.42 32.61
CA ALA A 61 38.58 -19.86 33.14
C ALA A 61 38.28 -18.70 34.10
N SER A 62 37.02 -18.30 34.13
CA SER A 62 36.61 -17.13 34.90
C SER A 62 36.08 -17.59 36.26
N PRO A 63 36.02 -16.68 37.24
CA PRO A 63 35.46 -17.04 38.54
C PRO A 63 33.97 -17.46 38.50
N ARG A 64 33.32 -17.27 37.37
CA ARG A 64 31.90 -17.62 37.24
C ARG A 64 31.69 -19.03 36.72
N LYS A 65 32.77 -19.78 36.63
CA LYS A 65 32.76 -21.12 36.02
C LYS A 65 31.66 -22.08 36.54
N GLU A 66 31.37 -22.03 37.84
CA GLU A 66 30.40 -22.98 38.39
C GLU A 66 28.98 -22.56 38.05
N GLY A 67 28.83 -21.29 37.69
CA GLY A 67 27.53 -20.73 37.38
C GLY A 67 27.04 -21.07 35.98
N PRO A 68 25.84 -20.60 35.65
CA PRO A 68 25.17 -20.92 34.38
C PRO A 68 25.88 -20.35 33.17
N PHE A 69 25.99 -21.15 32.13
CA PHE A 69 26.45 -20.69 30.85
C PHE A 69 25.33 -20.81 29.88
N ILE A 70 24.92 -19.69 29.30
CA ILE A 70 23.69 -19.61 28.52
C ILE A 70 24.01 -19.02 27.14
N ALA A 71 23.59 -19.71 26.09
CA ALA A 71 23.92 -19.30 24.73
C ALA A 71 22.66 -19.12 23.88
N ILE A 72 22.56 -17.99 23.18
CA ILE A 72 21.50 -17.78 22.19
C ILE A 72 22.10 -17.33 20.84
N ASN A 73 21.58 -17.86 19.75
CA ASN A 73 22.03 -17.43 18.44
C ASN A 73 21.05 -16.46 17.81
N CYS A 74 21.39 -15.18 17.93
CA CYS A 74 20.59 -14.09 17.42
C CYS A 74 20.25 -14.18 15.93
N ALA A 75 20.93 -15.04 15.19
CA ALA A 75 20.68 -15.17 13.77
C ALA A 75 19.88 -16.44 13.48
N ALA A 76 19.33 -17.07 14.52
CA ALA A 76 18.71 -18.37 14.28
C ALA A 76 17.40 -18.57 15.03
N ILE A 77 16.91 -17.52 15.69
CA ILE A 77 15.61 -17.60 16.35
C ILE A 77 14.45 -17.34 15.37
N PRO A 78 13.63 -18.37 15.12
CA PRO A 78 12.50 -18.29 14.19
C PRO A 78 11.36 -17.38 14.67
N ASP A 79 10.48 -17.04 13.72
CA ASP A 79 9.23 -16.33 13.99
C ASP A 79 9.42 -15.05 14.82
N ASN A 80 10.51 -14.33 14.57
CA ASN A 80 10.83 -13.08 15.29
C ASN A 80 10.87 -13.13 16.82
N MET A 81 11.20 -14.28 17.39
CA MET A 81 11.09 -14.46 18.84
C MET A 81 12.32 -14.04 19.60
N LEU A 82 13.29 -13.47 18.90
CA LEU A 82 14.59 -13.16 19.51
C LEU A 82 14.44 -12.26 20.73
N GLU A 83 13.71 -11.16 20.57
CA GLU A 83 13.48 -10.22 21.65
C GLU A 83 12.73 -10.88 22.82
N ALA A 84 11.73 -11.69 22.50
CA ALA A 84 10.99 -12.36 23.56
C ALA A 84 11.88 -13.37 24.31
N THR A 85 12.72 -14.08 23.57
CA THR A 85 13.60 -15.07 24.18
C THR A 85 14.63 -14.39 25.08
N LEU A 86 15.22 -13.31 24.59
CA LEU A 86 16.23 -12.57 25.36
C LEU A 86 15.70 -11.98 26.67
N PHE A 87 14.57 -11.28 26.58
CA PHE A 87 14.04 -10.51 27.69
C PHE A 87 12.94 -11.21 28.46
N GLY A 88 12.33 -12.22 27.84
CA GLY A 88 11.23 -12.90 28.46
C GLY A 88 10.01 -12.02 28.33
N TYR A 89 8.86 -12.50 28.81
CA TYR A 89 7.62 -11.78 28.63
C TYR A 89 6.58 -12.22 29.65
N GLU A 90 5.56 -11.40 29.79
CA GLU A 90 4.41 -11.74 30.60
C GLU A 90 3.29 -12.18 29.70
N LYS A 91 2.35 -12.94 30.26
CA LYS A 91 1.22 -13.44 29.50
C LYS A 91 0.55 -12.25 28.84
N GLY A 92 0.27 -12.38 27.54
CA GLY A 92 -0.39 -11.31 26.80
C GLY A 92 0.52 -10.22 26.24
N ALA A 93 1.83 -10.32 26.40
CA ALA A 93 2.70 -9.26 25.94
C ALA A 93 2.65 -9.03 24.45
N PHE A 94 2.48 -10.10 23.72
CA PHE A 94 2.32 -10.00 22.30
C PHE A 94 1.35 -11.08 21.97
N THR A 95 0.92 -11.15 20.74
CA THR A 95 -0.10 -12.10 20.42
C THR A 95 0.52 -13.46 20.42
N GLY A 96 -0.03 -14.33 21.23
CA GLY A 96 0.52 -15.65 21.39
C GLY A 96 1.39 -15.75 22.60
N ALA A 97 1.48 -14.67 23.36
CA ALA A 97 2.09 -14.70 24.66
C ALA A 97 1.06 -15.22 25.61
N VAL A 98 1.04 -16.52 25.75
CA VAL A 98 0.02 -17.23 26.46
C VAL A 98 0.46 -17.66 27.83
N GLN A 99 1.71 -17.38 28.18
CA GLN A 99 2.24 -17.67 29.48
C GLN A 99 3.33 -16.70 29.80
N ALA A 100 3.73 -16.66 31.05
CA ALA A 100 4.94 -15.99 31.45
C ALA A 100 6.13 -16.87 31.09
N CYS A 101 7.27 -16.25 30.90
CA CYS A 101 8.46 -16.95 30.48
C CYS A 101 9.66 -16.10 30.78
N PRO A 102 10.65 -16.64 31.45
CA PRO A 102 11.82 -15.86 31.79
C PRO A 102 12.77 -15.74 30.63
N GLY A 103 13.50 -14.65 30.58
CA GLY A 103 14.47 -14.47 29.53
C GLY A 103 15.78 -15.20 29.74
N LYS A 104 16.63 -15.11 28.75
CA LYS A 104 17.95 -15.68 28.82
C LYS A 104 18.82 -14.96 29.81
N PHE A 105 18.61 -13.68 29.98
CA PHE A 105 19.37 -12.97 30.96
C PHE A 105 19.05 -13.43 32.35
N GLU A 106 17.80 -13.77 32.59
CA GLU A 106 17.38 -14.33 33.89
C GLU A 106 18.03 -15.68 34.15
N GLN A 107 18.06 -16.53 33.15
CA GLN A 107 18.62 -17.84 33.32
C GLN A 107 20.11 -17.82 33.53
N ALA A 108 20.76 -16.74 33.17
CA ALA A 108 22.22 -16.64 33.19
C ALA A 108 22.68 -15.98 34.45
N GLN A 109 21.71 -15.72 35.33
CA GLN A 109 21.96 -15.03 36.58
C GLN A 109 23.12 -15.68 37.33
N GLY A 110 24.10 -14.87 37.70
CA GLY A 110 25.26 -15.36 38.44
C GLY A 110 26.27 -16.04 37.53
N GLY A 111 25.96 -16.14 36.23
CA GLY A 111 26.84 -16.80 35.28
C GLY A 111 27.25 -15.98 34.07
N THR A 112 27.10 -16.57 32.89
CA THR A 112 27.56 -15.96 31.64
C THR A 112 26.56 -16.15 30.52
N ILE A 113 26.34 -15.13 29.73
CA ILE A 113 25.51 -15.27 28.55
C ILE A 113 26.32 -15.01 27.31
N LEU A 114 26.12 -15.84 26.29
CA LEU A 114 26.74 -15.69 25.02
C LEU A 114 25.74 -15.23 24.00
N LEU A 115 25.97 -14.07 23.43
CA LEU A 115 25.10 -13.57 22.40
C LEU A 115 25.76 -13.75 21.06
N ASP A 116 25.48 -14.86 20.42
CA ASP A 116 26.09 -15.27 19.20
C ASP A 116 25.49 -14.51 18.05
N GLU A 117 26.34 -14.01 17.18
CA GLU A 117 25.90 -13.30 16.01
C GLU A 117 25.02 -12.09 16.32
N ILE A 118 25.57 -11.15 17.06
CA ILE A 118 24.84 -10.06 17.59
C ILE A 118 24.57 -8.99 16.57
N SER A 119 25.29 -8.99 15.48
CA SER A 119 25.07 -7.97 14.50
C SER A 119 23.71 -8.07 13.86
N GLU A 120 22.91 -9.05 14.26
CA GLU A 120 21.63 -9.27 13.61
C GLU A 120 20.48 -8.69 14.42
N MET A 121 20.81 -8.09 15.57
CA MET A 121 19.81 -7.34 16.30
C MET A 121 19.42 -6.07 15.58
N ASP A 122 18.12 -5.83 15.43
CA ASP A 122 17.68 -4.53 14.95
C ASP A 122 18.00 -3.46 15.98
N LEU A 123 17.92 -2.22 15.53
CA LEU A 123 18.31 -1.05 16.30
C LEU A 123 17.51 -0.88 17.60
N ASN A 124 16.20 -1.14 17.55
CA ASN A 124 15.38 -1.10 18.75
C ASN A 124 15.89 -2.09 19.80
N LEU A 125 16.16 -3.29 19.37
CA LEU A 125 16.67 -4.32 20.21
C LEU A 125 17.98 -3.90 20.81
N GLN A 126 18.82 -3.28 20.01
CA GLN A 126 20.12 -2.84 20.47
C GLN A 126 20.01 -1.81 21.59
N ALA A 127 19.08 -0.87 21.42
CA ALA A 127 18.80 0.12 22.46
C ALA A 127 18.32 -0.59 23.73
N LYS A 128 17.56 -1.65 23.61
CA LYS A 128 17.16 -2.38 24.79
C LYS A 128 18.36 -3.05 25.45
N LEU A 129 19.23 -3.60 24.65
CA LEU A 129 20.42 -4.28 25.15
C LEU A 129 21.34 -3.30 25.86
N LEU A 130 21.45 -2.12 25.30
CA LEU A 130 22.27 -1.08 25.86
C LEU A 130 21.84 -0.74 27.25
N ARG A 131 20.55 -0.63 27.44
CA ARG A 131 20.03 -0.32 28.73
C ARG A 131 20.26 -1.43 29.74
N VAL A 132 20.13 -2.66 29.29
CA VAL A 132 20.44 -3.80 30.14
C VAL A 132 21.90 -3.72 30.58
N LEU A 133 22.79 -3.46 29.61
CA LEU A 133 24.20 -3.33 29.91
C LEU A 133 24.49 -2.21 30.89
N GLN A 134 23.77 -1.09 30.77
CA GLN A 134 24.08 0.10 31.55
C GLN A 134 23.51 0.02 32.95
N GLU A 135 22.27 -0.47 33.07
CA GLU A 135 21.59 -0.47 34.35
C GLU A 135 21.83 -1.77 35.09
N ARG A 136 22.30 -2.76 34.36
CA ARG A 136 22.42 -4.07 34.92
C ARG A 136 21.08 -4.47 35.51
N GLU A 137 20.04 -4.34 34.70
CA GLU A 137 18.67 -4.70 35.03
C GLU A 137 17.96 -5.07 33.74
N VAL A 138 16.97 -5.93 33.85
CA VAL A 138 16.17 -6.31 32.72
C VAL A 138 14.71 -6.30 33.04
N GLU A 139 13.89 -6.18 32.03
CA GLU A 139 12.47 -6.16 32.16
C GLU A 139 11.91 -7.08 31.16
N ARG A 140 10.89 -7.81 31.53
CA ARG A 140 10.26 -8.73 30.61
C ARG A 140 9.32 -7.95 29.71
N LEU A 141 9.07 -8.47 28.53
CA LEU A 141 8.10 -7.84 27.63
C LEU A 141 6.73 -7.79 28.32
N GLY A 142 6.09 -6.62 28.24
CA GLY A 142 4.77 -6.45 28.81
C GLY A 142 4.77 -6.38 30.32
N SER A 143 5.88 -5.91 30.88
CA SER A 143 6.00 -5.72 32.32
C SER A 143 6.81 -4.48 32.63
N ARG A 144 6.62 -3.86 33.77
CA ARG A 144 7.51 -2.78 34.09
C ARG A 144 8.30 -3.05 35.35
N LYS A 145 8.33 -4.30 35.77
CA LYS A 145 9.23 -4.67 36.86
C LYS A 145 10.61 -4.97 36.30
N SER A 146 11.62 -4.32 36.86
CA SER A 146 12.98 -4.62 36.45
C SER A 146 13.61 -5.66 37.38
N ILE A 147 14.22 -6.68 36.79
CA ILE A 147 14.98 -7.67 37.54
C ILE A 147 16.46 -7.30 37.57
N LYS A 148 17.02 -7.20 38.77
CA LYS A 148 18.45 -6.98 38.94
C LYS A 148 19.27 -8.09 38.30
N LEU A 149 20.37 -7.74 37.65
CA LEU A 149 21.19 -8.71 36.96
C LEU A 149 22.62 -8.76 37.44
N ASP A 150 23.21 -9.93 37.36
CA ASP A 150 24.61 -10.17 37.67
C ASP A 150 25.12 -11.19 36.65
N VAL A 151 25.43 -10.70 35.45
CA VAL A 151 25.66 -11.56 34.29
C VAL A 151 26.83 -11.05 33.43
N ARG A 152 27.75 -11.95 33.11
CA ARG A 152 28.89 -11.65 32.26
C ARG A 152 28.46 -11.84 30.82
N VAL A 153 28.77 -10.87 29.98
CA VAL A 153 28.37 -10.93 28.58
C VAL A 153 29.51 -11.28 27.65
N LEU A 154 29.28 -12.30 26.84
CA LEU A 154 30.12 -12.63 25.71
C LEU A 154 29.28 -12.43 24.47
N ALA A 155 29.90 -11.93 23.40
CA ALA A 155 29.23 -11.80 22.11
C ALA A 155 30.13 -12.24 20.96
N THR A 156 29.51 -12.56 19.83
CA THR A 156 30.23 -12.81 18.58
C THR A 156 29.60 -12.08 17.41
N SER A 157 30.41 -11.85 16.41
CA SER A 157 30.01 -11.22 15.21
C SER A 157 30.87 -11.70 14.08
N ASN A 158 30.28 -12.06 12.97
CA ASN A 158 31.07 -12.44 11.85
C ASN A 158 31.30 -11.27 10.90
N ARG A 159 31.02 -10.08 11.36
CA ARG A 159 31.23 -8.93 10.54
C ARG A 159 31.93 -7.81 11.27
N ASP A 160 32.51 -6.90 10.50
CA ASP A 160 33.21 -5.74 11.01
C ASP A 160 32.19 -4.82 11.59
N LEU A 161 32.20 -4.68 12.90
CA LEU A 161 31.15 -3.94 13.60
C LEU A 161 31.36 -2.46 13.56
N LYS A 162 32.60 -2.03 13.55
CA LYS A 162 32.91 -0.62 13.37
C LYS A 162 32.31 -0.09 12.05
N GLN A 163 32.43 -0.85 10.97
CA GLN A 163 31.88 -0.39 9.70
C GLN A 163 30.35 -0.46 9.72
N TYR A 164 29.81 -1.47 10.41
CA TYR A 164 28.38 -1.62 10.61
C TYR A 164 27.80 -0.41 11.36
N VAL A 165 28.56 0.09 12.32
CA VAL A 165 28.23 1.37 12.96
C VAL A 165 28.20 2.49 11.92
N GLN A 166 29.24 2.56 11.10
CA GLN A 166 29.37 3.62 10.11
C GLN A 166 28.28 3.54 9.02
N ALA A 167 27.74 2.34 8.82
CA ALA A 167 26.64 2.13 7.89
C ALA A 167 25.27 2.46 8.52
N GLY A 168 25.29 2.92 9.76
CA GLY A 168 24.06 3.23 10.49
C GLY A 168 23.17 2.05 10.83
N HIS A 169 23.77 0.87 10.98
CA HIS A 169 23.00 -0.33 11.31
C HIS A 169 23.29 -0.79 12.74
N PHE A 170 24.25 -0.16 13.40
CA PHE A 170 24.60 -0.56 14.75
C PHE A 170 24.87 0.66 15.60
N ARG A 171 24.34 0.68 16.81
CA ARG A 171 24.55 1.81 17.69
C ARG A 171 26.03 1.96 18.04
N GLU A 172 26.50 3.20 18.01
CA GLU A 172 27.86 3.50 18.37
C GLU A 172 28.10 3.24 19.86
N ASP A 173 27.20 3.75 20.71
CA ASP A 173 27.41 3.61 22.15
C ASP A 173 27.46 2.13 22.54
N LEU A 174 26.65 1.31 21.88
CA LEU A 174 26.67 -0.14 22.14
C LEU A 174 27.96 -0.77 21.61
N TYR A 175 28.45 -0.25 20.49
CA TYR A 175 29.67 -0.76 19.90
C TYR A 175 30.81 -0.64 20.89
N TYR A 176 30.94 0.51 21.50
CA TYR A 176 32.01 0.73 22.43
C TYR A 176 31.88 -0.12 23.68
N ARG A 177 30.67 -0.28 24.17
CA ARG A 177 30.49 -1.12 25.32
C ARG A 177 30.79 -2.58 25.07
N LEU A 178 30.50 -3.07 23.92
CA LEU A 178 30.74 -4.49 23.63
C LEU A 178 32.15 -4.78 23.12
N ASN A 179 32.91 -3.76 22.78
CA ASN A 179 34.23 -3.93 22.21
C ASN A 179 35.38 -3.38 23.05
N VAL A 180 35.31 -3.52 24.35
CA VAL A 180 36.46 -3.24 25.18
C VAL A 180 37.61 -4.15 24.80
N PHE A 181 37.30 -5.39 24.50
CA PHE A 181 38.29 -6.44 24.36
C PHE A 181 37.98 -7.44 23.27
N PRO A 182 38.18 -7.04 22.04
CA PRO A 182 37.87 -7.91 20.92
C PRO A 182 38.94 -8.93 20.66
N LEU A 183 38.53 -10.12 20.32
CA LEU A 183 39.42 -11.18 19.95
C LEU A 183 39.03 -11.69 18.60
N THR A 184 39.93 -11.57 17.65
CA THR A 184 39.65 -11.98 16.32
C THR A 184 40.18 -13.37 16.04
N TRP A 185 39.27 -14.30 15.91
CA TRP A 185 39.56 -15.69 15.70
C TRP A 185 39.67 -15.98 14.21
N PRO A 186 40.88 -16.00 13.68
CA PRO A 186 41.11 -16.05 12.24
C PRO A 186 40.55 -17.27 11.52
N ALA A 187 40.47 -17.15 10.21
CA ALA A 187 39.94 -18.21 9.39
C ALA A 187 40.95 -19.34 9.32
N LEU A 188 40.47 -20.54 9.07
CA LEU A 188 41.30 -21.73 9.07
C LEU A 188 42.55 -21.63 8.23
N CYS A 189 42.46 -21.06 7.06
CA CYS A 189 43.60 -21.01 6.18
C CYS A 189 44.66 -20.10 6.71
N GLU A 190 44.34 -19.40 7.77
CA GLU A 190 45.27 -18.46 8.35
C GLU A 190 45.86 -19.05 9.60
N ARG A 191 45.54 -20.31 9.85
CA ARG A 191 46.15 -21.01 10.95
C ARG A 191 46.27 -22.48 10.65
N LYS A 192 46.92 -22.76 9.55
CA LYS A 192 46.99 -24.10 9.02
C LYS A 192 47.38 -25.11 10.05
N ASP A 193 48.13 -24.69 11.05
CA ASP A 193 48.69 -25.62 12.01
C ASP A 193 47.67 -26.13 12.98
N ASP A 194 46.43 -25.72 12.80
CA ASP A 194 45.38 -26.12 13.71
C ASP A 194 44.58 -27.27 13.13
N ILE A 195 44.65 -27.37 11.83
CA ILE A 195 43.89 -28.30 11.04
C ILE A 195 44.02 -29.77 11.43
N GLU A 196 45.22 -30.31 11.39
CA GLU A 196 45.40 -31.67 11.80
C GLU A 196 44.97 -31.93 13.22
N PRO A 197 45.29 -31.06 14.15
CA PRO A 197 44.87 -31.28 15.52
C PRO A 197 43.35 -31.24 15.66
N LEU A 198 42.71 -30.36 14.90
CA LEU A 198 41.27 -30.28 14.90
C LEU A 198 40.66 -31.50 14.24
N ALA A 199 41.20 -31.86 13.10
CA ALA A 199 40.71 -33.02 12.37
C ALA A 199 40.63 -34.26 13.23
N ASN A 200 41.72 -34.62 13.87
CA ASN A 200 41.73 -35.80 14.69
C ASN A 200 40.71 -35.72 15.78
N HIS A 201 40.55 -34.55 16.35
CA HIS A 201 39.59 -34.38 17.41
C HIS A 201 38.21 -34.76 16.94
N LEU A 202 37.90 -34.33 15.73
CA LEU A 202 36.63 -34.62 15.12
C LEU A 202 36.48 -36.10 14.98
N ILE A 203 37.53 -36.75 14.53
CA ILE A 203 37.48 -38.17 14.42
C ILE A 203 37.40 -38.79 15.78
N GLU A 204 38.15 -38.25 16.72
CA GLU A 204 38.18 -38.78 18.05
C GLU A 204 36.85 -38.54 18.73
N ARG A 205 36.35 -37.33 18.62
CA ARG A 205 35.10 -36.95 19.24
C ARG A 205 33.92 -37.80 18.80
N HIS A 206 33.98 -38.25 17.56
CA HIS A 206 32.93 -38.99 16.88
C HIS A 206 32.99 -40.49 17.17
N CYS A 207 34.18 -41.08 17.01
CA CYS A 207 34.37 -42.48 17.35
C CYS A 207 34.22 -42.70 18.85
N LYS A 208 34.20 -41.59 19.59
CA LYS A 208 33.96 -41.59 21.03
C LYS A 208 32.61 -42.20 21.36
N LYS A 209 31.57 -41.74 20.66
CA LYS A 209 30.22 -42.21 20.90
C LYS A 209 29.92 -43.53 20.17
N LEU A 210 30.97 -44.21 19.70
CA LEU A 210 30.79 -45.43 18.91
C LEU A 210 31.88 -46.50 19.16
N GLY A 211 32.97 -46.46 18.38
CA GLY A 211 33.97 -47.51 18.44
C GLY A 211 35.42 -47.10 18.65
N LEU A 212 36.33 -47.80 17.99
CA LEU A 212 37.77 -47.57 18.14
C LEU A 212 38.24 -46.42 17.23
N PRO A 213 38.95 -45.43 17.80
CA PRO A 213 39.33 -44.22 17.06
C PRO A 213 40.16 -44.55 15.84
N VAL A 214 39.59 -44.34 14.67
CA VAL A 214 40.25 -44.78 13.45
C VAL A 214 41.61 -44.12 13.13
N PRO A 215 41.79 -42.78 13.37
CA PRO A 215 42.77 -41.99 12.64
C PRO A 215 43.72 -42.76 11.75
N SER A 216 44.97 -42.95 12.19
CA SER A 216 46.05 -43.49 11.36
C SER A 216 45.95 -42.97 9.92
N ILE A 217 45.16 -41.90 9.78
CA ILE A 217 44.85 -41.32 8.51
C ILE A 217 46.11 -40.97 7.73
N ALA A 218 46.31 -41.67 6.65
CA ALA A 218 47.44 -41.44 5.79
C ALA A 218 47.91 -40.02 5.88
N PRO A 219 49.21 -39.83 5.73
CA PRO A 219 49.83 -38.53 5.76
C PRO A 219 49.57 -37.82 4.47
N ASN A 220 49.28 -38.57 3.44
CA ASN A 220 48.97 -38.00 2.17
C ASN A 220 47.61 -37.35 2.23
N ALA A 221 46.80 -37.80 3.17
CA ALA A 221 45.50 -37.23 3.42
C ALA A 221 45.65 -35.97 4.22
N ILE A 222 46.57 -36.00 5.15
CA ILE A 222 46.83 -34.83 5.94
C ILE A 222 47.26 -33.69 5.05
N THR A 223 48.14 -34.00 4.14
CA THR A 223 48.71 -32.99 3.30
C THR A 223 47.58 -32.43 2.45
N LYS A 224 46.71 -33.32 2.02
CA LYS A 224 45.57 -32.96 1.22
C LYS A 224 44.67 -32.06 2.01
N LEU A 225 44.46 -32.42 3.25
CA LEU A 225 43.72 -31.55 4.17
C LEU A 225 44.42 -30.20 4.41
N LEU A 226 45.75 -30.21 4.54
CA LEU A 226 46.46 -28.99 4.87
C LEU A 226 46.52 -28.02 3.74
N ASN A 227 46.43 -28.48 2.52
CA ASN A 227 46.64 -27.62 1.39
C ASN A 227 45.36 -27.14 0.76
N TYR A 228 44.27 -27.17 1.50
CA TYR A 228 43.03 -26.73 0.94
C TYR A 228 42.71 -25.47 1.66
N PRO A 229 42.27 -24.46 0.95
CA PRO A 229 42.05 -23.14 1.55
C PRO A 229 40.89 -23.03 2.53
N TRP A 230 40.07 -24.05 2.65
CA TRP A 230 38.96 -24.07 3.60
C TRP A 230 38.01 -22.88 3.58
N PRO A 231 37.41 -22.62 2.44
CA PRO A 231 36.43 -21.57 2.33
C PRO A 231 35.35 -21.63 3.39
N GLY A 232 34.97 -22.80 3.85
CA GLY A 232 33.96 -22.91 4.85
C GLY A 232 34.47 -23.17 6.25
N ASN A 233 35.74 -22.94 6.46
CA ASN A 233 36.34 -23.13 7.75
C ASN A 233 36.00 -24.43 8.47
N VAL A 234 35.75 -24.34 9.76
CA VAL A 234 35.58 -25.52 10.56
C VAL A 234 34.37 -26.35 10.20
N ARG A 235 33.33 -25.72 9.73
CA ARG A 235 32.13 -26.44 9.38
C ARG A 235 32.35 -27.28 8.17
N GLU A 236 33.18 -26.80 7.27
CA GLU A 236 33.50 -27.51 6.07
C GLU A 236 34.35 -28.67 6.47
N LEU A 237 35.25 -28.47 7.40
CA LEU A 237 36.16 -29.51 7.80
C LEU A 237 35.40 -30.60 8.46
N ASP A 238 34.46 -30.23 9.29
CA ASP A 238 33.63 -31.19 9.94
C ASP A 238 32.96 -32.03 8.90
N ASN A 239 32.46 -31.42 7.86
CA ASN A 239 31.86 -32.17 6.79
C ASN A 239 32.80 -33.16 6.17
N VAL A 240 34.00 -32.72 5.83
CA VAL A 240 34.92 -33.55 5.10
C VAL A 240 35.33 -34.73 5.95
N VAL A 241 35.59 -34.48 7.21
CA VAL A 241 36.01 -35.53 8.10
C VAL A 241 34.94 -36.56 8.30
N GLN A 242 33.73 -36.13 8.52
CA GLN A 242 32.61 -37.03 8.68
C GLN A 242 32.37 -37.85 7.43
N ARG A 243 32.44 -37.20 6.30
CA ARG A 243 32.34 -37.88 5.04
C ARG A 243 33.43 -38.92 4.92
N ALA A 244 34.63 -38.54 5.31
CA ALA A 244 35.74 -39.44 5.23
C ALA A 244 35.52 -40.69 6.05
N LEU A 245 35.06 -40.54 7.27
CA LEU A 245 34.76 -41.68 8.08
C LEU A 245 33.74 -42.60 7.44
N ILE A 246 32.79 -42.05 6.71
CA ILE A 246 31.80 -42.86 6.04
C ILE A 246 32.38 -43.66 4.89
N LEU A 247 33.24 -43.07 4.10
CA LEU A 247 33.83 -43.79 3.01
C LEU A 247 34.72 -44.93 3.50
N SER A 248 35.11 -44.86 4.75
CA SER A 248 35.64 -45.98 5.52
C SER A 248 36.69 -45.59 6.54
N GLU A 249 36.91 -46.48 7.49
CA GLU A 249 37.79 -46.23 8.64
C GLU A 249 39.31 -46.30 8.37
N ASN A 250 40.05 -45.29 8.81
CA ASN A 250 41.46 -45.15 8.48
C ASN A 250 41.63 -44.31 7.23
N GLY A 251 41.52 -43.01 7.36
CA GLY A 251 41.37 -42.13 6.24
C GLY A 251 42.43 -42.22 5.19
N HIS A 252 42.04 -42.37 3.92
CA HIS A 252 43.04 -42.47 2.87
C HIS A 252 42.90 -41.35 1.82
N ILE A 253 41.84 -41.45 1.03
CA ILE A 253 41.45 -40.41 0.08
C ILE A 253 40.02 -40.00 0.45
N GLN A 254 39.77 -38.70 0.43
CA GLN A 254 38.49 -38.17 0.83
C GLN A 254 38.19 -36.86 0.04
N SER A 255 36.93 -36.45 0.01
CA SER A 255 36.44 -35.63 -1.09
C SER A 255 36.28 -34.15 -0.81
N GLU A 256 36.57 -33.34 -1.84
CA GLU A 256 36.16 -31.95 -1.83
C GLU A 256 36.04 -31.24 -3.21
N HIS A 257 35.33 -31.77 -4.20
CA HIS A 257 34.61 -33.06 -4.18
C HIS A 257 34.80 -33.71 -5.56
N ILE A 258 35.37 -34.92 -5.58
CA ILE A 258 35.85 -35.59 -6.79
C ILE A 258 36.84 -34.63 -7.49
N LEU A 259 37.58 -33.91 -6.64
CA LEU A 259 38.50 -32.81 -6.98
C LEU A 259 37.73 -31.53 -7.34
N LEU A 260 38.43 -30.58 -7.94
CA LEU A 260 37.82 -29.30 -8.29
C LEU A 260 38.03 -28.98 -9.78
N MET B 17 -19.95 -36.14 -34.08
CA MET B 17 -18.90 -36.89 -34.79
C MET B 17 -18.87 -36.50 -36.25
N VAL B 18 -19.02 -35.20 -36.53
CA VAL B 18 -19.26 -34.71 -37.88
C VAL B 18 -18.01 -34.08 -38.52
N VAL B 19 -17.23 -34.92 -39.22
CA VAL B 19 -16.05 -34.47 -39.96
C VAL B 19 -15.92 -35.25 -41.25
N ALA B 20 -15.11 -34.74 -42.19
CA ALA B 20 -14.78 -35.50 -43.40
C ALA B 20 -13.35 -35.27 -43.84
N ASP B 21 -12.73 -34.22 -43.29
CA ASP B 21 -11.33 -33.93 -43.60
C ASP B 21 -10.41 -35.03 -43.09
N THR B 22 -9.35 -35.31 -43.83
CA THR B 22 -8.45 -36.41 -43.54
C THR B 22 -7.73 -36.19 -42.21
N LYS B 23 -7.29 -34.95 -41.97
CA LYS B 23 -6.73 -34.55 -40.68
C LYS B 23 -7.59 -35.03 -39.54
N SER B 24 -8.88 -34.70 -39.67
CA SER B 24 -9.87 -34.91 -38.64
C SER B 24 -10.17 -36.37 -38.45
N LEU B 25 -10.32 -37.09 -39.55
CA LEU B 25 -10.56 -38.52 -39.50
C LEU B 25 -9.43 -39.23 -38.75
N LYS B 26 -8.18 -38.87 -39.05
CA LYS B 26 -7.06 -39.45 -38.33
C LYS B 26 -7.12 -39.12 -36.83
N LEU B 27 -7.48 -37.87 -36.52
CA LEU B 27 -7.67 -37.42 -35.14
C LEU B 27 -8.69 -38.28 -34.42
N LEU B 28 -9.84 -38.49 -35.06
CA LEU B 28 -10.89 -39.27 -34.43
C LEU B 28 -10.44 -40.70 -34.21
N ALA B 29 -9.64 -41.24 -35.14
CA ALA B 29 -9.13 -42.61 -34.99
C ALA B 29 -8.19 -42.70 -33.79
N LEU B 30 -7.34 -41.68 -33.61
CA LEU B 30 -6.45 -41.66 -32.45
C LEU B 30 -7.29 -41.59 -31.17
N ALA B 31 -8.38 -40.82 -31.25
CA ALA B 31 -9.23 -40.60 -30.10
C ALA B 31 -9.89 -41.93 -29.74
N ASP B 32 -10.28 -42.69 -30.76
CA ASP B 32 -10.82 -44.04 -30.57
C ASP B 32 -9.87 -44.94 -29.79
N LYS B 33 -8.57 -44.72 -29.92
CA LYS B 33 -7.60 -45.52 -29.20
C LYS B 33 -7.53 -45.14 -27.72
N VAL B 34 -7.35 -43.85 -27.38
CA VAL B 34 -7.32 -43.48 -25.96
C VAL B 34 -8.61 -43.78 -25.28
N ALA B 35 -9.71 -43.63 -26.02
CA ALA B 35 -11.05 -43.89 -25.49
C ALA B 35 -11.10 -45.20 -24.70
N LYS B 36 -10.44 -46.24 -25.22
CA LYS B 36 -10.54 -47.58 -24.66
C LYS B 36 -9.79 -47.70 -23.34
N THR B 37 -8.95 -46.71 -23.07
CA THR B 37 -8.11 -46.69 -21.89
C THR B 37 -8.61 -45.68 -20.87
N ASP B 38 -7.94 -45.62 -19.72
CA ASP B 38 -8.25 -44.67 -18.66
C ASP B 38 -7.32 -43.46 -18.66
N ALA B 39 -6.58 -43.26 -19.74
CA ALA B 39 -5.57 -42.22 -19.75
C ALA B 39 -6.20 -40.85 -19.80
N ASN B 40 -5.54 -39.88 -19.14
CA ASN B 40 -5.82 -38.46 -19.33
C ASN B 40 -5.66 -38.09 -20.79
N VAL B 41 -6.65 -37.39 -21.33
CA VAL B 41 -6.54 -36.87 -22.67
C VAL B 41 -6.54 -35.33 -22.68
N MET B 42 -5.56 -34.75 -23.34
CA MET B 42 -5.46 -33.31 -23.51
C MET B 42 -5.84 -32.88 -24.94
N ILE B 43 -6.82 -32.00 -25.07
CA ILE B 43 -7.26 -31.58 -26.41
C ILE B 43 -6.83 -30.15 -26.72
N LEU B 44 -5.89 -30.03 -27.65
CA LEU B 44 -5.24 -28.77 -27.92
C LEU B 44 -5.88 -28.16 -29.14
N GLY B 45 -5.54 -26.91 -29.41
CA GLY B 45 -6.08 -26.20 -30.56
C GLY B 45 -6.87 -25.01 -30.06
N PRO B 46 -7.32 -24.17 -30.99
CA PRO B 46 -8.03 -22.94 -30.62
C PRO B 46 -9.36 -23.22 -29.90
N SER B 47 -9.77 -22.30 -29.03
CA SER B 47 -11.10 -22.36 -28.43
C SER B 47 -12.13 -22.05 -29.49
N GLY B 48 -13.30 -22.66 -29.38
CA GLY B 48 -14.37 -22.41 -30.33
C GLY B 48 -14.08 -23.08 -31.66
N SER B 49 -13.22 -24.09 -31.63
CA SER B 49 -13.01 -24.93 -32.80
C SER B 49 -13.82 -26.22 -32.63
N GLY B 50 -14.78 -26.20 -31.71
CA GLY B 50 -15.66 -27.33 -31.48
C GLY B 50 -14.96 -28.58 -30.99
N LYS B 51 -14.07 -28.42 -30.00
CA LYS B 51 -13.38 -29.58 -29.43
C LYS B 51 -14.18 -30.11 -28.24
N GLU B 52 -15.48 -29.82 -28.22
CA GLU B 52 -16.36 -30.40 -27.22
C GLU B 52 -17.00 -31.66 -27.78
N VAL B 53 -17.06 -31.76 -29.11
CA VAL B 53 -17.55 -32.98 -29.75
C VAL B 53 -16.56 -34.07 -29.41
N MET B 54 -15.28 -33.74 -29.47
CA MET B 54 -14.19 -34.67 -29.26
C MET B 54 -14.28 -35.36 -27.89
N SER B 55 -14.35 -34.55 -26.83
CA SER B 55 -14.33 -35.07 -25.47
C SER B 55 -15.55 -35.92 -25.15
N ARG B 56 -16.70 -35.50 -25.69
CA ARG B 56 -17.95 -36.22 -25.50
C ARG B 56 -17.94 -37.48 -26.38
N TYR B 57 -17.37 -37.36 -27.58
CA TYR B 57 -17.13 -38.52 -28.42
C TYR B 57 -16.28 -39.56 -27.69
N ILE B 58 -15.17 -39.09 -27.12
CA ILE B 58 -14.25 -39.97 -26.40
C ILE B 58 -14.97 -40.72 -25.26
N HIS B 59 -15.76 -39.99 -24.48
CA HIS B 59 -16.50 -40.58 -23.38
C HIS B 59 -17.40 -41.69 -23.85
N ASN B 60 -18.08 -41.44 -24.97
CA ASN B 60 -19.05 -42.37 -25.50
C ASN B 60 -18.39 -43.60 -26.12
N ALA B 61 -17.14 -43.46 -26.55
CA ALA B 61 -16.41 -44.59 -27.08
C ALA B 61 -15.69 -45.34 -25.96
N SER B 62 -15.61 -44.69 -24.81
CA SER B 62 -14.91 -45.26 -23.67
C SER B 62 -15.76 -46.31 -22.96
N PRO B 63 -15.15 -47.12 -22.08
CA PRO B 63 -15.93 -48.10 -21.31
C PRO B 63 -16.85 -47.44 -20.30
N ARG B 64 -16.66 -46.15 -20.08
CA ARG B 64 -17.39 -45.41 -19.06
C ARG B 64 -18.62 -44.70 -19.65
N LYS B 65 -18.93 -45.01 -20.91
CA LYS B 65 -20.03 -44.39 -21.67
C LYS B 65 -21.34 -44.17 -20.88
N GLU B 66 -21.73 -45.15 -20.07
CA GLU B 66 -22.98 -45.07 -19.32
C GLU B 66 -22.85 -44.24 -18.03
N GLY B 67 -21.62 -43.83 -17.72
CA GLY B 67 -21.37 -43.04 -16.53
C GLY B 67 -21.48 -41.55 -16.77
N PRO B 68 -21.49 -40.77 -15.68
CA PRO B 68 -21.71 -39.33 -15.82
C PRO B 68 -20.61 -38.65 -16.61
N PHE B 69 -20.99 -37.58 -17.30
CA PHE B 69 -20.07 -36.76 -18.06
C PHE B 69 -20.22 -35.33 -17.57
N ILE B 70 -19.19 -34.85 -16.90
CA ILE B 70 -19.26 -33.58 -16.19
C ILE B 70 -18.28 -32.62 -16.83
N ALA B 71 -18.80 -31.52 -17.36
CA ALA B 71 -17.93 -30.53 -17.98
C ALA B 71 -17.80 -29.32 -17.09
N ILE B 72 -16.60 -28.74 -17.02
CA ILE B 72 -16.46 -27.44 -16.40
C ILE B 72 -15.53 -26.58 -17.25
N ASN B 73 -15.90 -25.31 -17.42
CA ASN B 73 -15.05 -24.34 -18.11
C ASN B 73 -14.26 -23.50 -17.10
N CYS B 74 -13.00 -23.88 -16.90
CA CYS B 74 -12.11 -23.20 -15.97
C CYS B 74 -11.91 -21.71 -16.26
N ALA B 75 -12.17 -21.28 -17.48
CA ALA B 75 -12.01 -19.88 -17.83
C ALA B 75 -13.33 -19.10 -17.74
N ALA B 76 -14.39 -19.73 -17.23
CA ALA B 76 -15.69 -19.06 -17.22
C ALA B 76 -16.44 -19.19 -15.91
N ILE B 77 -15.73 -19.36 -14.80
CA ILE B 77 -16.40 -19.42 -13.50
C ILE B 77 -16.22 -18.08 -12.79
N PRO B 78 -17.34 -17.37 -12.60
CA PRO B 78 -17.36 -16.05 -11.94
C PRO B 78 -16.96 -16.11 -10.47
N ASP B 79 -16.54 -14.96 -9.92
CA ASP B 79 -16.39 -14.78 -8.49
C ASP B 79 -15.33 -15.68 -7.85
N ASN B 80 -14.35 -16.13 -8.64
CA ASN B 80 -13.30 -17.02 -8.16
C ASN B 80 -13.80 -18.33 -7.54
N MET B 81 -14.92 -18.83 -8.04
CA MET B 81 -15.54 -20.02 -7.48
C MET B 81 -15.00 -21.30 -8.09
N LEU B 82 -13.99 -21.17 -8.95
CA LEU B 82 -13.45 -22.30 -9.70
C LEU B 82 -13.03 -23.42 -8.76
N GLU B 83 -12.17 -23.11 -7.81
CA GLU B 83 -11.68 -24.10 -6.85
C GLU B 83 -12.83 -24.75 -6.09
N ALA B 84 -13.71 -23.91 -5.57
CA ALA B 84 -14.85 -24.40 -4.80
C ALA B 84 -15.76 -25.27 -5.67
N THR B 85 -15.84 -24.96 -6.96
CA THR B 85 -16.66 -25.76 -7.86
C THR B 85 -16.05 -27.16 -8.13
N LEU B 86 -14.73 -27.20 -8.35
CA LEU B 86 -14.04 -28.47 -8.64
C LEU B 86 -14.04 -29.40 -7.45
N PHE B 87 -13.66 -28.85 -6.30
CA PHE B 87 -13.39 -29.62 -5.10
C PHE B 87 -14.59 -29.70 -4.15
N GLY B 88 -15.57 -28.83 -4.35
CA GLY B 88 -16.69 -28.80 -3.41
C GLY B 88 -16.22 -28.15 -2.13
N TYR B 89 -17.11 -28.04 -1.15
CA TYR B 89 -16.77 -27.38 0.09
C TYR B 89 -17.75 -27.73 1.20
N GLU B 90 -17.30 -27.54 2.43
CA GLU B 90 -18.17 -27.62 3.58
C GLU B 90 -18.66 -26.23 3.96
N LYS B 91 -19.79 -26.17 4.65
CA LYS B 91 -20.33 -24.93 5.17
C LYS B 91 -19.24 -24.19 5.97
N GLY B 92 -19.16 -22.87 5.82
CA GLY B 92 -18.15 -22.08 6.50
C GLY B 92 -16.71 -22.12 5.97
N ALA B 93 -16.44 -22.86 4.90
CA ALA B 93 -15.06 -23.01 4.40
C ALA B 93 -14.41 -21.70 3.94
N PHE B 94 -15.24 -20.80 3.43
CA PHE B 94 -14.80 -19.48 3.00
C PHE B 94 -15.99 -18.57 3.18
N THR B 95 -15.77 -17.28 3.03
CA THR B 95 -16.86 -16.31 3.19
C THR B 95 -17.91 -16.53 2.10
N GLY B 96 -19.17 -16.65 2.51
CA GLY B 96 -20.23 -16.95 1.57
C GLY B 96 -20.73 -18.38 1.61
N ALA B 97 -19.86 -19.34 1.91
CA ALA B 97 -20.21 -20.76 1.97
C ALA B 97 -21.19 -21.08 3.11
N VAL B 98 -22.49 -20.98 2.83
CA VAL B 98 -23.52 -21.18 3.84
C VAL B 98 -24.12 -22.59 3.77
N GLN B 99 -23.44 -23.49 3.06
CA GLN B 99 -23.91 -24.87 2.95
C GLN B 99 -22.74 -25.76 2.54
N ALA B 100 -22.92 -27.08 2.69
CA ALA B 100 -22.00 -28.04 2.09
C ALA B 100 -22.36 -28.18 0.62
N CYS B 101 -21.42 -28.65 -0.18
CA CYS B 101 -21.64 -28.72 -1.62
C CYS B 101 -20.63 -29.66 -2.27
N PRO B 102 -21.13 -30.69 -2.96
CA PRO B 102 -20.19 -31.63 -3.60
C PRO B 102 -19.48 -30.99 -4.78
N GLY B 103 -18.23 -31.40 -5.06
CA GLY B 103 -17.47 -30.88 -6.18
C GLY B 103 -17.77 -31.59 -7.49
N LYS B 104 -17.22 -31.09 -8.58
CA LYS B 104 -17.42 -31.71 -9.88
C LYS B 104 -16.81 -33.11 -9.95
N PHE B 105 -15.66 -33.32 -9.30
CA PHE B 105 -15.08 -34.66 -9.26
C PHE B 105 -16.04 -35.66 -8.60
N GLU B 106 -16.68 -35.27 -7.49
CA GLU B 106 -17.62 -36.17 -6.80
C GLU B 106 -18.75 -36.55 -7.74
N GLN B 107 -19.26 -35.56 -8.47
CA GLN B 107 -20.35 -35.78 -9.43
C GLN B 107 -19.95 -36.66 -10.62
N ALA B 108 -18.65 -36.69 -10.93
CA ALA B 108 -18.15 -37.44 -12.09
C ALA B 108 -17.83 -38.91 -11.75
N GLN B 109 -18.08 -39.27 -10.49
CA GLN B 109 -17.74 -40.60 -9.98
C GLN B 109 -18.18 -41.72 -10.92
N GLY B 110 -17.22 -42.55 -11.35
CA GLY B 110 -17.51 -43.64 -12.26
C GLY B 110 -17.64 -43.20 -13.71
N GLY B 111 -17.37 -41.93 -14.00
CA GLY B 111 -17.48 -41.44 -15.36
C GLY B 111 -16.31 -40.57 -15.81
N THR B 112 -16.63 -39.44 -16.41
CA THR B 112 -15.61 -38.58 -16.97
C THR B 112 -15.82 -37.13 -16.57
N ILE B 113 -14.74 -36.47 -16.21
CA ILE B 113 -14.79 -35.02 -16.03
C ILE B 113 -14.01 -34.32 -17.17
N LEU B 114 -14.59 -33.25 -17.71
CA LEU B 114 -13.93 -32.40 -18.69
C LEU B 114 -13.49 -31.09 -18.07
N LEU B 115 -12.19 -30.88 -18.05
CA LEU B 115 -11.63 -29.68 -17.52
C LEU B 115 -11.26 -28.78 -18.68
N ASP B 116 -12.22 -28.01 -19.14
CA ASP B 116 -12.07 -27.17 -20.28
C ASP B 116 -11.23 -25.99 -19.93
N GLU B 117 -10.33 -25.62 -20.83
CA GLU B 117 -9.48 -24.48 -20.65
C GLU B 117 -8.66 -24.49 -19.37
N ILE B 118 -7.89 -25.53 -19.19
CA ILE B 118 -7.19 -25.78 -17.96
C ILE B 118 -5.97 -24.92 -17.72
N SER B 119 -5.47 -24.26 -18.73
CA SER B 119 -4.31 -23.42 -18.55
C SER B 119 -4.61 -22.21 -17.71
N GLU B 120 -5.85 -22.06 -17.32
CA GLU B 120 -6.27 -20.89 -16.56
C GLU B 120 -6.17 -21.06 -15.04
N MET B 121 -5.97 -22.27 -14.55
CA MET B 121 -5.82 -22.43 -13.11
C MET B 121 -4.56 -21.74 -12.61
N ASP B 122 -4.65 -21.07 -11.47
CA ASP B 122 -3.45 -20.55 -10.82
C ASP B 122 -2.61 -21.72 -10.28
N LEU B 123 -1.34 -21.44 -9.99
CA LEU B 123 -0.41 -22.48 -9.52
C LEU B 123 -0.91 -23.22 -8.26
N ASN B 124 -1.48 -22.50 -7.29
CA ASN B 124 -1.98 -23.18 -6.10
C ASN B 124 -3.05 -24.23 -6.42
N LEU B 125 -3.92 -23.91 -7.37
CA LEU B 125 -4.97 -24.85 -7.78
C LEU B 125 -4.38 -26.04 -8.51
N GLN B 126 -3.35 -25.78 -9.33
CA GLN B 126 -2.64 -26.85 -10.04
C GLN B 126 -2.02 -27.89 -9.12
N ALA B 127 -1.39 -27.42 -8.03
CA ALA B 127 -0.86 -28.33 -7.03
C ALA B 127 -1.98 -29.19 -6.44
N LYS B 128 -3.16 -28.61 -6.27
CA LYS B 128 -4.26 -29.38 -5.69
C LYS B 128 -4.76 -30.39 -6.73
N LEU B 129 -4.85 -29.97 -7.99
CA LEU B 129 -5.26 -30.90 -9.03
C LEU B 129 -4.25 -32.04 -9.15
N LEU B 130 -2.97 -31.72 -8.99
CA LEU B 130 -1.96 -32.75 -9.12
C LEU B 130 -2.13 -33.82 -8.05
N ARG B 131 -2.42 -33.40 -6.82
CA ARG B 131 -2.59 -34.35 -5.74
CA ARG B 131 -2.57 -34.35 -5.75
C ARG B 131 -3.82 -35.21 -5.96
N VAL B 132 -4.86 -34.60 -6.53
CA VAL B 132 -6.05 -35.36 -6.90
C VAL B 132 -5.67 -36.46 -7.91
N LEU B 133 -4.89 -36.10 -8.93
CA LEU B 133 -4.52 -37.04 -9.98
C LEU B 133 -3.63 -38.17 -9.48
N GLN B 134 -2.66 -37.82 -8.64
CA GLN B 134 -1.72 -38.79 -8.10
C GLN B 134 -2.38 -39.72 -7.09
N GLU B 135 -3.19 -39.15 -6.20
CA GLU B 135 -3.76 -39.91 -5.09
C GLU B 135 -5.13 -40.49 -5.37
N ARG B 136 -5.74 -40.07 -6.48
CA ARG B 136 -7.09 -40.51 -6.84
C ARG B 136 -8.06 -40.27 -5.67
N GLU B 137 -7.85 -39.17 -4.96
CA GLU B 137 -8.71 -38.77 -3.85
C GLU B 137 -8.96 -37.26 -3.93
N VAL B 138 -10.04 -36.82 -3.31
CA VAL B 138 -10.35 -35.40 -3.28
C VAL B 138 -10.90 -35.02 -1.91
N GLU B 139 -10.50 -33.84 -1.43
CA GLU B 139 -11.04 -33.27 -0.22
C GLU B 139 -11.81 -32.01 -0.56
N ARG B 140 -12.94 -31.82 0.09
CA ARG B 140 -13.68 -30.58 -0.06
C ARG B 140 -12.98 -29.47 0.69
N LEU B 141 -13.20 -28.22 0.26
CA LEU B 141 -12.66 -27.07 0.96
C LEU B 141 -13.21 -27.02 2.40
N GLY B 142 -12.34 -26.75 3.37
CA GLY B 142 -12.75 -26.68 4.76
C GLY B 142 -12.99 -28.07 5.34
N SER B 143 -12.50 -29.09 4.67
CA SER B 143 -12.65 -30.45 5.16
C SER B 143 -11.31 -31.18 5.13
N ARG B 144 -11.13 -32.11 6.05
CA ARG B 144 -9.89 -32.89 6.08
C ARG B 144 -10.20 -34.34 5.75
N LYS B 145 -11.39 -34.56 5.22
CA LYS B 145 -11.83 -35.89 4.85
C LYS B 145 -11.60 -36.16 3.36
N SER B 146 -10.99 -37.30 3.08
CA SER B 146 -10.67 -37.71 1.72
C SER B 146 -11.77 -38.58 1.11
N ILE B 147 -12.08 -38.30 -0.14
CA ILE B 147 -13.09 -39.05 -0.87
C ILE B 147 -12.39 -39.75 -2.04
N LYS B 148 -12.46 -41.07 -2.05
CA LYS B 148 -11.85 -41.88 -3.10
C LYS B 148 -12.53 -41.59 -4.42
N LEU B 149 -11.73 -41.45 -5.48
CA LEU B 149 -12.28 -41.15 -6.79
C LEU B 149 -11.97 -42.21 -7.81
N ASP B 150 -12.97 -42.54 -8.63
CA ASP B 150 -12.77 -43.30 -9.86
C ASP B 150 -13.27 -42.48 -11.04
N VAL B 151 -12.45 -41.54 -11.52
CA VAL B 151 -12.86 -40.56 -12.53
C VAL B 151 -11.85 -40.44 -13.67
N ARG B 152 -12.34 -40.59 -14.90
CA ARG B 152 -11.50 -40.38 -16.08
C ARG B 152 -11.36 -38.89 -16.40
N VAL B 153 -10.14 -38.46 -16.71
CA VAL B 153 -9.90 -37.04 -16.92
C VAL B 153 -9.63 -36.67 -18.36
N LEU B 154 -10.34 -35.67 -18.80
CA LEU B 154 -10.13 -35.01 -20.06
C LEU B 154 -9.98 -33.52 -19.83
N ALA B 155 -9.21 -32.87 -20.67
CA ALA B 155 -8.89 -31.47 -20.52
C ALA B 155 -8.61 -30.81 -21.84
N THR B 156 -8.71 -29.50 -21.87
CA THR B 156 -8.37 -28.74 -23.04
C THR B 156 -7.54 -27.53 -22.70
N SER B 157 -6.87 -27.03 -23.71
CA SER B 157 -6.10 -25.84 -23.64
C SER B 157 -5.99 -25.28 -25.02
N ASN B 158 -6.00 -23.97 -25.10
CA ASN B 158 -5.79 -23.30 -26.34
C ASN B 158 -4.43 -22.66 -26.36
N ARG B 159 -3.68 -22.92 -25.32
CA ARG B 159 -2.31 -22.50 -25.22
C ARG B 159 -1.38 -23.67 -25.40
N ASP B 160 -0.15 -23.40 -25.79
CA ASP B 160 0.89 -24.44 -25.72
C ASP B 160 1.37 -24.55 -24.28
N LEU B 161 1.00 -25.64 -23.62
CA LEU B 161 1.29 -25.82 -22.21
C LEU B 161 2.79 -25.94 -21.91
N LYS B 162 3.55 -26.47 -22.85
CA LYS B 162 4.98 -26.60 -22.68
C LYS B 162 5.62 -25.22 -22.51
N GLN B 163 5.25 -24.28 -23.35
CA GLN B 163 5.78 -22.92 -23.23
C GLN B 163 5.32 -22.33 -21.90
N TYR B 164 4.07 -22.59 -21.55
CA TYR B 164 3.49 -22.09 -20.31
C TYR B 164 4.25 -22.62 -19.09
N VAL B 165 4.75 -23.85 -19.19
CA VAL B 165 5.64 -24.42 -18.19
C VAL B 165 6.94 -23.63 -18.11
N GLN B 166 7.55 -23.40 -19.26
CA GLN B 166 8.83 -22.74 -19.30
C GLN B 166 8.73 -21.27 -18.87
N ALA B 167 7.55 -20.68 -19.05
CA ALA B 167 7.28 -19.33 -18.56
C ALA B 167 6.99 -19.31 -17.04
N GLY B 168 6.97 -20.49 -16.42
CA GLY B 168 6.81 -20.61 -14.98
C GLY B 168 5.37 -20.48 -14.49
N HIS B 169 4.42 -20.53 -15.43
CA HIS B 169 3.00 -20.34 -15.12
C HIS B 169 2.26 -21.66 -14.95
N PHE B 170 2.93 -22.77 -15.24
CA PHE B 170 2.29 -24.08 -15.19
C PHE B 170 3.26 -25.13 -14.66
N ARG B 171 2.77 -26.00 -13.77
CA ARG B 171 3.62 -27.00 -13.13
C ARG B 171 4.05 -28.04 -14.14
N GLU B 172 5.30 -28.45 -14.06
CA GLU B 172 5.87 -29.39 -15.00
C GLU B 172 5.35 -30.81 -14.72
N ASP B 173 5.29 -31.21 -13.46
CA ASP B 173 4.78 -32.54 -13.16
C ASP B 173 3.31 -32.66 -13.62
N LEU B 174 2.51 -31.64 -13.34
CA LEU B 174 1.12 -31.65 -13.79
C LEU B 174 1.07 -31.73 -15.33
N TYR B 175 1.90 -30.94 -16.00
CA TYR B 175 2.04 -31.00 -17.46
C TYR B 175 2.25 -32.43 -17.97
N TYR B 176 3.22 -33.12 -17.40
CA TYR B 176 3.49 -34.47 -17.86
C TYR B 176 2.30 -35.40 -17.61
N ARG B 177 1.62 -35.26 -16.48
CA ARG B 177 0.47 -36.12 -16.21
C ARG B 177 -0.70 -35.83 -17.15
N LEU B 178 -0.86 -34.57 -17.54
CA LEU B 178 -2.00 -34.19 -18.38
C LEU B 178 -1.74 -34.43 -19.86
N ASN B 179 -0.48 -34.64 -20.23
CA ASN B 179 -0.12 -34.75 -21.64
C ASN B 179 0.47 -36.11 -22.06
N VAL B 180 -0.10 -37.20 -21.55
CA VAL B 180 0.31 -38.50 -22.02
C VAL B 180 -0.11 -38.60 -23.47
N PHE B 181 -1.28 -38.04 -23.77
CA PHE B 181 -1.88 -38.24 -25.07
C PHE B 181 -2.55 -36.99 -25.61
N PRO B 182 -1.75 -35.98 -25.99
CA PRO B 182 -2.36 -34.78 -26.59
C PRO B 182 -2.88 -35.01 -28.03
N LEU B 183 -4.08 -34.49 -28.28
CA LEU B 183 -4.67 -34.42 -29.61
C LEU B 183 -4.89 -32.96 -29.97
N THR B 184 -4.26 -32.51 -31.05
CA THR B 184 -4.40 -31.13 -31.46
C THR B 184 -5.49 -31.03 -32.54
N TRP B 185 -6.55 -30.35 -32.18
CA TRP B 185 -7.69 -30.11 -33.07
C TRP B 185 -7.39 -28.83 -33.85
N PRO B 186 -7.14 -28.94 -35.16
CA PRO B 186 -6.63 -27.76 -35.88
C PRO B 186 -7.68 -26.68 -36.15
N ALA B 187 -7.21 -25.51 -36.57
CA ALA B 187 -8.09 -24.42 -36.98
C ALA B 187 -8.92 -24.82 -38.19
N LEU B 188 -10.05 -24.16 -38.38
CA LEU B 188 -10.98 -24.52 -39.45
C LEU B 188 -10.35 -24.44 -40.85
N CYS B 189 -9.56 -23.40 -41.08
CA CYS B 189 -8.88 -23.20 -42.36
C CYS B 189 -7.86 -24.31 -42.68
N GLU B 190 -7.61 -25.20 -41.75
CA GLU B 190 -6.65 -26.28 -41.93
C GLU B 190 -7.35 -27.61 -42.21
N ARG B 191 -8.67 -27.61 -42.02
CA ARG B 191 -9.48 -28.78 -42.36
C ARG B 191 -10.70 -28.34 -43.17
N LYS B 192 -10.42 -27.68 -44.30
CA LYS B 192 -11.46 -27.04 -45.11
C LYS B 192 -12.56 -28.02 -45.52
N ASP B 193 -12.21 -29.30 -45.61
CA ASP B 193 -13.18 -30.34 -45.90
C ASP B 193 -14.23 -30.54 -44.80
N ASP B 194 -14.00 -29.95 -43.63
CA ASP B 194 -14.98 -30.05 -42.52
C ASP B 194 -16.01 -28.95 -42.55
N ILE B 195 -15.74 -27.92 -43.35
CA ILE B 195 -16.56 -26.73 -43.29
C ILE B 195 -18.00 -27.01 -43.75
N GLU B 196 -18.16 -27.52 -44.96
CA GLU B 196 -19.52 -27.75 -45.47
C GLU B 196 -20.37 -28.74 -44.66
N PRO B 197 -19.81 -29.90 -44.27
CA PRO B 197 -20.67 -30.78 -43.47
C PRO B 197 -21.02 -30.16 -42.12
N LEU B 198 -20.13 -29.31 -41.62
CA LEU B 198 -20.36 -28.57 -40.39
C LEU B 198 -21.46 -27.53 -40.59
N ALA B 199 -21.39 -26.83 -41.71
CA ALA B 199 -22.38 -25.80 -42.02
C ALA B 199 -23.76 -26.41 -42.17
N ASN B 200 -23.82 -27.52 -42.91
CA ASN B 200 -25.07 -28.25 -43.07
C ASN B 200 -25.60 -28.72 -41.72
N HIS B 201 -24.69 -29.27 -40.92
CA HIS B 201 -25.01 -29.79 -39.61
C HIS B 201 -25.69 -28.77 -38.69
N LEU B 202 -25.11 -27.59 -38.55
CA LEU B 202 -25.71 -26.65 -37.64
C LEU B 202 -26.85 -25.89 -38.25
N ILE B 203 -27.00 -25.97 -39.56
CA ILE B 203 -28.25 -25.50 -40.14
C ILE B 203 -29.36 -26.38 -39.60
N GLU B 204 -29.16 -27.68 -39.78
CA GLU B 204 -30.11 -28.70 -39.36
C GLU B 204 -30.59 -28.54 -37.92
N ARG B 205 -29.66 -28.29 -37.00
CA ARG B 205 -30.02 -28.22 -35.59
C ARG B 205 -30.56 -26.84 -35.16
N HIS B 206 -30.28 -25.81 -35.95
CA HIS B 206 -30.92 -24.50 -35.73
C HIS B 206 -32.13 -24.42 -36.66
N CYS B 207 -32.80 -25.55 -36.80
CA CYS B 207 -33.95 -25.71 -37.69
C CYS B 207 -34.85 -26.75 -37.06
N LYS B 208 -34.24 -27.84 -36.59
CA LYS B 208 -34.92 -28.87 -35.84
C LYS B 208 -35.33 -28.32 -34.48
N LYS B 209 -34.56 -27.34 -34.02
CA LYS B 209 -34.84 -26.65 -32.76
C LYS B 209 -36.10 -25.80 -32.88
N LEU B 210 -36.60 -25.63 -34.10
CA LEU B 210 -37.76 -24.78 -34.35
C LEU B 210 -38.82 -25.45 -35.23
N GLY B 211 -38.53 -26.67 -35.68
CA GLY B 211 -39.48 -27.46 -36.45
C GLY B 211 -39.91 -26.86 -37.78
N LEU B 212 -39.06 -26.99 -38.80
CA LEU B 212 -39.35 -26.50 -40.15
C LEU B 212 -38.37 -27.09 -41.15
N PRO B 213 -38.78 -27.21 -42.42
CA PRO B 213 -37.94 -27.87 -43.44
C PRO B 213 -36.56 -27.23 -43.63
N VAL B 214 -35.52 -28.06 -43.68
CA VAL B 214 -34.16 -27.55 -43.83
C VAL B 214 -33.92 -27.07 -45.26
N PRO B 215 -33.44 -25.81 -45.39
CA PRO B 215 -33.21 -25.18 -46.69
C PRO B 215 -31.90 -25.60 -47.37
N SER B 216 -31.80 -25.27 -48.64
CA SER B 216 -30.60 -25.57 -49.41
C SER B 216 -29.56 -24.47 -49.25
N ILE B 217 -28.31 -24.80 -49.58
CA ILE B 217 -27.20 -23.84 -49.58
C ILE B 217 -26.65 -23.69 -50.98
N ALA B 218 -26.83 -22.52 -51.58
CA ALA B 218 -26.35 -22.26 -52.94
C ALA B 218 -24.88 -22.64 -53.10
N PRO B 219 -24.57 -23.34 -54.20
CA PRO B 219 -23.20 -23.73 -54.55
C PRO B 219 -22.22 -22.60 -54.34
N ASN B 220 -22.59 -21.40 -54.78
CA ASN B 220 -21.71 -20.25 -54.67
C ASN B 220 -21.52 -19.80 -53.23
N ALA B 221 -22.56 -19.95 -52.41
CA ALA B 221 -22.46 -19.66 -50.99
C ALA B 221 -21.47 -20.64 -50.34
N ILE B 222 -21.56 -21.90 -50.74
CA ILE B 222 -20.59 -22.89 -50.32
C ILE B 222 -19.17 -22.40 -50.59
N THR B 223 -18.90 -22.05 -51.83
CA THR B 223 -17.55 -21.63 -52.21
C THR B 223 -17.17 -20.36 -51.45
N LYS B 224 -18.16 -19.55 -51.11
CA LYS B 224 -17.91 -18.38 -50.29
C LYS B 224 -17.45 -18.83 -48.90
N LEU B 225 -18.13 -19.83 -48.35
CA LEU B 225 -17.78 -20.36 -47.02
C LEU B 225 -16.39 -21.02 -46.99
N LEU B 226 -16.05 -21.76 -48.05
CA LEU B 226 -14.79 -22.49 -48.10
C LEU B 226 -13.58 -21.59 -48.32
N ASN B 227 -13.78 -20.38 -48.83
CA ASN B 227 -12.64 -19.51 -49.15
C ASN B 227 -12.40 -18.39 -48.16
N TYR B 228 -12.92 -18.54 -46.96
CA TYR B 228 -12.73 -17.57 -45.91
C TYR B 228 -11.89 -18.27 -44.87
N PRO B 229 -10.91 -17.56 -44.27
CA PRO B 229 -9.93 -18.17 -43.35
C PRO B 229 -10.50 -18.53 -41.97
N TRP B 230 -11.67 -18.02 -41.63
CA TRP B 230 -12.29 -18.26 -40.33
C TRP B 230 -11.37 -18.06 -39.12
N PRO B 231 -10.94 -16.81 -38.89
CA PRO B 231 -10.15 -16.49 -37.69
C PRO B 231 -10.84 -16.89 -36.38
N GLY B 232 -12.17 -16.89 -36.37
CA GLY B 232 -12.91 -17.32 -35.20
C GLY B 232 -13.36 -18.75 -35.28
N ASN B 233 -12.82 -19.51 -36.25
CA ASN B 233 -13.16 -20.91 -36.45
C ASN B 233 -14.68 -21.22 -36.35
N VAL B 234 -15.03 -22.28 -35.62
CA VAL B 234 -16.42 -22.74 -35.56
C VAL B 234 -17.39 -21.75 -34.89
N ARG B 235 -16.90 -21.04 -33.89
CA ARG B 235 -17.73 -20.03 -33.25
C ARG B 235 -18.19 -19.01 -34.32
N GLU B 236 -17.24 -18.54 -35.12
CA GLU B 236 -17.52 -17.62 -36.23
C GLU B 236 -18.47 -18.24 -37.26
N LEU B 237 -18.19 -19.46 -37.68
CA LEU B 237 -19.02 -20.14 -38.65
C LEU B 237 -20.46 -20.22 -38.15
N ASP B 238 -20.64 -20.58 -36.88
CA ASP B 238 -21.96 -20.65 -36.28
C ASP B 238 -22.72 -19.33 -36.39
N ASN B 239 -22.02 -18.23 -36.17
CA ASN B 239 -22.64 -16.92 -36.33
C ASN B 239 -23.08 -16.68 -37.77
N VAL B 240 -22.18 -16.97 -38.71
CA VAL B 240 -22.44 -16.68 -40.11
C VAL B 240 -23.67 -17.42 -40.57
N VAL B 241 -23.81 -18.66 -40.13
CA VAL B 241 -24.90 -19.52 -40.57
C VAL B 241 -26.22 -19.12 -39.92
N GLN B 242 -26.17 -18.83 -38.62
CA GLN B 242 -27.37 -18.34 -37.94
C GLN B 242 -27.84 -17.05 -38.59
N ARG B 243 -26.90 -16.13 -38.84
CA ARG B 243 -27.20 -14.89 -39.53
C ARG B 243 -27.82 -15.16 -40.90
N ALA B 244 -27.29 -16.17 -41.60
CA ALA B 244 -27.80 -16.54 -42.91
C ALA B 244 -29.25 -16.97 -42.84
N LEU B 245 -29.57 -17.77 -41.83
CA LEU B 245 -30.93 -18.20 -41.57
C LEU B 245 -31.88 -17.04 -41.30
N ILE B 246 -31.41 -16.01 -40.61
CA ILE B 246 -32.26 -14.84 -40.33
C ILE B 246 -32.55 -14.09 -41.62
N LEU B 247 -31.51 -13.90 -42.43
CA LEU B 247 -31.64 -13.24 -43.73
C LEU B 247 -32.41 -14.16 -44.67
N SER B 248 -32.56 -15.42 -44.25
CA SER B 248 -33.73 -16.31 -44.50
C SER B 248 -33.44 -17.60 -45.27
N GLU B 249 -34.48 -18.46 -45.32
CA GLU B 249 -34.34 -19.91 -45.42
C GLU B 249 -34.04 -20.49 -46.80
N ASN B 250 -32.82 -20.24 -47.25
CA ASN B 250 -32.28 -20.73 -48.52
C ASN B 250 -31.00 -19.98 -48.80
N GLY B 251 -29.90 -20.47 -48.22
CA GLY B 251 -28.62 -19.80 -48.31
C GLY B 251 -28.21 -19.44 -49.73
N HIS B 252 -28.06 -18.14 -49.99
CA HIS B 252 -27.51 -17.66 -51.25
C HIS B 252 -26.25 -16.81 -51.04
N ILE B 253 -26.42 -15.71 -50.32
CA ILE B 253 -25.29 -14.90 -49.90
C ILE B 253 -25.63 -14.27 -48.56
N GLN B 254 -24.92 -14.77 -47.55
CA GLN B 254 -24.89 -14.19 -46.24
C GLN B 254 -23.44 -14.34 -45.78
N SER B 255 -22.94 -13.39 -44.97
CA SER B 255 -21.51 -13.12 -45.02
C SER B 255 -20.85 -12.46 -43.80
N GLU B 256 -19.58 -12.08 -43.96
CA GLU B 256 -18.68 -11.81 -42.83
C GLU B 256 -17.69 -10.66 -42.98
N HIS B 257 -17.87 -9.84 -44.02
CA HIS B 257 -17.29 -8.49 -44.06
C HIS B 257 -17.87 -7.71 -45.24
N ILE B 258 -18.83 -6.83 -44.94
CA ILE B 258 -19.54 -6.02 -45.93
C ILE B 258 -18.59 -5.21 -46.84
N LEU B 259 -17.45 -4.82 -46.29
CA LEU B 259 -16.45 -4.05 -47.04
C LEU B 259 -15.92 -4.85 -48.24
N MET C 17 16.97 -48.62 -7.28
CA MET C 17 16.46 -49.87 -7.82
C MET C 17 16.53 -49.87 -9.36
N VAL C 18 16.58 -51.08 -9.93
CA VAL C 18 16.63 -51.34 -11.38
C VAL C 18 17.57 -50.40 -12.18
N VAL C 19 18.87 -50.64 -12.06
CA VAL C 19 19.88 -49.82 -12.74
C VAL C 19 20.94 -50.65 -13.45
N ALA C 20 21.69 -50.01 -14.35
CA ALA C 20 22.72 -50.73 -15.10
C ALA C 20 23.98 -49.89 -15.38
N ASP C 21 23.82 -48.58 -15.61
CA ASP C 21 24.97 -47.73 -15.89
C ASP C 21 25.94 -47.77 -14.73
N THR C 22 27.22 -47.95 -15.05
CA THR C 22 28.26 -48.06 -14.04
C THR C 22 28.27 -46.82 -13.15
N LYS C 23 27.98 -45.67 -13.75
CA LYS C 23 27.84 -44.41 -13.03
C LYS C 23 26.81 -44.56 -11.92
N SER C 24 25.67 -45.14 -12.27
CA SER C 24 24.58 -45.38 -11.31
C SER C 24 24.98 -46.40 -10.24
N LEU C 25 25.66 -47.44 -10.67
CA LEU C 25 26.08 -48.49 -9.75
C LEU C 25 27.06 -47.96 -8.71
N LYS C 26 27.89 -47.00 -9.11
CA LYS C 26 28.83 -46.43 -8.16
C LYS C 26 28.06 -45.58 -7.14
N LEU C 27 27.07 -44.84 -7.62
CA LEU C 27 26.24 -44.06 -6.72
C LEU C 27 25.56 -44.96 -5.70
N LEU C 28 24.97 -46.05 -6.18
CA LEU C 28 24.30 -47.00 -5.30
C LEU C 28 25.23 -47.61 -4.25
N ALA C 29 26.47 -47.89 -4.65
CA ALA C 29 27.46 -48.43 -3.72
C ALA C 29 27.88 -47.36 -2.70
N LEU C 30 27.91 -46.11 -3.15
CA LEU C 30 28.15 -44.98 -2.27
C LEU C 30 27.00 -44.89 -1.26
N ALA C 31 25.79 -45.16 -1.74
CA ALA C 31 24.59 -45.03 -0.91
C ALA C 31 24.62 -46.11 0.16
N ASP C 32 25.13 -47.28 -0.20
CA ASP C 32 25.20 -48.38 0.74
C ASP C 32 26.13 -48.06 1.88
N LYS C 33 27.17 -47.29 1.61
CA LYS C 33 28.05 -46.88 2.69
C LYS C 33 27.34 -45.93 3.65
N VAL C 34 26.59 -44.95 3.14
CA VAL C 34 25.91 -44.03 4.05
C VAL C 34 24.75 -44.64 4.77
N ALA C 35 24.02 -45.51 4.08
CA ALA C 35 22.79 -46.09 4.65
C ALA C 35 23.09 -46.77 5.97
N LYS C 36 24.31 -47.29 6.11
CA LYS C 36 24.64 -48.03 7.32
C LYS C 36 24.81 -47.06 8.48
N THR C 37 25.01 -45.79 8.15
CA THR C 37 25.19 -44.76 9.17
C THR C 37 23.92 -43.98 9.43
N ASP C 38 24.01 -42.99 10.33
CA ASP C 38 22.86 -42.15 10.65
C ASP C 38 22.96 -40.73 10.05
N ALA C 39 23.88 -40.53 9.12
CA ALA C 39 24.11 -39.23 8.48
C ALA C 39 22.94 -38.74 7.63
N ASN C 40 22.78 -37.43 7.58
CA ASN C 40 21.86 -36.81 6.66
C ASN C 40 22.36 -36.96 5.28
N VAL C 41 21.49 -37.25 4.34
CA VAL C 41 21.88 -37.40 2.97
C VAL C 41 21.17 -36.43 2.06
N MET C 42 21.92 -35.73 1.22
CA MET C 42 21.34 -34.86 0.23
C MET C 42 21.47 -35.44 -1.16
N ILE C 43 20.37 -35.49 -1.89
CA ILE C 43 20.41 -36.08 -3.19
C ILE C 43 20.16 -35.03 -4.24
N LEU C 44 21.17 -34.79 -5.06
CA LEU C 44 21.11 -33.74 -6.05
C LEU C 44 20.74 -34.32 -7.38
N GLY C 45 20.56 -33.48 -8.37
CA GLY C 45 20.12 -33.98 -9.66
C GLY C 45 18.77 -33.38 -10.02
N PRO C 46 18.36 -33.52 -11.28
CA PRO C 46 17.14 -32.83 -11.71
C PRO C 46 15.90 -33.46 -11.07
N SER C 47 14.81 -32.70 -10.99
CA SER C 47 13.56 -33.25 -10.48
C SER C 47 13.05 -34.32 -11.44
N GLY C 48 12.21 -35.21 -10.93
CA GLY C 48 11.61 -36.26 -11.75
C GLY C 48 12.66 -37.07 -12.49
N SER C 49 13.72 -37.44 -11.78
CA SER C 49 14.82 -38.20 -12.36
C SER C 49 15.08 -39.46 -11.56
N GLY C 50 14.19 -39.77 -10.62
CA GLY C 50 14.25 -41.03 -9.90
C GLY C 50 14.77 -41.03 -8.47
N LYS C 51 14.97 -39.85 -7.88
CA LYS C 51 15.52 -39.75 -6.52
C LYS C 51 14.71 -40.51 -5.49
N GLU C 52 13.42 -40.64 -5.74
CA GLU C 52 12.52 -41.17 -4.76
C GLU C 52 12.94 -42.52 -4.28
N VAL C 53 13.44 -43.33 -5.17
CA VAL C 53 13.75 -44.70 -4.85
C VAL C 53 15.13 -44.83 -4.22
N MET C 54 16.05 -43.97 -4.64
CA MET C 54 17.38 -43.88 -4.05
C MET C 54 17.28 -43.59 -2.54
N SER C 55 16.35 -42.71 -2.16
CA SER C 55 16.03 -42.45 -0.75
C SER C 55 15.47 -43.71 -0.10
N ARG C 56 14.53 -44.32 -0.80
CA ARG C 56 13.90 -45.54 -0.36
C ARG C 56 14.92 -46.65 -0.26
N TYR C 57 15.79 -46.72 -1.24
CA TYR C 57 16.88 -47.64 -1.20
C TYR C 57 17.65 -47.45 0.07
N ILE C 58 18.13 -46.24 0.31
CA ILE C 58 18.92 -45.91 1.48
C ILE C 58 18.26 -46.39 2.79
N HIS C 59 16.95 -46.19 2.90
CA HIS C 59 16.24 -46.57 4.12
C HIS C 59 16.25 -48.09 4.27
N ASN C 60 16.04 -48.79 3.17
CA ASN C 60 16.01 -50.25 3.20
C ASN C 60 17.37 -50.85 3.52
N ALA C 61 18.44 -50.15 3.18
CA ALA C 61 19.78 -50.64 3.44
C ALA C 61 20.28 -50.20 4.80
N SER C 62 19.49 -49.37 5.47
CA SER C 62 19.83 -48.84 6.78
C SER C 62 19.32 -49.75 7.88
N PRO C 63 19.87 -49.61 9.09
CA PRO C 63 19.37 -50.34 10.26
C PRO C 63 17.93 -49.98 10.63
N ARG C 64 17.39 -48.93 10.01
CA ARG C 64 16.03 -48.46 10.30
C ARG C 64 15.02 -49.01 9.32
N LYS C 65 15.46 -49.93 8.47
CA LYS C 65 14.63 -50.45 7.39
C LYS C 65 13.24 -50.87 7.86
N GLU C 66 13.12 -51.37 9.09
CA GLU C 66 11.81 -51.76 9.63
C GLU C 66 10.99 -50.59 10.13
N GLY C 67 11.64 -49.44 10.29
CA GLY C 67 10.97 -48.24 10.75
C GLY C 67 10.15 -47.56 9.68
N PRO C 68 9.44 -46.47 10.04
CA PRO C 68 8.64 -45.69 9.10
C PRO C 68 9.47 -45.02 8.03
N PHE C 69 8.97 -44.98 6.82
CA PHE C 69 9.51 -44.16 5.76
C PHE C 69 8.48 -43.12 5.41
N ILE C 70 8.81 -41.88 5.66
CA ILE C 70 7.89 -40.78 5.48
C ILE C 70 8.44 -39.77 4.48
N ALA C 71 7.70 -39.52 3.41
CA ALA C 71 8.20 -38.60 2.38
C ALA C 71 7.27 -37.40 2.22
N ILE C 72 7.84 -36.23 2.04
CA ILE C 72 7.06 -35.03 1.79
C ILE C 72 7.67 -34.19 0.64
N ASN C 73 6.83 -33.75 -0.29
CA ASN C 73 7.33 -32.87 -1.34
C ASN C 73 7.09 -31.40 -1.03
N CYS C 74 8.14 -30.74 -0.55
CA CYS C 74 8.15 -29.32 -0.22
C CYS C 74 7.72 -28.36 -1.34
N ALA C 75 7.69 -28.83 -2.58
CA ALA C 75 7.32 -27.98 -3.70
C ALA C 75 5.89 -28.23 -4.14
N ALA C 76 5.16 -29.07 -3.41
CA ALA C 76 3.84 -29.46 -3.88
C ALA C 76 2.73 -29.43 -2.80
N ILE C 77 3.00 -28.82 -1.65
CA ILE C 77 1.97 -28.68 -0.62
C ILE C 77 1.21 -27.39 -0.80
N PRO C 78 -0.08 -27.48 -1.15
CA PRO C 78 -0.93 -26.30 -1.38
C PRO C 78 -1.17 -25.45 -0.12
N ASP C 79 -1.74 -24.27 -0.35
CA ASP C 79 -2.31 -23.45 0.71
C ASP C 79 -1.31 -23.05 1.78
N ASN C 80 -0.02 -23.02 1.42
CA ASN C 80 1.03 -22.61 2.35
C ASN C 80 1.09 -23.52 3.58
N MET C 81 0.72 -24.79 3.39
CA MET C 81 0.57 -25.71 4.51
C MET C 81 1.82 -26.50 4.84
N LEU C 82 2.90 -26.23 4.12
CA LEU C 82 4.15 -26.97 4.27
C LEU C 82 4.62 -27.03 5.72
N GLU C 83 4.65 -25.88 6.37
CA GLU C 83 5.13 -25.78 7.74
C GLU C 83 4.20 -26.52 8.69
N ALA C 84 2.92 -26.35 8.47
CA ALA C 84 1.93 -27.06 9.27
C ALA C 84 2.09 -28.57 9.16
N THR C 85 2.30 -29.11 7.95
CA THR C 85 2.37 -30.57 7.88
C THR C 85 3.71 -31.09 8.39
N LEU C 86 4.77 -30.29 8.28
CA LEU C 86 6.06 -30.72 8.79
C LEU C 86 6.03 -30.85 10.30
N PHE C 87 5.62 -29.77 10.96
CA PHE C 87 5.73 -29.66 12.41
C PHE C 87 4.45 -30.05 13.15
N GLY C 88 3.35 -30.18 12.43
CA GLY C 88 2.07 -30.41 13.07
C GLY C 88 1.60 -29.14 13.76
N TYR C 89 0.45 -29.21 14.40
CA TYR C 89 -0.10 -28.03 15.05
C TYR C 89 -1.13 -28.42 16.09
N GLU C 90 -1.41 -27.49 16.99
CA GLU C 90 -2.51 -27.60 17.94
C GLU C 90 -3.72 -26.84 17.40
N LYS C 91 -4.89 -27.27 17.83
CA LYS C 91 -6.13 -26.62 17.44
C LYS C 91 -6.00 -25.12 17.65
N GLY C 92 -6.33 -24.34 16.64
CA GLY C 92 -6.20 -22.90 16.71
C GLY C 92 -4.79 -22.33 16.58
N ALA C 93 -3.86 -23.08 15.97
CA ALA C 93 -2.50 -22.56 15.74
C ALA C 93 -2.49 -21.47 14.66
N PHE C 94 -3.45 -21.56 13.76
CA PHE C 94 -3.63 -20.61 12.67
C PHE C 94 -5.09 -20.73 12.29
N THR C 95 -5.59 -19.81 11.46
CA THR C 95 -6.97 -19.90 11.02
C THR C 95 -7.10 -21.12 10.09
N GLY C 96 -8.09 -21.97 10.39
CA GLY C 96 -8.24 -23.23 9.69
C GLY C 96 -7.77 -24.45 10.48
N ALA C 97 -7.04 -24.21 11.57
CA ALA C 97 -6.57 -25.28 12.45
C ALA C 97 -7.64 -25.67 13.45
N VAL C 98 -8.58 -26.50 13.03
CA VAL C 98 -9.71 -26.83 13.87
C VAL C 98 -9.47 -28.10 14.67
N GLN C 99 -8.25 -28.60 14.62
CA GLN C 99 -7.90 -29.81 15.32
C GLN C 99 -6.40 -29.85 15.58
N ALA C 100 -5.99 -30.71 16.50
CA ALA C 100 -4.58 -31.01 16.66
C ALA C 100 -4.16 -31.96 15.56
N CYS C 101 -2.92 -31.86 15.12
CA CYS C 101 -2.47 -32.72 14.03
C CYS C 101 -0.98 -33.03 14.12
N PRO C 102 -0.62 -34.33 14.10
CA PRO C 102 0.79 -34.72 14.17
C PRO C 102 1.52 -34.27 12.91
N GLY C 103 2.78 -33.87 13.05
CA GLY C 103 3.60 -33.52 11.91
C GLY C 103 4.28 -34.72 11.27
N LYS C 104 5.05 -34.48 10.22
CA LYS C 104 5.69 -35.57 9.50
C LYS C 104 6.84 -36.16 10.31
N PHE C 105 7.48 -35.33 11.12
CA PHE C 105 8.60 -35.84 11.93
C PHE C 105 8.11 -36.84 12.98
N GLU C 106 7.00 -36.53 13.65
CA GLU C 106 6.42 -37.44 14.64
C GLU C 106 6.10 -38.78 14.00
N GLN C 107 5.65 -38.72 12.74
CA GLN C 107 5.21 -39.91 12.03
C GLN C 107 6.38 -40.78 11.58
N ALA C 108 7.57 -40.18 11.59
CA ALA C 108 8.79 -40.85 11.14
C ALA C 108 9.62 -41.39 12.30
N GLN C 109 9.11 -41.20 13.50
CA GLN C 109 9.80 -41.63 14.73
C GLN C 109 10.35 -43.04 14.60
N GLY C 110 11.67 -43.19 14.73
CA GLY C 110 12.33 -44.48 14.63
C GLY C 110 12.62 -44.92 13.19
N GLY C 111 12.35 -44.03 12.25
CA GLY C 111 12.60 -44.33 10.85
C GLY C 111 13.24 -43.16 10.13
N THR C 112 12.70 -42.86 8.96
CA THR C 112 13.33 -41.93 8.05
C THR C 112 12.32 -40.94 7.50
N ILE C 113 12.72 -39.68 7.37
CA ILE C 113 11.91 -38.71 6.67
C ILE C 113 12.64 -38.22 5.43
N LEU C 114 11.90 -38.10 4.34
CA LEU C 114 12.41 -37.58 3.08
C LEU C 114 11.82 -36.19 2.81
N LEU C 115 12.67 -35.19 2.78
CA LEU C 115 12.25 -33.87 2.42
C LEU C 115 12.65 -33.57 0.99
N ASP C 116 11.77 -33.91 0.08
CA ASP C 116 12.02 -33.68 -1.31
C ASP C 116 11.90 -32.22 -1.63
N GLU C 117 12.83 -31.72 -2.42
CA GLU C 117 12.82 -30.36 -2.87
C GLU C 117 12.96 -29.34 -1.73
N ILE C 118 13.97 -29.53 -0.92
CA ILE C 118 14.16 -28.76 0.27
C ILE C 118 14.45 -27.31 -0.04
N SER C 119 14.96 -27.03 -1.21
CA SER C 119 15.31 -25.66 -1.58
C SER C 119 14.08 -24.77 -1.68
N GLU C 120 12.90 -25.34 -1.53
CA GLU C 120 11.65 -24.59 -1.65
C GLU C 120 11.18 -24.02 -0.30
N MET C 121 11.91 -24.29 0.78
CA MET C 121 11.54 -23.73 2.07
C MET C 121 11.91 -22.26 2.13
N ASP C 122 11.02 -21.43 2.65
CA ASP C 122 11.40 -20.04 2.94
C ASP C 122 12.42 -20.05 4.10
N LEU C 123 13.11 -18.94 4.27
CA LEU C 123 14.18 -18.82 5.25
C LEU C 123 13.72 -19.08 6.69
N ASN C 124 12.52 -18.65 7.04
CA ASN C 124 12.06 -18.86 8.40
C ASN C 124 11.80 -20.35 8.66
N LEU C 125 11.23 -21.03 7.69
CA LEU C 125 11.04 -22.46 7.79
C LEU C 125 12.40 -23.15 7.94
N GLN C 126 13.39 -22.68 7.18
CA GLN C 126 14.74 -23.25 7.27
C GLN C 126 15.31 -23.11 8.67
N ALA C 127 15.12 -21.94 9.29
CA ALA C 127 15.61 -21.73 10.65
C ALA C 127 14.95 -22.73 11.62
N LYS C 128 13.70 -23.06 11.39
CA LYS C 128 13.04 -24.02 12.22
C LYS C 128 13.54 -25.43 11.99
N LEU C 129 13.88 -25.76 10.75
CA LEU C 129 14.36 -27.09 10.45
C LEU C 129 15.76 -27.24 11.04
N LEU C 130 16.49 -26.13 11.05
CA LEU C 130 17.84 -26.16 11.56
C LEU C 130 17.79 -26.54 13.04
N ARG C 131 16.88 -25.91 13.77
CA ARG C 131 16.74 -26.17 15.20
C ARG C 131 16.39 -27.63 15.44
N VAL C 132 15.49 -28.16 14.62
CA VAL C 132 15.08 -29.55 14.76
C VAL C 132 16.26 -30.49 14.54
N LEU C 133 17.09 -30.21 13.54
CA LEU C 133 18.28 -31.03 13.31
C LEU C 133 19.27 -30.90 14.48
N GLN C 134 19.39 -29.71 15.05
CA GLN C 134 20.34 -29.50 16.11
C GLN C 134 19.91 -30.12 17.42
N GLU C 135 18.66 -29.95 17.76
CA GLU C 135 18.19 -30.33 19.05
C GLU C 135 17.53 -31.67 19.07
N ARG C 136 17.28 -32.22 17.89
CA ARG C 136 16.51 -33.44 17.69
C ARG C 136 15.24 -33.49 18.51
N GLU C 137 14.51 -32.41 18.42
CA GLU C 137 13.23 -32.31 19.06
C GLU C 137 12.41 -31.39 18.23
N VAL C 138 11.11 -31.46 18.36
CA VAL C 138 10.25 -30.66 17.54
C VAL C 138 9.04 -30.24 18.33
N GLU C 139 8.46 -29.13 17.92
CA GLU C 139 7.33 -28.49 18.56
C GLU C 139 6.26 -28.26 17.49
N ARG C 140 5.02 -28.62 17.80
CA ARG C 140 3.94 -28.31 16.90
C ARG C 140 3.70 -26.81 16.93
N LEU C 141 3.24 -26.27 15.80
CA LEU C 141 2.79 -24.87 15.75
C LEU C 141 1.74 -24.64 16.82
N GLY C 142 1.81 -23.51 17.51
CA GLY C 142 0.84 -23.17 18.52
C GLY C 142 1.02 -24.03 19.76
N SER C 143 2.20 -24.61 19.90
CA SER C 143 2.53 -25.38 21.09
C SER C 143 3.92 -25.01 21.56
N ARG C 144 4.18 -25.19 22.86
CA ARG C 144 5.52 -24.96 23.38
C ARG C 144 6.14 -26.27 23.85
N LYS C 145 5.38 -27.35 23.70
CA LYS C 145 5.84 -28.69 24.10
C LYS C 145 6.77 -29.28 23.04
N SER C 146 8.01 -29.58 23.43
CA SER C 146 8.96 -30.16 22.49
C SER C 146 8.88 -31.67 22.52
N ILE C 147 9.02 -32.28 21.35
CA ILE C 147 8.94 -33.72 21.21
C ILE C 147 10.30 -34.26 20.78
N LYS C 148 10.95 -35.03 21.65
CA LYS C 148 12.27 -35.56 21.33
C LYS C 148 12.15 -36.46 20.12
N LEU C 149 13.12 -36.38 19.22
CA LEU C 149 13.04 -37.11 17.96
C LEU C 149 14.16 -38.10 17.79
N ASP C 150 13.83 -39.24 17.17
CA ASP C 150 14.82 -40.19 16.67
C ASP C 150 14.53 -40.44 15.19
N VAL C 151 15.00 -39.55 14.34
CA VAL C 151 14.61 -39.57 12.93
C VAL C 151 15.82 -39.41 12.03
N ARG C 152 16.00 -40.32 11.08
CA ARG C 152 17.02 -40.16 10.06
C ARG C 152 16.49 -39.22 8.97
N VAL C 153 17.28 -38.25 8.55
CA VAL C 153 16.83 -37.30 7.56
C VAL C 153 17.46 -37.45 6.20
N LEU C 154 16.62 -37.53 5.18
CA LEU C 154 17.03 -37.51 3.81
C LEU C 154 16.45 -36.30 3.12
N ALA C 155 17.11 -35.81 2.08
CA ALA C 155 16.68 -34.60 1.40
C ALA C 155 17.09 -34.55 -0.04
N THR C 156 16.37 -33.78 -0.82
CA THR C 156 16.68 -33.55 -2.21
C THR C 156 16.57 -32.09 -2.57
N SER C 157 17.29 -31.70 -3.60
CA SER C 157 17.13 -30.45 -4.26
C SER C 157 17.43 -30.62 -5.71
N ASN C 158 16.73 -29.91 -6.55
CA ASN C 158 17.00 -29.95 -7.93
C ASN C 158 17.87 -28.79 -8.32
N ARG C 159 18.30 -28.01 -7.35
CA ARG C 159 19.24 -26.93 -7.64
C ARG C 159 20.49 -27.02 -6.80
N ASP C 160 21.51 -26.32 -7.27
CA ASP C 160 22.79 -26.18 -6.59
C ASP C 160 22.61 -25.38 -5.29
N LEU C 161 22.60 -26.07 -4.16
CA LEU C 161 22.27 -25.40 -2.90
C LEU C 161 23.37 -24.42 -2.48
N LYS C 162 24.60 -24.71 -2.88
CA LYS C 162 25.70 -23.87 -2.49
C LYS C 162 25.53 -22.48 -3.12
N GLN C 163 25.22 -22.46 -4.41
CA GLN C 163 24.97 -21.19 -5.08
C GLN C 163 23.75 -20.53 -4.46
N TYR C 164 22.79 -21.35 -4.01
CA TYR C 164 21.57 -20.85 -3.41
C TYR C 164 21.87 -20.14 -2.11
N VAL C 165 22.85 -20.67 -1.38
CA VAL C 165 23.35 -20.03 -0.18
C VAL C 165 23.96 -18.67 -0.50
N GLN C 166 24.78 -18.62 -1.54
CA GLN C 166 25.47 -17.39 -1.91
C GLN C 166 24.52 -16.32 -2.47
N ALA C 167 23.39 -16.77 -3.02
CA ALA C 167 22.35 -15.87 -3.51
C ALA C 167 21.45 -15.36 -2.37
N GLY C 168 21.73 -15.80 -1.14
CA GLY C 168 21.00 -15.34 0.02
C GLY C 168 19.66 -16.02 0.27
N HIS C 169 19.41 -17.13 -0.42
CA HIS C 169 18.11 -17.77 -0.38
C HIS C 169 18.07 -19.02 0.48
N PHE C 170 19.23 -19.38 1.03
CA PHE C 170 19.36 -20.60 1.82
C PHE C 170 20.43 -20.43 2.90
N ARG C 171 20.11 -20.91 4.10
CA ARG C 171 20.97 -20.65 5.25
C ARG C 171 22.27 -21.44 5.10
N GLU C 172 23.39 -20.76 5.35
CA GLU C 172 24.70 -21.40 5.32
C GLU C 172 24.80 -22.57 6.32
N ASP C 173 24.35 -22.35 7.55
CA ASP C 173 24.52 -23.38 8.59
C ASP C 173 23.69 -24.63 8.28
N LEU C 174 22.49 -24.43 7.74
CA LEU C 174 21.64 -25.54 7.32
C LEU C 174 22.23 -26.31 6.13
N TYR C 175 22.77 -25.59 5.15
CA TYR C 175 23.51 -26.20 4.06
C TYR C 175 24.61 -27.15 4.56
N TYR C 176 25.41 -26.69 5.50
CA TYR C 176 26.47 -27.51 6.00
C TYR C 176 25.94 -28.70 6.72
N ARG C 177 24.86 -28.57 7.46
CA ARG C 177 24.34 -29.70 8.17
C ARG C 177 23.81 -30.75 7.25
N LEU C 178 23.34 -30.35 6.09
CA LEU C 178 22.72 -31.28 5.20
C LEU C 178 23.65 -31.76 4.11
N ASN C 179 24.89 -31.29 4.12
CA ASN C 179 25.84 -31.55 3.05
C ASN C 179 26.99 -32.50 3.41
N VAL C 180 26.77 -33.34 4.41
CA VAL C 180 27.82 -34.25 4.85
C VAL C 180 28.19 -35.21 3.72
N PHE C 181 27.17 -35.70 3.04
CA PHE C 181 27.30 -36.76 2.07
C PHE C 181 26.36 -36.49 0.91
N PRO C 182 26.69 -35.51 0.07
CA PRO C 182 25.79 -35.25 -1.05
C PRO C 182 26.05 -36.27 -2.14
N LEU C 183 24.98 -36.69 -2.80
CA LEU C 183 25.03 -37.69 -3.86
C LEU C 183 24.30 -37.11 -5.06
N THR C 184 24.95 -37.10 -6.20
CA THR C 184 24.34 -36.45 -7.33
C THR C 184 23.77 -37.48 -8.32
N TRP C 185 22.47 -37.41 -8.51
CA TRP C 185 21.76 -38.35 -9.34
C TRP C 185 21.74 -37.77 -10.76
N PRO C 186 22.42 -38.43 -11.70
CA PRO C 186 22.62 -37.78 -13.00
C PRO C 186 21.37 -37.73 -13.85
N ALA C 187 21.33 -36.77 -14.77
CA ALA C 187 20.25 -36.71 -15.75
C ALA C 187 20.27 -37.98 -16.59
N LEU C 188 19.13 -38.30 -17.19
CA LEU C 188 18.97 -39.54 -17.95
C LEU C 188 19.97 -39.67 -19.09
N CYS C 189 20.16 -38.59 -19.85
CA CYS C 189 21.09 -38.57 -20.96
C CYS C 189 22.55 -38.77 -20.52
N GLU C 190 22.80 -38.65 -19.22
CA GLU C 190 24.15 -38.81 -18.69
C GLU C 190 24.34 -40.20 -18.10
N ARG C 191 23.35 -41.06 -18.27
CA ARG C 191 23.46 -42.45 -17.87
C ARG C 191 22.63 -43.34 -18.79
N LYS C 192 22.92 -43.30 -20.08
CA LYS C 192 22.08 -43.93 -21.09
C LYS C 192 21.84 -45.41 -20.89
N ASP C 193 22.81 -46.11 -20.30
CA ASP C 193 22.67 -47.54 -20.04
C ASP C 193 21.49 -47.89 -19.12
N ASP C 194 20.99 -46.91 -18.37
CA ASP C 194 19.82 -47.11 -17.52
C ASP C 194 18.51 -47.07 -18.30
N ILE C 195 18.53 -46.44 -19.47
CA ILE C 195 17.27 -46.12 -20.13
C ILE C 195 16.43 -47.35 -20.50
N GLU C 196 17.07 -48.41 -20.97
CA GLU C 196 16.32 -49.60 -21.38
C GLU C 196 15.69 -50.36 -20.20
N PRO C 197 16.45 -50.63 -19.13
CA PRO C 197 15.77 -51.30 -18.01
C PRO C 197 14.73 -50.39 -17.36
N LEU C 198 14.95 -49.08 -17.42
CA LEU C 198 13.98 -48.13 -16.88
C LEU C 198 12.67 -48.23 -17.64
N ALA C 199 12.74 -48.16 -18.97
CA ALA C 199 11.55 -48.26 -19.81
C ALA C 199 10.76 -49.51 -19.47
N ASN C 200 11.44 -50.66 -19.49
CA ASN C 200 10.82 -51.94 -19.18
C ASN C 200 10.13 -51.92 -17.83
N HIS C 201 10.80 -51.42 -16.81
CA HIS C 201 10.22 -51.35 -15.48
C HIS C 201 9.00 -50.41 -15.44
N LEU C 202 9.04 -49.35 -16.24
CA LEU C 202 7.92 -48.40 -16.33
C LEU C 202 6.72 -49.07 -16.98
N ILE C 203 6.95 -49.90 -17.98
CA ILE C 203 5.86 -50.58 -18.68
C ILE C 203 5.14 -51.58 -17.78
N GLU C 204 5.90 -52.40 -17.09
CA GLU C 204 5.33 -53.42 -16.25
C GLU C 204 4.59 -52.83 -15.10
N ARG C 205 5.16 -51.82 -14.50
CA ARG C 205 4.55 -51.19 -13.36
C ARG C 205 3.22 -50.60 -13.73
N HIS C 206 3.12 -50.13 -14.96
CA HIS C 206 1.91 -49.56 -15.47
C HIS C 206 0.92 -50.61 -15.89
N CYS C 207 1.40 -51.63 -16.57
CA CYS C 207 0.52 -52.74 -16.91
C CYS C 207 0.07 -53.49 -15.65
N LYS C 208 0.94 -53.55 -14.65
CA LYS C 208 0.55 -54.09 -13.35
C LYS C 208 -0.49 -53.19 -12.70
N LYS C 209 -1.72 -53.43 -13.12
CA LYS C 209 -2.96 -52.74 -12.77
C LYS C 209 -3.78 -52.94 -14.03
N LEU C 210 -3.80 -54.22 -14.41
CA LEU C 210 -4.78 -54.91 -15.25
C LEU C 210 -4.17 -55.67 -16.44
N GLY C 211 -3.22 -55.07 -17.16
CA GLY C 211 -2.76 -55.62 -18.42
C GLY C 211 -1.50 -56.49 -18.40
N LEU C 212 -1.25 -57.20 -19.49
CA LEU C 212 -0.05 -58.03 -19.63
C LEU C 212 1.13 -57.24 -20.24
N PRO C 213 2.30 -57.26 -19.57
CA PRO C 213 3.50 -56.51 -19.97
C PRO C 213 4.09 -56.88 -21.33
N VAL C 214 3.81 -56.03 -22.31
CA VAL C 214 4.43 -56.09 -23.62
C VAL C 214 5.95 -55.93 -23.56
N PRO C 215 6.66 -56.28 -24.64
CA PRO C 215 8.08 -55.95 -24.68
C PRO C 215 8.31 -54.65 -25.45
N SER C 216 9.34 -53.89 -25.08
CA SER C 216 9.65 -52.63 -25.78
C SER C 216 10.10 -52.98 -27.18
N ILE C 217 10.36 -54.26 -27.38
CA ILE C 217 10.82 -54.84 -28.63
C ILE C 217 12.18 -54.28 -28.94
N ALA C 218 12.86 -54.94 -29.87
CA ALA C 218 14.15 -54.55 -30.44
C ALA C 218 14.36 -53.03 -30.53
N PRO C 219 15.61 -52.62 -30.82
CA PRO C 219 15.78 -51.21 -31.19
C PRO C 219 14.86 -50.85 -32.36
N ASN C 220 14.94 -49.60 -32.82
CA ASN C 220 13.94 -48.94 -33.66
C ASN C 220 12.80 -48.51 -32.71
N ALA C 221 12.78 -49.13 -31.53
CA ALA C 221 12.10 -48.55 -30.37
C ALA C 221 13.17 -48.22 -29.34
N ILE C 222 14.00 -49.20 -29.00
CA ILE C 222 15.04 -48.99 -28.00
C ILE C 222 16.03 -47.90 -28.40
N THR C 223 16.70 -48.03 -29.54
CA THR C 223 17.69 -47.03 -29.95
C THR C 223 17.05 -45.65 -30.20
N LYS C 224 15.76 -45.66 -30.53
CA LYS C 224 15.02 -44.41 -30.70
C LYS C 224 14.95 -43.74 -29.34
N LEU C 225 14.60 -44.53 -28.33
CA LEU C 225 14.65 -44.07 -26.94
C LEU C 225 16.07 -43.68 -26.52
N LEU C 226 17.05 -44.38 -27.05
CA LEU C 226 18.43 -44.18 -26.59
C LEU C 226 19.07 -42.94 -27.18
N ASN C 227 18.59 -42.50 -28.34
CA ASN C 227 19.24 -41.39 -29.04
C ASN C 227 18.49 -40.08 -28.88
N TYR C 228 17.63 -40.05 -27.87
CA TYR C 228 16.87 -38.87 -27.49
C TYR C 228 17.44 -38.37 -26.17
N PRO C 229 17.67 -37.06 -26.05
CA PRO C 229 18.36 -36.53 -24.88
C PRO C 229 17.50 -36.31 -23.60
N TRP C 230 16.20 -36.60 -23.64
CA TRP C 230 15.35 -36.56 -22.44
C TRP C 230 15.44 -35.29 -21.57
N PRO C 231 15.01 -34.15 -22.10
CA PRO C 231 15.04 -32.95 -21.25
C PRO C 231 14.15 -33.12 -20.01
N GLY C 232 13.08 -33.91 -20.12
CA GLY C 232 12.19 -34.16 -19.00
C GLY C 232 12.53 -35.39 -18.17
N ASN C 233 13.69 -35.98 -18.46
CA ASN C 233 14.17 -37.16 -17.73
C ASN C 233 13.11 -38.26 -17.57
N VAL C 234 13.05 -38.93 -16.42
CA VAL C 234 12.19 -40.11 -16.34
C VAL C 234 10.69 -39.79 -16.30
N ARG C 235 10.32 -38.55 -15.95
CA ARG C 235 8.91 -38.18 -16.05
C ARG C 235 8.52 -38.18 -17.53
N GLU C 236 9.46 -37.73 -18.37
CA GLU C 236 9.21 -37.68 -19.82
C GLU C 236 9.18 -39.09 -20.42
N LEU C 237 10.10 -39.94 -19.99
CA LEU C 237 10.15 -41.32 -20.47
C LEU C 237 8.89 -42.09 -20.05
N ASP C 238 8.47 -41.87 -18.82
CA ASP C 238 7.24 -42.44 -18.29
C ASP C 238 6.08 -42.10 -19.24
N ASN C 239 5.98 -40.84 -19.63
CA ASN C 239 4.93 -40.39 -20.54
C ASN C 239 5.01 -41.04 -21.93
N VAL C 240 6.22 -41.05 -22.49
CA VAL C 240 6.46 -41.63 -23.81
C VAL C 240 6.05 -43.10 -23.82
N VAL C 241 6.42 -43.79 -22.74
CA VAL C 241 6.10 -45.20 -22.57
C VAL C 241 4.60 -45.47 -22.49
N GLN C 242 3.88 -44.65 -21.72
CA GLN C 242 2.43 -44.82 -21.56
C GLN C 242 1.71 -44.52 -22.87
N ARG C 243 2.17 -43.47 -23.53
CA ARG C 243 1.64 -43.10 -24.83
C ARG C 243 1.86 -44.26 -25.80
N ALA C 244 3.05 -44.86 -25.76
CA ALA C 244 3.39 -45.93 -26.69
C ALA C 244 2.45 -47.11 -26.48
N LEU C 245 2.16 -47.41 -25.21
CA LEU C 245 1.22 -48.46 -24.86
C LEU C 245 -0.21 -48.17 -25.33
N ILE C 246 -0.60 -46.90 -25.35
CA ILE C 246 -1.88 -46.57 -25.94
C ILE C 246 -1.84 -46.81 -27.46
N LEU C 247 -0.82 -46.30 -28.14
CA LEU C 247 -0.68 -46.43 -29.59
C LEU C 247 -0.74 -47.89 -30.01
N SER C 248 -0.03 -48.73 -29.26
CA SER C 248 -0.64 -49.88 -28.59
C SER C 248 0.27 -50.98 -28.14
N GLU C 249 -0.39 -52.10 -27.95
CA GLU C 249 -0.25 -52.89 -26.73
C GLU C 249 0.46 -54.21 -26.85
N ASN C 250 1.41 -54.30 -27.77
CA ASN C 250 2.29 -55.47 -27.90
C ASN C 250 3.64 -55.08 -28.49
N GLY C 251 3.63 -54.62 -29.74
CA GLY C 251 4.86 -54.27 -30.42
C GLY C 251 5.44 -52.96 -29.91
N HIS C 252 6.18 -52.26 -30.77
CA HIS C 252 6.61 -50.87 -30.57
C HIS C 252 7.18 -50.26 -31.87
N ILE C 253 7.81 -49.07 -31.75
CA ILE C 253 8.43 -48.21 -32.80
C ILE C 253 7.68 -46.89 -32.82
N GLN C 254 6.44 -46.98 -32.31
CA GLN C 254 5.48 -45.91 -32.12
C GLN C 254 5.78 -45.13 -30.85
N SER C 255 7.03 -44.73 -30.75
CA SER C 255 7.50 -43.86 -29.70
C SER C 255 7.48 -42.43 -30.25
N GLU C 256 6.90 -41.49 -29.50
CA GLU C 256 6.82 -40.12 -29.98
C GLU C 256 7.39 -39.11 -29.01
N HIS C 257 8.34 -38.29 -29.49
CA HIS C 257 8.80 -37.14 -28.71
C HIS C 257 8.95 -35.84 -29.50
N ILE C 258 9.14 -35.91 -30.81
CA ILE C 258 9.16 -34.72 -31.66
C ILE C 258 7.94 -34.72 -32.56
N LEU C 259 8.08 -35.40 -33.70
CA LEU C 259 7.01 -35.55 -34.68
C LEU C 259 6.41 -34.22 -35.09
N MET D 17 2.37 51.05 21.34
CA MET D 17 3.24 49.91 21.06
C MET D 17 4.68 50.18 21.50
N VAL D 18 5.64 49.89 20.61
CA VAL D 18 7.05 50.07 20.91
C VAL D 18 7.88 50.17 19.61
N VAL D 19 7.81 51.32 18.95
CA VAL D 19 8.57 51.57 17.71
C VAL D 19 8.95 53.04 17.48
N ALA D 20 9.91 53.26 16.58
CA ALA D 20 10.38 54.61 16.28
C ALA D 20 10.74 54.80 14.80
N ASP D 21 10.86 53.71 14.07
CA ASP D 21 11.10 53.77 12.62
C ASP D 21 9.85 54.27 11.91
N THR D 22 10.01 55.28 11.06
CA THR D 22 8.87 55.95 10.45
C THR D 22 8.00 54.95 9.70
N LYS D 23 8.64 54.03 8.99
CA LYS D 23 7.92 52.93 8.34
C LYS D 23 7.03 52.20 9.33
N SER D 24 7.58 51.93 10.53
CA SER D 24 6.80 51.30 11.59
C SER D 24 5.66 52.21 12.04
N LEU D 25 5.94 53.50 12.15
CA LEU D 25 4.95 54.46 12.61
C LEU D 25 3.80 54.56 11.62
N LYS D 26 4.10 54.51 10.33
CA LYS D 26 3.04 54.53 9.33
C LYS D 26 2.17 53.28 9.44
N LEU D 27 2.81 52.15 9.74
CA LEU D 27 2.11 50.90 9.92
C LEU D 27 1.09 51.00 11.04
N LEU D 28 1.50 51.58 12.16
CA LEU D 28 0.59 51.73 13.28
C LEU D 28 -0.57 52.67 12.96
N ALA D 29 -0.29 53.72 12.20
CA ALA D 29 -1.32 54.66 11.79
C ALA D 29 -2.39 53.97 10.95
N LEU D 30 -1.95 53.09 10.05
CA LEU D 30 -2.87 52.24 9.30
C LEU D 30 -3.63 51.31 10.25
N ALA D 31 -2.90 50.73 11.20
CA ALA D 31 -3.51 49.85 12.18
C ALA D 31 -4.62 50.59 12.91
N ASP D 32 -4.36 51.85 13.27
CA ASP D 32 -5.37 52.68 13.92
C ASP D 32 -6.63 52.84 13.06
N LYS D 33 -6.44 53.01 11.76
CA LYS D 33 -7.60 53.18 10.89
C LYS D 33 -8.47 51.91 10.87
N VAL D 34 -7.86 50.78 10.55
CA VAL D 34 -8.64 49.56 10.49
C VAL D 34 -9.19 49.14 11.87
N ALA D 35 -8.47 49.50 12.93
CA ALA D 35 -8.85 49.10 14.30
C ALA D 35 -10.26 49.51 14.67
N LYS D 36 -10.72 50.69 14.23
CA LYS D 36 -12.04 51.15 14.62
C LYS D 36 -13.16 50.46 13.84
N THR D 37 -12.80 49.71 12.80
CA THR D 37 -13.78 48.95 12.03
C THR D 37 -13.80 47.47 12.48
N ASP D 38 -14.61 46.65 11.81
CA ASP D 38 -14.76 45.23 12.13
C ASP D 38 -14.11 44.33 11.05
N ALA D 39 -13.37 44.95 10.15
CA ALA D 39 -12.74 44.22 9.06
C ALA D 39 -11.67 43.22 9.52
N ASN D 40 -11.52 42.14 8.77
CA ASN D 40 -10.46 41.20 8.99
C ASN D 40 -9.18 41.86 8.66
N VAL D 41 -8.17 41.62 9.47
CA VAL D 41 -6.86 42.16 9.24
C VAL D 41 -5.87 41.05 9.06
N MET D 42 -5.02 41.17 8.06
CA MET D 42 -3.98 40.22 7.84
C MET D 42 -2.61 40.83 8.06
N ILE D 43 -1.81 40.21 8.88
CA ILE D 43 -0.50 40.72 9.16
C ILE D 43 0.58 39.85 8.58
N LEU D 44 1.35 40.43 7.68
CA LEU D 44 2.38 39.73 6.96
C LEU D 44 3.68 40.17 7.50
N GLY D 45 4.74 39.55 7.05
CA GLY D 45 6.05 39.77 7.58
C GLY D 45 6.56 38.49 8.17
N PRO D 46 7.82 38.46 8.53
CA PRO D 46 8.44 37.25 9.01
C PRO D 46 7.92 36.85 10.36
N SER D 47 7.92 35.56 10.62
CA SER D 47 7.55 35.09 11.92
C SER D 47 8.63 35.57 12.85
N GLY D 48 8.30 35.74 14.11
CA GLY D 48 9.28 36.19 15.04
C GLY D 48 9.70 37.62 14.77
N SER D 49 8.74 38.45 14.42
CA SER D 49 9.00 39.83 14.12
C SER D 49 8.10 40.80 14.87
N GLY D 50 7.36 40.32 15.83
CA GLY D 50 6.51 41.18 16.65
C GLY D 50 5.07 41.43 16.21
N LYS D 51 4.44 40.47 15.57
CA LYS D 51 3.08 40.62 15.12
C LYS D 51 2.12 40.52 16.27
N GLU D 52 2.66 40.02 17.35
CA GLU D 52 1.89 39.73 18.51
C GLU D 52 1.39 41.00 19.10
N VAL D 53 2.30 41.91 19.35
CA VAL D 53 1.97 43.15 20.00
C VAL D 53 0.89 43.73 19.19
N MET D 54 1.18 43.86 17.91
CA MET D 54 0.31 44.52 16.97
C MET D 54 -1.14 44.02 16.94
N SER D 55 -1.34 42.72 16.89
CA SER D 55 -2.69 42.21 16.93
C SER D 55 -3.36 42.72 18.16
N ARG D 56 -2.60 42.79 19.23
CA ARG D 56 -3.19 43.17 20.49
C ARG D 56 -3.46 44.67 20.48
N TYR D 57 -2.57 45.42 19.89
CA TYR D 57 -2.75 46.84 19.75
C TYR D 57 -4.04 47.15 19.05
N ILE D 58 -4.31 46.47 17.95
CA ILE D 58 -5.53 46.63 17.25
C ILE D 58 -6.71 46.38 18.15
N HIS D 59 -6.71 45.25 18.83
CA HIS D 59 -7.83 44.89 19.70
C HIS D 59 -8.11 45.99 20.68
N ASN D 60 -7.06 46.43 21.38
CA ASN D 60 -7.20 47.46 22.40
C ASN D 60 -7.58 48.82 21.81
N ALA D 61 -7.33 49.01 20.51
CA ALA D 61 -7.69 50.28 19.88
C ALA D 61 -9.10 50.22 19.28
N SER D 62 -9.67 49.02 19.22
CA SER D 62 -10.95 48.78 18.57
C SER D 62 -12.13 48.93 19.54
N PRO D 63 -13.37 49.02 19.01
CA PRO D 63 -14.53 49.12 19.90
C PRO D 63 -14.73 47.87 20.76
N ARG D 64 -14.00 46.79 20.45
CA ARG D 64 -14.12 45.54 21.18
C ARG D 64 -13.12 45.42 22.33
N LYS D 65 -12.44 46.53 22.61
CA LYS D 65 -11.53 46.71 23.76
C LYS D 65 -11.68 45.72 24.91
N GLU D 66 -12.81 45.73 25.58
CA GLU D 66 -12.95 44.97 26.81
C GLU D 66 -13.51 43.57 26.60
N GLY D 67 -13.75 43.23 25.33
CA GLY D 67 -14.11 41.88 24.97
C GLY D 67 -12.89 40.98 25.05
N PRO D 68 -13.10 39.67 24.99
CA PRO D 68 -11.99 38.73 25.08
C PRO D 68 -11.05 38.80 23.87
N PHE D 69 -9.76 38.65 24.14
CA PHE D 69 -8.76 38.52 23.10
C PHE D 69 -8.23 37.09 23.11
N ILE D 70 -8.46 36.37 22.02
CA ILE D 70 -8.09 34.97 21.95
C ILE D 70 -7.12 34.70 20.81
N ALA D 71 -5.97 34.10 21.13
CA ALA D 71 -4.99 33.83 20.09
C ALA D 71 -4.73 32.32 19.97
N ILE D 72 -4.54 31.85 18.75
CA ILE D 72 -4.15 30.46 18.49
C ILE D 72 -3.10 30.36 17.39
N ASN D 73 -2.05 29.62 17.66
CA ASN D 73 -0.99 29.45 16.69
C ASN D 73 -1.19 28.20 15.84
N CYS D 74 -1.67 28.40 14.62
CA CYS D 74 -1.99 27.31 13.72
C CYS D 74 -0.76 26.45 13.37
N ALA D 75 0.45 26.94 13.64
CA ALA D 75 1.65 26.17 13.31
C ALA D 75 2.22 25.43 14.51
N ALA D 76 1.49 25.42 15.62
CA ALA D 76 2.03 24.94 16.89
C ALA D 76 1.09 24.03 17.69
N ILE D 77 0.00 23.60 17.09
CA ILE D 77 -0.94 22.72 17.77
C ILE D 77 -0.57 21.25 17.52
N PRO D 78 -0.14 20.53 18.56
CA PRO D 78 0.29 19.14 18.35
C PRO D 78 -0.87 18.20 18.08
N ASP D 79 -0.52 16.96 17.75
CA ASP D 79 -1.47 15.86 17.62
C ASP D 79 -2.62 16.10 16.68
N ASN D 80 -2.42 16.98 15.70
CA ASN D 80 -3.48 17.32 14.74
C ASN D 80 -4.76 17.89 15.39
N MET D 81 -4.60 18.63 16.48
CA MET D 81 -5.75 19.12 17.23
C MET D 81 -6.18 20.53 16.84
N LEU D 82 -5.53 21.13 15.85
CA LEU D 82 -5.90 22.48 15.39
C LEU D 82 -7.41 22.62 15.12
N GLU D 83 -7.97 21.74 14.28
CA GLU D 83 -9.39 21.78 13.93
C GLU D 83 -10.29 21.69 15.17
N ALA D 84 -10.03 20.68 15.98
CA ALA D 84 -10.74 20.47 17.23
C ALA D 84 -10.66 21.70 18.12
N THR D 85 -9.47 22.30 18.18
CA THR D 85 -9.25 23.45 19.03
C THR D 85 -10.05 24.64 18.54
N LEU D 86 -10.06 24.84 17.23
CA LEU D 86 -10.72 26.00 16.64
C LEU D 86 -12.24 25.95 16.75
N PHE D 87 -12.80 24.81 16.44
CA PHE D 87 -14.20 24.63 16.31
C PHE D 87 -14.86 24.02 17.51
N GLY D 88 -14.08 23.41 18.37
CA GLY D 88 -14.61 22.71 19.53
C GLY D 88 -15.13 21.36 19.09
N TYR D 89 -15.71 20.61 19.98
CA TYR D 89 -16.23 19.31 19.64
C TYR D 89 -17.12 18.76 20.73
N GLU D 90 -17.92 17.78 20.38
CA GLU D 90 -18.71 17.03 21.34
C GLU D 90 -18.02 15.70 21.64
N LYS D 91 -18.43 15.07 22.72
CA LYS D 91 -17.92 13.80 23.10
C LYS D 91 -18.21 12.79 22.05
N GLY D 92 -17.22 11.99 21.70
CA GLY D 92 -17.33 11.05 20.62
C GLY D 92 -17.09 11.57 19.21
N ALA D 93 -16.63 12.79 19.05
CA ALA D 93 -16.45 13.36 17.73
C ALA D 93 -15.32 12.72 16.96
N PHE D 94 -14.25 12.42 17.65
CA PHE D 94 -13.14 11.74 17.09
C PHE D 94 -12.62 10.84 18.16
N THR D 95 -11.62 10.04 17.85
CA THR D 95 -11.05 9.17 18.83
C THR D 95 -10.33 9.98 19.87
N GLY D 96 -10.67 9.76 21.12
CA GLY D 96 -10.03 10.49 22.19
C GLY D 96 -10.90 11.60 22.72
N ALA D 97 -11.89 12.01 21.96
CA ALA D 97 -12.78 13.05 22.42
C ALA D 97 -13.69 12.54 23.51
N VAL D 98 -13.25 12.67 24.74
CA VAL D 98 -13.94 12.10 25.85
C VAL D 98 -14.73 13.11 26.63
N GLN D 99 -14.90 14.28 26.08
CA GLN D 99 -15.70 15.33 26.71
C GLN D 99 -16.15 16.29 25.63
N ALA D 100 -17.08 17.18 25.98
CA ALA D 100 -17.40 18.30 25.11
C ALA D 100 -16.41 19.41 25.43
N CYS D 101 -16.13 20.24 24.44
CA CYS D 101 -15.12 21.28 24.60
C CYS D 101 -15.39 22.45 23.65
N PRO D 102 -15.57 23.66 24.21
CA PRO D 102 -15.78 24.83 23.36
C PRO D 102 -14.56 25.16 22.52
N GLY D 103 -14.80 25.68 21.32
CA GLY D 103 -13.71 26.08 20.44
C GLY D 103 -13.25 27.50 20.71
N LYS D 104 -12.18 27.87 20.04
CA LYS D 104 -11.61 29.19 20.19
C LYS D 104 -12.60 30.28 19.80
N PHE D 105 -13.36 30.06 18.73
CA PHE D 105 -14.33 31.07 18.28
C PHE D 105 -15.34 31.40 19.39
N GLU D 106 -15.86 30.37 20.05
CA GLU D 106 -16.81 30.52 21.15
C GLU D 106 -16.21 31.36 22.27
N GLN D 107 -14.94 31.08 22.55
CA GLN D 107 -14.25 31.78 23.63
C GLN D 107 -14.10 33.26 23.31
N ALA D 108 -14.14 33.60 22.03
CA ALA D 108 -13.84 34.96 21.61
C ALA D 108 -15.09 35.80 21.38
N GLN D 109 -16.25 35.24 21.71
CA GLN D 109 -17.53 35.92 21.49
C GLN D 109 -17.51 37.32 22.01
N GLY D 110 -17.90 38.26 21.15
CA GLY D 110 -17.93 39.67 21.51
C GLY D 110 -16.54 40.28 21.50
N GLY D 111 -15.53 39.46 21.16
CA GLY D 111 -14.16 39.95 21.13
C GLY D 111 -13.40 39.73 19.83
N THR D 112 -12.16 39.27 19.97
CA THR D 112 -11.26 39.17 18.83
C THR D 112 -10.51 37.84 18.84
N ILE D 113 -10.43 37.18 17.68
CA ILE D 113 -9.59 36.00 17.59
C ILE D 113 -8.39 36.28 16.67
N LEU D 114 -7.23 35.85 17.11
CA LEU D 114 -6.01 35.95 16.31
C LEU D 114 -5.62 34.56 15.78
N LEU D 115 -5.61 34.42 14.48
CA LEU D 115 -5.17 33.20 13.88
C LEU D 115 -3.78 33.36 13.32
N ASP D 116 -2.81 32.97 14.12
CA ASP D 116 -1.43 33.05 13.75
C ASP D 116 -1.04 31.93 12.82
N GLU D 117 -0.23 32.26 11.84
CA GLU D 117 0.21 31.35 10.81
C GLU D 117 -0.91 30.59 10.17
N ILE D 118 -1.82 31.30 9.55
CA ILE D 118 -2.98 30.71 8.97
C ILE D 118 -2.68 29.90 7.71
N SER D 119 -1.57 30.21 7.07
CA SER D 119 -1.20 29.55 5.85
C SER D 119 -0.96 28.09 6.10
N GLU D 120 -0.96 27.73 7.35
CA GLU D 120 -0.69 26.39 7.75
C GLU D 120 -1.93 25.52 7.82
N MET D 121 -3.10 26.09 7.67
CA MET D 121 -4.26 25.26 7.67
C MET D 121 -4.40 24.50 6.36
N ASP D 122 -4.88 23.28 6.43
CA ASP D 122 -5.16 22.52 5.23
C ASP D 122 -6.42 22.98 4.50
N LEU D 123 -6.57 22.52 3.26
CA LEU D 123 -7.70 22.96 2.44
C LEU D 123 -9.07 22.65 3.04
N ASN D 124 -9.22 21.49 3.67
CA ASN D 124 -10.53 21.15 4.22
C ASN D 124 -10.87 22.09 5.35
N LEU D 125 -9.87 22.45 6.11
CA LEU D 125 -10.04 23.31 7.26
C LEU D 125 -10.25 24.73 6.79
N GLN D 126 -9.54 25.10 5.72
CA GLN D 126 -9.79 26.39 5.09
C GLN D 126 -11.25 26.52 4.64
N ALA D 127 -11.82 25.45 4.11
CA ALA D 127 -13.22 25.52 3.66
C ALA D 127 -14.17 25.67 4.86
N LYS D 128 -13.80 25.11 6.00
CA LYS D 128 -14.65 25.30 7.18
C LYS D 128 -14.53 26.73 7.71
N LEU D 129 -13.30 27.26 7.72
CA LEU D 129 -13.08 28.65 8.12
C LEU D 129 -13.87 29.62 7.25
N LEU D 130 -13.91 29.34 5.95
CA LEU D 130 -14.58 30.22 5.01
C LEU D 130 -16.07 30.27 5.38
N ARG D 131 -16.61 29.11 5.73
CA ARG D 131 -18.03 29.03 6.04
C ARG D 131 -18.29 29.85 7.31
N VAL D 132 -17.35 29.81 8.26
CA VAL D 132 -17.52 30.53 9.51
C VAL D 132 -17.55 32.02 9.23
N LEU D 133 -16.67 32.51 8.36
CA LEU D 133 -16.61 33.93 8.03
C LEU D 133 -17.85 34.36 7.28
N GLN D 134 -18.37 33.51 6.40
CA GLN D 134 -19.49 33.90 5.56
C GLN D 134 -20.79 33.88 6.34
N GLU D 135 -21.00 32.84 7.12
CA GLU D 135 -22.29 32.64 7.75
C GLU D 135 -22.30 33.16 9.20
N ARG D 136 -21.13 33.54 9.70
CA ARG D 136 -21.01 34.08 11.04
C ARG D 136 -21.63 33.15 12.09
N GLU D 137 -21.24 31.89 12.00
CA GLU D 137 -21.66 30.87 12.92
C GLU D 137 -20.68 29.71 12.86
N VAL D 138 -20.70 28.86 13.88
CA VAL D 138 -19.72 27.80 13.98
C VAL D 138 -20.39 26.56 14.56
N GLU D 139 -20.11 25.39 13.97
CA GLU D 139 -20.51 24.13 14.56
C GLU D 139 -19.30 23.46 15.20
N ARG D 140 -19.51 22.88 16.38
CA ARG D 140 -18.53 22.02 16.99
C ARG D 140 -18.37 20.75 16.17
N LEU D 141 -17.20 20.13 16.21
CA LEU D 141 -17.03 18.82 15.59
C LEU D 141 -18.02 17.86 16.24
N GLY D 142 -18.69 17.08 15.39
CA GLY D 142 -19.64 16.07 15.86
C GLY D 142 -20.93 16.67 16.37
N SER D 143 -21.34 17.79 15.79
CA SER D 143 -22.59 18.42 16.18
C SER D 143 -23.25 19.12 14.99
N ARG D 144 -24.54 19.32 15.06
CA ARG D 144 -25.24 19.98 14.00
C ARG D 144 -25.75 21.31 14.45
N LYS D 145 -25.41 21.68 15.65
CA LYS D 145 -25.91 22.90 16.19
C LYS D 145 -25.03 24.06 15.85
N SER D 146 -25.58 25.07 15.25
CA SER D 146 -24.79 26.24 14.85
C SER D 146 -24.80 27.34 15.91
N ILE D 147 -23.62 27.70 16.39
CA ILE D 147 -23.51 28.79 17.35
C ILE D 147 -23.34 30.11 16.62
N LYS D 148 -24.24 31.05 16.90
CA LYS D 148 -24.17 32.39 16.31
C LYS D 148 -22.91 33.06 16.81
N LEU D 149 -22.20 33.74 15.91
CA LEU D 149 -20.89 34.30 16.23
C LEU D 149 -20.81 35.83 16.08
N ASP D 150 -20.16 36.50 17.02
CA ASP D 150 -19.87 37.93 16.91
C ASP D 150 -18.40 38.17 17.27
N VAL D 151 -17.52 37.94 16.31
CA VAL D 151 -16.07 37.88 16.55
C VAL D 151 -15.26 38.57 15.45
N ARG D 152 -14.33 39.43 15.87
CA ARG D 152 -13.42 40.06 14.92
C ARG D 152 -12.23 39.16 14.67
N VAL D 153 -11.89 38.97 13.41
CA VAL D 153 -10.79 38.10 12.99
C VAL D 153 -9.52 38.85 12.64
N LEU D 154 -8.44 38.43 13.25
CA LEU D 154 -7.12 38.83 12.86
C LEU D 154 -6.36 37.60 12.43
N ALA D 155 -5.47 37.74 11.48
CA ALA D 155 -4.70 36.62 11.00
C ALA D 155 -3.29 37.03 10.70
N THR D 156 -2.37 36.07 10.70
CA THR D 156 -1.02 36.30 10.26
C THR D 156 -0.53 35.21 9.37
N SER D 157 0.48 35.52 8.60
CA SER D 157 1.12 34.59 7.72
C SER D 157 2.48 35.11 7.45
N ASN D 158 3.44 34.23 7.41
CA ASN D 158 4.78 34.61 7.03
C ASN D 158 5.06 34.23 5.61
N ARG D 159 4.03 33.85 4.89
CA ARG D 159 4.14 33.49 3.50
C ARG D 159 3.38 34.49 2.69
N ASP D 160 3.76 34.61 1.43
CA ASP D 160 3.05 35.39 0.45
C ASP D 160 1.85 34.59 0.02
N LEU D 161 0.68 34.99 0.44
CA LEU D 161 -0.48 34.14 0.32
C LEU D 161 -1.06 34.05 -1.06
N LYS D 162 -0.97 35.13 -1.80
CA LYS D 162 -1.43 35.12 -3.18
C LYS D 162 -0.71 34.01 -3.95
N GLN D 163 0.58 33.85 -3.68
CA GLN D 163 1.35 32.87 -4.43
C GLN D 163 0.99 31.49 -3.91
N TYR D 164 0.66 31.41 -2.62
CA TYR D 164 0.21 30.16 -2.04
C TYR D 164 -1.08 29.73 -2.73
N VAL D 165 -1.96 30.71 -2.94
CA VAL D 165 -3.15 30.51 -3.75
C VAL D 165 -2.80 30.00 -5.13
N GLN D 166 -1.82 30.64 -5.77
CA GLN D 166 -1.49 30.27 -7.13
C GLN D 166 -0.87 28.87 -7.20
N ALA D 167 -0.24 28.45 -6.11
CA ALA D 167 0.36 27.12 -6.03
C ALA D 167 -0.70 26.06 -5.65
N GLY D 168 -1.93 26.52 -5.47
CA GLY D 168 -3.05 25.63 -5.21
C GLY D 168 -3.20 25.16 -3.77
N HIS D 169 -2.48 25.78 -2.85
CA HIS D 169 -2.49 25.35 -1.45
C HIS D 169 -3.42 26.19 -0.58
N PHE D 170 -3.98 27.25 -1.16
CA PHE D 170 -4.84 28.14 -0.40
C PHE D 170 -6.03 28.59 -1.23
N ARG D 171 -7.22 28.57 -0.63
CA ARG D 171 -8.45 28.91 -1.31
C ARG D 171 -8.49 30.38 -1.72
N GLU D 172 -8.79 30.62 -2.99
CA GLU D 172 -8.88 31.99 -3.46
C GLU D 172 -9.94 32.80 -2.71
N ASP D 173 -11.12 32.22 -2.52
CA ASP D 173 -12.20 32.97 -1.90
C ASP D 173 -11.81 33.35 -0.47
N LEU D 174 -11.11 32.46 0.21
CA LEU D 174 -10.69 32.74 1.57
C LEU D 174 -9.58 33.81 1.59
N TYR D 175 -8.70 33.76 0.60
CA TYR D 175 -7.64 34.77 0.48
C TYR D 175 -8.25 36.17 0.41
N TYR D 176 -9.24 36.36 -0.45
CA TYR D 176 -9.84 37.69 -0.60
C TYR D 176 -10.55 38.13 0.68
N ARG D 177 -11.23 37.20 1.34
CA ARG D 177 -11.92 37.59 2.56
C ARG D 177 -10.94 38.02 3.64
N LEU D 178 -9.79 37.36 3.72
CA LEU D 178 -8.80 37.67 4.75
C LEU D 178 -7.91 38.85 4.42
N ASN D 179 -7.91 39.29 3.16
CA ASN D 179 -6.99 40.35 2.76
C ASN D 179 -7.59 41.68 2.27
N VAL D 180 -8.70 42.15 2.85
CA VAL D 180 -9.16 43.48 2.51
C VAL D 180 -8.09 44.49 2.95
N PHE D 181 -7.38 44.18 4.04
CA PHE D 181 -6.48 45.14 4.64
C PHE D 181 -5.18 44.51 5.14
N PRO D 182 -4.32 44.09 4.23
CA PRO D 182 -3.04 43.53 4.67
C PRO D 182 -2.08 44.60 5.19
N LEU D 183 -1.39 44.27 6.28
CA LEU D 183 -0.35 45.12 6.86
C LEU D 183 0.95 44.35 6.88
N THR D 184 2.01 44.91 6.29
CA THR D 184 3.23 44.16 6.24
C THR D 184 4.28 44.70 7.20
N TRP D 185 4.55 43.90 8.23
CA TRP D 185 5.54 44.22 9.24
C TRP D 185 6.90 43.83 8.65
N PRO D 186 7.78 44.82 8.40
CA PRO D 186 9.02 44.46 7.72
C PRO D 186 10.01 43.77 8.65
N ALA D 187 11.09 43.23 8.07
CA ALA D 187 12.15 42.62 8.86
C ALA D 187 12.89 43.71 9.62
N LEU D 188 13.64 43.31 10.64
CA LEU D 188 14.43 44.26 11.43
C LEU D 188 15.46 45.05 10.62
N CYS D 189 16.04 44.46 9.58
CA CYS D 189 17.03 45.18 8.80
C CYS D 189 16.37 46.14 7.78
N GLU D 190 15.04 46.20 7.80
CA GLU D 190 14.34 47.19 6.99
C GLU D 190 13.89 48.36 7.87
N ARG D 191 13.83 48.10 9.18
CA ARG D 191 13.43 49.13 10.14
C ARG D 191 14.47 49.29 11.25
N LYS D 192 15.68 49.63 10.86
CA LYS D 192 16.81 49.62 11.78
C LYS D 192 16.63 50.59 12.94
N ASP D 193 15.70 51.54 12.81
CA ASP D 193 15.45 52.52 13.86
C ASP D 193 14.66 51.93 15.03
N ASP D 194 14.08 50.76 14.83
CA ASP D 194 13.32 50.09 15.88
C ASP D 194 14.25 49.34 16.83
N ILE D 195 15.46 49.05 16.37
CA ILE D 195 16.32 48.11 17.05
C ILE D 195 16.70 48.54 18.47
N GLU D 196 17.19 49.76 18.61
CA GLU D 196 17.60 50.22 19.93
C GLU D 196 16.44 50.28 20.94
N PRO D 197 15.30 50.90 20.58
CA PRO D 197 14.23 50.88 21.59
C PRO D 197 13.72 49.47 21.92
N LEU D 198 13.73 48.56 20.96
CA LEU D 198 13.30 47.20 21.23
C LEU D 198 14.23 46.51 22.22
N ALA D 199 15.53 46.67 22.01
CA ALA D 199 16.53 46.04 22.88
C ALA D 199 16.43 46.57 24.32
N ASN D 200 16.14 47.85 24.45
CA ASN D 200 15.93 48.46 25.75
C ASN D 200 14.70 47.89 26.44
N HIS D 201 13.66 47.68 25.64
CA HIS D 201 12.40 47.16 26.15
C HIS D 201 12.59 45.77 26.71
N LEU D 202 13.40 44.96 26.04
CA LEU D 202 13.65 43.59 26.48
C LEU D 202 14.49 43.59 27.74
N ILE D 203 15.43 44.54 27.83
CA ILE D 203 16.23 44.69 29.04
C ILE D 203 15.34 45.12 30.18
N GLU D 204 14.52 46.12 29.94
CA GLU D 204 13.62 46.60 30.93
C GLU D 204 12.79 45.44 31.40
N ARG D 205 12.21 44.72 30.45
CA ARG D 205 11.30 43.67 30.81
C ARG D 205 12.01 42.61 31.57
N HIS D 206 13.03 42.05 30.94
CA HIS D 206 13.74 40.94 31.51
C HIS D 206 14.60 41.31 32.68
N CYS D 207 14.09 42.14 33.58
CA CYS D 207 14.84 42.49 34.75
C CYS D 207 13.93 43.32 35.59
N LYS D 208 12.74 43.46 35.08
CA LYS D 208 11.59 43.84 35.88
C LYS D 208 11.03 42.57 36.52
N LYS D 209 11.16 41.46 35.79
CA LYS D 209 10.68 40.16 36.27
C LYS D 209 11.76 39.43 37.07
N LEU D 210 12.78 40.15 37.50
CA LEU D 210 13.81 39.58 38.36
C LEU D 210 13.74 40.23 39.74
N GLY D 211 14.89 40.30 40.42
CA GLY D 211 14.96 40.93 41.72
C GLY D 211 14.95 42.44 41.64
N LEU D 212 14.26 42.95 40.62
CA LEU D 212 14.20 44.38 40.33
C LEU D 212 15.58 45.04 40.34
N PRO D 213 16.54 44.52 39.55
CA PRO D 213 17.79 45.26 39.52
C PRO D 213 17.64 46.52 38.66
N VAL D 214 18.76 47.07 38.18
CA VAL D 214 18.71 48.26 37.33
C VAL D 214 19.54 48.07 36.06
N PRO D 215 18.98 48.47 34.91
CA PRO D 215 19.55 48.29 33.56
C PRO D 215 20.70 49.24 33.20
N SER D 216 21.13 49.18 31.93
CA SER D 216 22.19 50.02 31.38
C SER D 216 22.27 49.73 29.88
N ILE D 217 23.36 50.16 29.22
CA ILE D 217 23.73 49.83 27.81
C ILE D 217 24.79 50.80 27.24
N ALA D 218 25.76 50.28 26.50
CA ALA D 218 26.92 51.08 26.05
C ALA D 218 26.91 51.40 24.55
N PRO D 219 27.38 52.61 24.20
CA PRO D 219 27.44 53.12 22.82
C PRO D 219 27.97 52.12 21.80
N ASN D 220 29.12 51.52 22.07
CA ASN D 220 29.75 50.65 21.09
C ASN D 220 28.97 49.36 20.86
N ALA D 221 28.16 48.98 21.85
CA ALA D 221 27.32 47.77 21.76
C ALA D 221 26.11 48.03 20.87
N ILE D 222 25.53 49.22 21.02
CA ILE D 222 24.47 49.69 20.14
C ILE D 222 24.88 49.53 18.68
N THR D 223 26.05 50.08 18.36
CA THR D 223 26.58 50.06 17.00
C THR D 223 26.64 48.63 16.50
N LYS D 224 27.19 47.75 17.33
CA LYS D 224 27.25 46.33 17.04
C LYS D 224 25.86 45.81 16.68
N LEU D 225 24.89 46.12 17.52
CA LEU D 225 23.52 45.67 17.30
C LEU D 225 22.95 46.25 15.99
N LEU D 226 23.25 47.52 15.73
CA LEU D 226 22.67 48.22 14.59
C LEU D 226 23.20 47.75 13.25
N ASN D 227 24.42 47.21 13.24
CA ASN D 227 25.11 46.85 12.01
C ASN D 227 25.05 45.36 11.72
N TYR D 228 24.15 44.68 12.38
CA TYR D 228 23.91 43.28 12.15
C TYR D 228 22.58 43.15 11.46
N PRO D 229 22.52 42.29 10.47
CA PRO D 229 21.35 42.18 9.62
C PRO D 229 20.16 41.46 10.23
N TRP D 230 20.35 40.78 11.34
CA TRP D 230 19.27 40.07 12.04
C TRP D 230 18.47 39.08 11.22
N PRO D 231 19.13 38.08 10.69
CA PRO D 231 18.41 37.06 9.96
C PRO D 231 17.27 36.48 10.77
N GLY D 232 17.35 36.49 12.08
CA GLY D 232 16.29 35.96 12.88
C GLY D 232 15.33 36.98 13.40
N ASN D 233 15.53 38.22 13.00
CA ASN D 233 14.69 39.29 13.44
C ASN D 233 14.56 39.36 14.94
N VAL D 234 13.36 39.62 15.43
CA VAL D 234 13.16 39.89 16.83
C VAL D 234 13.51 38.74 17.74
N ARG D 235 13.23 37.55 17.28
CA ARG D 235 13.53 36.40 18.05
C ARG D 235 15.01 36.35 18.38
N GLU D 236 15.84 36.59 17.38
CA GLU D 236 17.30 36.54 17.52
C GLU D 236 17.82 37.69 18.40
N LEU D 237 17.22 38.87 18.23
CA LEU D 237 17.57 40.01 19.07
C LEU D 237 17.34 39.69 20.54
N ASP D 238 16.20 39.07 20.81
CA ASP D 238 15.87 38.67 22.18
C ASP D 238 16.88 37.68 22.76
N ASN D 239 17.34 36.73 21.94
CA ASN D 239 18.38 35.83 22.41
C ASN D 239 19.65 36.58 22.76
N VAL D 240 20.05 37.47 21.86
CA VAL D 240 21.29 38.19 22.01
C VAL D 240 21.22 39.04 23.28
N VAL D 241 20.08 39.67 23.53
CA VAL D 241 19.96 40.57 24.66
C VAL D 241 19.98 39.82 26.00
N GLN D 242 19.16 38.77 26.07
CA GLN D 242 19.14 37.88 27.21
C GLN D 242 20.56 37.35 27.48
N ARG D 243 21.20 36.86 26.42
CA ARG D 243 22.56 36.34 26.51
C ARG D 243 23.51 37.38 27.04
N ALA D 244 23.39 38.61 26.55
CA ALA D 244 24.27 39.69 26.99
C ALA D 244 24.05 40.00 28.47
N LEU D 245 22.80 39.93 28.92
CA LEU D 245 22.45 40.17 30.32
C LEU D 245 23.09 39.13 31.23
N ILE D 246 23.01 37.87 30.80
CA ILE D 246 23.68 36.79 31.51
C ILE D 246 25.18 37.04 31.57
N LEU D 247 25.75 37.42 30.42
CA LEU D 247 27.18 37.65 30.29
C LEU D 247 27.66 38.79 31.17
N SER D 248 26.74 39.60 31.68
CA SER D 248 27.09 40.63 32.65
C SER D 248 25.98 40.85 33.68
N GLU D 249 25.63 42.12 33.82
CA GLU D 249 24.38 42.60 34.43
C GLU D 249 24.37 44.14 34.42
N ASN D 250 25.38 44.72 33.77
CA ASN D 250 25.51 46.17 33.56
C ASN D 250 26.37 46.48 32.34
N GLY D 251 26.23 47.68 31.77
CA GLY D 251 26.99 48.08 30.58
C GLY D 251 26.96 47.02 29.48
N HIS D 252 27.82 47.13 28.46
CA HIS D 252 27.99 46.05 27.47
C HIS D 252 29.27 46.09 26.60
N ILE D 253 29.14 45.48 25.40
CA ILE D 253 30.14 45.26 24.33
C ILE D 253 30.09 43.76 24.00
N GLN D 254 29.67 43.00 25.02
CA GLN D 254 29.53 41.55 25.02
C GLN D 254 28.22 41.10 24.34
N SER D 255 28.08 41.50 23.09
CA SER D 255 26.95 41.11 22.27
C SER D 255 27.49 40.06 21.31
N GLU D 256 26.79 38.93 21.18
CA GLU D 256 27.34 37.83 20.41
C GLU D 256 26.54 37.39 19.19
N HIS D 257 27.19 37.41 18.04
CA HIS D 257 27.02 36.35 17.04
C HIS D 257 28.33 36.10 16.28
N ILE D 258 29.45 36.41 16.95
CA ILE D 258 30.83 36.36 16.42
C ILE D 258 30.95 36.31 14.90
N MET E 17 35.60 16.16 35.69
CA MET E 17 36.80 15.43 35.98
C MET E 17 37.92 16.42 36.12
N VAL E 18 37.88 17.18 37.19
CA VAL E 18 38.86 18.23 37.42
C VAL E 18 38.92 19.20 36.22
N VAL E 19 39.34 18.72 35.06
CA VAL E 19 39.42 19.58 33.88
C VAL E 19 40.61 20.51 33.96
N ALA E 20 41.31 20.67 32.85
CA ALA E 20 42.52 21.46 32.88
C ALA E 20 42.79 22.27 31.62
N ASP E 21 42.51 21.73 30.45
CA ASP E 21 42.74 22.48 29.24
C ASP E 21 42.13 23.84 29.32
N THR E 22 42.78 24.80 28.68
CA THR E 22 42.42 26.20 28.74
C THR E 22 41.03 26.43 28.22
N LYS E 23 40.73 25.83 27.09
CA LYS E 23 39.42 25.92 26.50
C LYS E 23 38.37 25.57 27.52
N SER E 24 38.52 24.43 28.14
CA SER E 24 37.52 23.92 29.03
C SER E 24 37.28 24.77 30.25
N LEU E 25 38.33 25.34 30.79
CA LEU E 25 38.21 26.21 31.95
C LEU E 25 37.37 27.45 31.63
N LYS E 26 37.48 27.91 30.40
CA LYS E 26 36.67 29.04 29.97
C LYS E 26 35.22 28.65 29.82
N LEU E 27 34.97 27.50 29.26
CA LEU E 27 33.60 27.02 29.14
C LEU E 27 32.98 26.87 30.53
N LEU E 28 33.70 26.32 31.47
CA LEU E 28 33.16 26.22 32.81
C LEU E 28 32.94 27.57 33.45
N ALA E 29 33.79 28.52 33.13
CA ALA E 29 33.59 29.91 33.55
C ALA E 29 32.30 30.48 32.97
N LEU E 30 32.04 30.20 31.70
CA LEU E 30 30.77 30.58 31.07
C LEU E 30 29.59 29.84 31.72
N ALA E 31 29.79 28.56 32.00
CA ALA E 31 28.77 27.74 32.62
C ALA E 31 28.35 28.33 33.97
N ASP E 32 29.32 28.84 34.72
CA ASP E 32 29.03 29.43 36.02
C ASP E 32 28.18 30.70 35.91
N LYS E 33 28.42 31.49 34.88
CA LYS E 33 27.61 32.65 34.68
C LYS E 33 26.17 32.26 34.41
N VAL E 34 25.94 31.31 33.52
CA VAL E 34 24.57 30.96 33.17
C VAL E 34 23.93 30.09 34.26
N ALA E 35 24.76 29.44 35.07
CA ALA E 35 24.25 28.58 36.13
C ALA E 35 23.43 29.36 37.13
N LYS E 36 23.86 30.57 37.45
CA LYS E 36 23.15 31.37 38.41
C LYS E 36 21.83 31.83 37.92
N THR E 37 21.54 31.61 36.65
CA THR E 37 20.26 32.00 36.13
C THR E 37 19.31 30.84 35.84
N ASP E 38 18.14 31.16 35.35
CA ASP E 38 17.15 30.16 35.04
C ASP E 38 17.07 29.87 33.56
N ALA E 39 18.06 30.31 32.82
CA ALA E 39 18.06 30.17 31.39
C ALA E 39 18.25 28.74 30.89
N ASN E 40 17.61 28.45 29.78
CA ASN E 40 17.81 27.20 29.13
C ASN E 40 19.19 27.20 28.56
N VAL E 41 19.91 26.14 28.79
CA VAL E 41 21.25 25.98 28.28
C VAL E 41 21.36 24.86 27.26
N MET E 42 21.88 25.16 26.09
CA MET E 42 22.13 24.15 25.10
C MET E 42 23.60 23.86 24.96
N ILE E 43 23.94 22.60 25.08
CA ILE E 43 25.30 22.13 24.98
C ILE E 43 25.54 21.35 23.71
N LEU E 44 26.30 21.95 22.81
CA LEU E 44 26.67 21.33 21.56
C LEU E 44 27.98 20.62 21.72
N GLY E 45 28.38 19.93 20.67
CA GLY E 45 29.59 19.15 20.70
C GLY E 45 29.26 17.74 20.38
N PRO E 46 30.26 16.90 20.26
CA PRO E 46 30.04 15.51 19.91
C PRO E 46 29.42 14.73 21.04
N SER E 47 28.73 13.67 20.69
CA SER E 47 28.15 12.81 21.69
C SER E 47 29.28 12.03 22.30
N GLY E 48 29.10 11.62 23.54
CA GLY E 48 30.10 10.84 24.21
C GLY E 48 31.40 11.59 24.38
N SER E 49 31.31 12.87 24.69
CA SER E 49 32.45 13.71 24.89
C SER E 49 32.40 14.39 26.22
N GLY E 50 31.68 13.82 27.15
CA GLY E 50 31.65 14.36 28.50
C GLY E 50 30.67 15.48 28.80
N LYS E 51 29.65 15.64 27.98
CA LYS E 51 28.63 16.67 28.20
C LYS E 51 27.91 16.50 29.52
N GLU E 52 27.87 15.27 30.00
CA GLU E 52 27.16 14.93 31.23
C GLU E 52 27.73 15.73 32.41
N VAL E 53 29.02 16.04 32.34
CA VAL E 53 29.69 16.74 33.41
C VAL E 53 29.36 18.23 33.37
N MET E 54 29.21 18.76 32.17
CA MET E 54 28.81 20.14 31.98
C MET E 54 27.40 20.36 32.55
N SER E 55 26.49 19.46 32.23
CA SER E 55 25.10 19.57 32.66
C SER E 55 24.98 19.46 34.18
N ARG E 56 25.63 18.45 34.72
CA ARG E 56 25.69 18.24 36.15
C ARG E 56 26.28 19.44 36.87
N TYR E 57 27.40 19.92 36.35
CA TYR E 57 28.07 21.07 36.91
C TYR E 57 27.15 22.29 36.98
N ILE E 58 26.50 22.60 35.86
CA ILE E 58 25.53 23.69 35.85
C ILE E 58 24.48 23.53 36.97
N HIS E 59 23.90 22.34 37.11
CA HIS E 59 22.89 22.13 38.15
C HIS E 59 23.47 22.43 39.53
N ASN E 60 24.66 21.90 39.79
CA ASN E 60 25.23 21.99 41.13
C ASN E 60 25.75 23.38 41.41
N ALA E 61 25.92 24.17 40.36
CA ALA E 61 26.32 25.56 40.50
C ALA E 61 25.11 26.50 40.60
N SER E 62 23.93 26.02 40.20
CA SER E 62 22.70 26.83 40.18
C SER E 62 22.06 26.96 41.56
N PRO E 63 21.13 27.91 41.74
CA PRO E 63 20.35 27.99 42.97
C PRO E 63 19.49 26.75 43.23
N ARG E 64 19.27 25.95 42.20
CA ARG E 64 18.40 24.77 42.32
C ARG E 64 19.21 23.53 42.66
N LYS E 65 20.47 23.75 43.02
CA LYS E 65 21.43 22.65 43.17
C LYS E 65 21.00 21.56 44.14
N GLU E 66 20.12 21.88 45.09
CA GLU E 66 19.70 20.86 46.04
C GLU E 66 18.44 20.13 45.53
N GLY E 67 17.86 20.63 44.45
CA GLY E 67 16.68 20.00 43.88
C GLY E 67 17.02 18.82 42.98
N PRO E 68 16.00 18.12 42.47
CA PRO E 68 16.31 16.94 41.66
C PRO E 68 16.98 17.28 40.34
N PHE E 69 17.81 16.36 39.88
CA PHE E 69 18.47 16.46 38.60
C PHE E 69 18.05 15.25 37.77
N ILE E 70 17.32 15.50 36.71
CA ILE E 70 16.71 14.43 35.95
C ILE E 70 17.26 14.45 34.53
N ALA E 71 17.78 13.30 34.11
CA ALA E 71 18.37 13.21 32.78
C ALA E 71 17.60 12.20 31.97
N ILE E 72 17.41 12.48 30.69
CA ILE E 72 16.89 11.48 29.75
C ILE E 72 17.68 11.56 28.44
N ASN E 73 18.00 10.40 27.86
CA ASN E 73 18.63 10.38 26.57
C ASN E 73 17.60 10.11 25.47
N CYS E 74 17.19 11.17 24.79
CA CYS E 74 16.20 11.09 23.71
C CYS E 74 16.60 10.17 22.55
N ALA E 75 17.87 9.81 22.45
CA ALA E 75 18.31 8.93 21.39
C ALA E 75 18.44 7.48 21.84
N ALA E 76 17.91 7.16 23.02
CA ALA E 76 18.14 5.81 23.54
C ALA E 76 16.87 5.14 24.10
N ILE E 77 15.71 5.78 23.97
CA ILE E 77 14.48 5.18 24.50
C ILE E 77 13.83 4.23 23.50
N PRO E 78 13.83 2.92 23.82
CA PRO E 78 13.24 1.88 22.98
C PRO E 78 11.73 2.00 22.84
N ASP E 79 11.17 1.27 21.87
CA ASP E 79 9.74 1.10 21.74
C ASP E 79 8.99 2.40 21.58
N ASN E 80 9.66 3.40 21.03
CA ASN E 80 9.10 4.71 20.86
C ASN E 80 8.43 5.24 22.07
N MET E 81 9.03 5.05 23.22
CA MET E 81 8.44 5.49 24.44
C MET E 81 8.92 6.83 24.93
N LEU E 82 9.74 7.52 24.14
CA LEU E 82 10.29 8.84 24.51
C LEU E 82 9.22 9.85 24.98
N GLU E 83 8.17 10.04 24.19
CA GLU E 83 7.11 10.99 24.52
C GLU E 83 6.41 10.59 25.81
N ALA E 84 6.11 9.31 25.90
CA ALA E 84 5.46 8.77 27.08
C ALA E 84 6.27 9.04 28.36
N THR E 85 7.57 8.82 28.34
CA THR E 85 8.35 9.02 29.56
C THR E 85 8.59 10.51 29.84
N LEU E 86 8.66 11.34 28.80
CA LEU E 86 8.77 12.79 29.03
C LEU E 86 7.52 13.37 29.67
N PHE E 87 6.36 13.04 29.10
CA PHE E 87 5.12 13.69 29.51
C PHE E 87 4.34 12.86 30.54
N GLY E 88 4.69 11.59 30.68
CA GLY E 88 3.89 10.71 31.51
C GLY E 88 2.61 10.41 30.77
N TYR E 89 1.76 9.59 31.39
CA TYR E 89 0.53 9.15 30.74
C TYR E 89 -0.46 8.57 31.75
N GLU E 90 -1.72 8.58 31.35
CA GLU E 90 -2.79 7.96 32.13
C GLU E 90 -3.00 6.55 31.62
N LYS E 91 -3.61 5.72 32.45
CA LYS E 91 -4.01 4.39 32.05
C LYS E 91 -4.87 4.47 30.78
N GLY E 92 -4.52 3.71 29.77
CA GLY E 92 -5.28 3.72 28.55
C GLY E 92 -4.90 4.73 27.50
N ALA E 93 -3.89 5.53 27.77
CA ALA E 93 -3.52 6.59 26.86
C ALA E 93 -3.07 6.03 25.53
N PHE E 94 -2.62 4.81 25.55
CA PHE E 94 -2.11 4.17 24.37
C PHE E 94 -1.99 2.70 24.62
N THR E 95 -1.97 1.96 23.54
CA THR E 95 -1.92 0.53 23.61
C THR E 95 -0.75 0.09 24.44
N GLY E 96 -1.02 -0.41 25.62
CA GLY E 96 0.02 -0.82 26.52
C GLY E 96 0.05 0.01 27.77
N ALA E 97 -0.64 1.11 27.76
CA ALA E 97 -0.72 1.95 28.92
C ALA E 97 -1.68 1.37 29.94
N VAL E 98 -1.19 0.44 30.73
CA VAL E 98 -2.03 -0.20 31.70
C VAL E 98 -1.79 0.36 33.07
N GLN E 99 -1.38 1.60 33.11
CA GLN E 99 -0.99 2.26 34.34
C GLN E 99 -0.88 3.78 34.18
N ALA E 100 -1.15 4.54 35.24
CA ALA E 100 -0.77 5.94 35.23
C ALA E 100 0.71 6.05 35.56
N CYS E 101 1.39 7.06 35.01
CA CYS E 101 2.82 7.17 35.19
C CYS E 101 3.24 8.63 35.05
N PRO E 102 3.95 9.16 36.05
CA PRO E 102 4.38 10.56 35.98
C PRO E 102 5.54 10.75 35.01
N GLY E 103 5.58 11.90 34.34
CA GLY E 103 6.64 12.21 33.40
C GLY E 103 7.93 12.67 34.06
N LYS E 104 8.96 12.85 33.25
CA LYS E 104 10.25 13.28 33.77
C LYS E 104 10.19 14.76 34.19
N PHE E 105 9.37 15.55 33.50
CA PHE E 105 9.22 16.94 33.92
C PHE E 105 8.67 17.04 35.35
N GLU E 106 7.62 16.28 35.67
CA GLU E 106 7.07 16.21 37.03
C GLU E 106 8.15 15.85 38.05
N GLN E 107 9.00 14.88 37.69
CA GLN E 107 10.03 14.41 38.61
C GLN E 107 11.12 15.47 38.80
N ALA E 108 11.23 16.39 37.85
CA ALA E 108 12.26 17.42 37.92
C ALA E 108 11.79 18.69 38.64
N GLN E 109 10.63 18.61 39.28
CA GLN E 109 10.03 19.79 39.90
C GLN E 109 10.92 20.42 40.97
N GLY E 110 11.24 21.70 40.79
CA GLY E 110 12.10 22.42 41.71
C GLY E 110 13.58 22.21 41.40
N GLY E 111 13.85 21.68 40.22
CA GLY E 111 15.20 21.34 39.88
C GLY E 111 15.44 21.51 38.41
N THR E 112 16.10 20.51 37.83
CA THR E 112 16.64 20.62 36.49
C THR E 112 16.38 19.34 35.71
N ILE E 113 16.08 19.51 34.42
CA ILE E 113 15.99 18.37 33.55
C ILE E 113 16.99 18.51 32.42
N LEU E 114 17.66 17.40 32.10
CA LEU E 114 18.58 17.37 30.98
C LEU E 114 17.97 16.56 29.84
N LEU E 115 17.70 17.23 28.73
CA LEU E 115 17.22 16.56 27.53
C LEU E 115 18.41 16.30 26.60
N ASP E 116 19.03 15.14 26.78
CA ASP E 116 20.19 14.74 26.01
C ASP E 116 19.79 14.35 24.60
N GLU E 117 20.56 14.81 23.64
CA GLU E 117 20.34 14.48 22.25
C GLU E 117 18.96 14.89 21.77
N ILE E 118 18.64 16.16 21.92
CA ILE E 118 17.33 16.68 21.64
C ILE E 118 17.00 16.68 20.18
N SER E 119 18.00 16.67 19.35
CA SER E 119 17.79 16.74 17.92
C SER E 119 17.00 15.53 17.37
N GLU E 120 16.83 14.54 18.21
CA GLU E 120 16.20 13.32 17.77
C GLU E 120 14.69 13.32 17.90
N MET E 121 14.12 14.25 18.64
CA MET E 121 12.67 14.38 18.75
C MET E 121 12.05 14.62 17.38
N ASP E 122 11.01 13.88 17.06
CA ASP E 122 10.23 14.19 15.86
C ASP E 122 9.56 15.57 16.03
N LEU E 123 9.09 16.10 14.92
CA LEU E 123 8.51 17.45 14.90
C LEU E 123 7.28 17.58 15.79
N ASN E 124 6.45 16.54 15.89
CA ASN E 124 5.26 16.63 16.74
C ASN E 124 5.64 16.73 18.20
N LEU E 125 6.66 15.98 18.59
CA LEU E 125 7.13 16.00 19.95
C LEU E 125 7.75 17.36 20.27
N GLN E 126 8.49 17.92 19.30
CA GLN E 126 9.06 19.26 19.45
C GLN E 126 7.99 20.32 19.74
N ALA E 127 6.88 20.24 19.02
CA ALA E 127 5.76 21.17 19.25
C ALA E 127 5.21 21.02 20.67
N LYS E 128 5.11 19.78 21.15
CA LYS E 128 4.66 19.55 22.53
C LYS E 128 5.66 20.12 23.53
N LEU E 129 6.96 19.96 23.26
CA LEU E 129 7.99 20.53 24.12
C LEU E 129 7.93 22.05 24.13
N LEU E 130 7.70 22.64 22.96
CA LEU E 130 7.65 24.08 22.85
C LEU E 130 6.55 24.61 23.75
N ARG E 131 5.42 23.92 23.75
CA ARG E 131 4.29 24.30 24.58
C ARG E 131 4.67 24.26 26.08
N VAL E 132 5.36 23.21 26.50
CA VAL E 132 5.80 23.11 27.89
C VAL E 132 6.69 24.28 28.26
N LEU E 133 7.60 24.63 27.36
CA LEU E 133 8.53 25.72 27.64
C LEU E 133 7.79 27.05 27.73
N GLN E 134 6.79 27.22 26.87
CA GLN E 134 6.06 28.47 26.80
C GLN E 134 5.12 28.65 27.98
N GLU E 135 4.36 27.62 28.30
CA GLU E 135 3.34 27.72 29.31
C GLU E 135 3.85 27.28 30.68
N ARG E 136 4.98 26.58 30.71
CA ARG E 136 5.51 26.05 31.98
C ARG E 136 4.44 25.19 32.65
N GLU E 137 3.79 24.38 31.84
CA GLU E 137 2.91 23.35 32.34
C GLU E 137 3.00 22.17 31.40
N VAL E 138 2.46 21.06 31.84
CA VAL E 138 2.60 19.82 31.09
C VAL E 138 1.36 18.98 31.33
N GLU E 139 0.94 18.28 30.29
CA GLU E 139 -0.18 17.36 30.37
C GLU E 139 0.37 15.97 30.16
N ARG E 140 -0.09 15.01 30.94
CA ARG E 140 0.23 13.63 30.64
C ARG E 140 -0.55 13.18 29.40
N LEU E 141 -0.02 12.21 28.66
CA LEU E 141 -0.77 11.65 27.53
C LEU E 141 -2.10 11.07 28.02
N GLY E 142 -3.14 11.22 27.20
CA GLY E 142 -4.44 10.67 27.52
C GLY E 142 -5.13 11.46 28.61
N SER E 143 -4.51 12.56 29.02
CA SER E 143 -5.10 13.45 30.01
C SER E 143 -5.30 14.85 29.42
N ARG E 144 -6.08 15.66 30.08
CA ARG E 144 -6.18 17.04 29.67
C ARG E 144 -6.12 17.93 30.87
N LYS E 145 -5.36 17.51 31.85
CA LYS E 145 -5.10 18.27 33.06
C LYS E 145 -3.71 18.87 33.03
N SER E 146 -3.63 20.17 33.26
CA SER E 146 -2.34 20.86 33.25
C SER E 146 -1.65 20.82 34.61
N ILE E 147 -0.37 20.48 34.60
CA ILE E 147 0.43 20.51 35.82
C ILE E 147 1.42 21.66 35.76
N LYS E 148 1.30 22.61 36.68
CA LYS E 148 2.25 23.72 36.75
C LYS E 148 3.66 23.21 37.02
N LEU E 149 4.64 23.81 36.36
CA LEU E 149 6.01 23.35 36.40
C LEU E 149 7.00 24.42 36.81
N ASP E 150 7.84 24.10 37.77
CA ASP E 150 9.01 24.92 38.07
C ASP E 150 10.27 24.08 37.78
N VAL E 151 10.66 24.01 36.51
CA VAL E 151 11.77 23.15 36.11
C VAL E 151 12.75 23.91 35.23
N ARG E 152 14.03 23.85 35.57
CA ARG E 152 15.07 24.43 34.73
C ARG E 152 15.51 23.43 33.66
N VAL E 153 15.60 23.90 32.42
CA VAL E 153 15.85 23.00 31.29
C VAL E 153 17.26 23.12 30.71
N LEU E 154 17.93 21.99 30.62
CA LEU E 154 19.21 21.85 29.94
C LEU E 154 19.04 20.90 28.76
N ALA E 155 19.81 21.12 27.70
CA ALA E 155 19.67 20.28 26.51
C ALA E 155 21.00 20.04 25.85
N THR E 156 21.00 19.09 24.93
CA THR E 156 22.22 18.63 24.28
C THR E 156 21.94 18.25 22.83
N SER E 157 22.87 18.55 21.94
CA SER E 157 22.77 18.05 20.59
C SER E 157 24.17 17.87 20.00
N ASN E 158 24.32 16.86 19.17
CA ASN E 158 25.59 16.69 18.45
C ASN E 158 25.45 17.15 17.00
N ARG E 159 24.30 17.73 16.70
CA ARG E 159 24.04 18.39 15.42
C ARG E 159 24.14 19.90 15.62
N ASP E 160 24.51 20.59 14.55
CA ASP E 160 24.26 22.02 14.45
C ASP E 160 22.75 22.21 14.27
N LEU E 161 22.10 22.83 15.25
CA LEU E 161 20.64 22.85 15.21
C LEU E 161 20.12 23.90 14.25
N LYS E 162 20.87 24.98 14.04
CA LYS E 162 20.43 26.00 13.09
C LYS E 162 20.27 25.32 11.71
N GLN E 163 21.30 24.58 11.30
CA GLN E 163 21.23 23.84 10.03
C GLN E 163 20.09 22.83 10.01
N TYR E 164 19.86 22.16 11.13
CA TYR E 164 18.76 21.19 11.23
C TYR E 164 17.42 21.92 11.05
N VAL E 165 17.35 23.16 11.52
CA VAL E 165 16.17 23.97 11.27
C VAL E 165 16.03 24.30 9.79
N GLN E 166 17.13 24.70 9.16
CA GLN E 166 17.10 25.08 7.75
C GLN E 166 16.80 23.89 6.83
N ALA E 167 16.98 22.68 7.35
CA ALA E 167 16.69 21.46 6.61
C ALA E 167 15.24 20.95 6.83
N GLY E 168 14.47 21.67 7.64
CA GLY E 168 13.08 21.33 7.90
C GLY E 168 12.85 20.24 8.95
N HIS E 169 13.87 19.94 9.75
CA HIS E 169 13.77 18.82 10.71
C HIS E 169 13.63 19.29 12.12
N PHE E 170 13.68 20.59 12.35
CA PHE E 170 13.63 21.11 13.70
C PHE E 170 12.91 22.44 13.69
N ARG E 171 12.09 22.67 14.70
CA ARG E 171 11.26 23.85 14.74
C ARG E 171 12.15 25.07 14.94
N GLU E 172 11.88 26.12 14.18
CA GLU E 172 12.63 27.35 14.34
C GLU E 172 12.32 28.01 15.69
N ASP E 173 11.04 28.06 16.08
CA ASP E 173 10.69 28.72 17.34
C ASP E 173 11.30 27.96 18.52
N LEU E 174 11.33 26.65 18.44
CA LEU E 174 11.95 25.87 19.46
C LEU E 174 13.44 26.10 19.51
N TYR E 175 14.07 26.14 18.36
CA TYR E 175 15.49 26.46 18.28
C TYR E 175 15.79 27.77 19.02
N TYR E 176 15.04 28.81 18.72
CA TYR E 176 15.31 30.09 19.37
C TYR E 176 15.02 30.05 20.89
N ARG E 177 14.01 29.27 21.30
CA ARG E 177 13.77 29.13 22.72
C ARG E 177 14.93 28.45 23.44
N LEU E 178 15.58 27.50 22.79
CA LEU E 178 16.67 26.78 23.44
C LEU E 178 18.06 27.40 23.20
N ASN E 179 18.13 28.49 22.42
CA ASN E 179 19.41 29.01 21.95
C ASN E 179 19.94 30.26 22.67
N VAL E 180 19.40 30.57 23.83
CA VAL E 180 19.82 31.79 24.52
C VAL E 180 21.30 31.76 24.86
N PHE E 181 21.77 30.60 25.32
CA PHE E 181 23.13 30.45 25.81
C PHE E 181 23.76 29.13 25.38
N PRO E 182 24.07 28.98 24.09
CA PRO E 182 24.66 27.70 23.68
C PRO E 182 26.12 27.61 24.10
N LEU E 183 26.54 26.40 24.49
CA LEU E 183 27.93 26.14 24.88
C LEU E 183 28.42 24.95 24.08
N THR E 184 29.57 25.13 23.45
CA THR E 184 30.11 24.06 22.61
C THR E 184 31.21 23.33 23.36
N TRP E 185 30.91 22.08 23.66
CA TRP E 185 31.85 21.22 24.34
C TRP E 185 32.77 20.61 23.28
N PRO E 186 34.08 20.82 23.41
CA PRO E 186 34.95 20.43 22.29
C PRO E 186 35.25 18.94 22.27
N ALA E 187 35.55 18.45 21.07
CA ALA E 187 36.06 17.10 20.90
C ALA E 187 37.36 16.96 21.70
N LEU E 188 37.67 15.73 22.09
CA LEU E 188 38.86 15.42 22.87
C LEU E 188 40.14 16.01 22.27
N CYS E 189 40.40 15.72 20.98
CA CYS E 189 41.61 16.19 20.32
C CYS E 189 41.74 17.71 20.30
N GLU E 190 40.75 18.39 20.84
CA GLU E 190 40.74 19.84 20.84
C GLU E 190 40.80 20.38 22.23
N ARG E 191 40.85 19.51 23.21
CA ARG E 191 41.19 19.91 24.57
C ARG E 191 42.23 18.93 25.12
N LYS E 192 43.32 18.76 24.38
CA LYS E 192 44.33 17.75 24.69
C LYS E 192 44.87 17.78 26.12
N ASP E 193 44.91 18.95 26.76
CA ASP E 193 45.33 19.05 28.16
C ASP E 193 44.39 18.35 29.13
N ASP E 194 43.27 17.84 28.62
CA ASP E 194 42.28 17.20 29.47
C ASP E 194 42.40 15.69 29.44
N ILE E 195 43.19 15.17 28.51
CA ILE E 195 43.21 13.74 28.27
C ILE E 195 43.78 12.98 29.48
N GLU E 196 44.89 13.46 30.02
CA GLU E 196 45.50 12.77 31.15
C GLU E 196 44.63 12.80 32.41
N PRO E 197 44.09 13.98 32.82
CA PRO E 197 43.22 13.94 34.00
C PRO E 197 41.99 13.06 33.77
N LEU E 198 41.50 13.08 32.54
CA LEU E 198 40.34 12.30 32.18
C LEU E 198 40.65 10.81 32.28
N ALA E 199 41.73 10.40 31.64
CA ALA E 199 42.17 9.01 31.66
C ALA E 199 42.30 8.48 33.10
N ASN E 200 42.98 9.25 33.94
CA ASN E 200 43.09 8.90 35.36
C ASN E 200 41.75 8.76 36.05
N HIS E 201 40.81 9.66 35.74
CA HIS E 201 39.47 9.64 36.32
C HIS E 201 38.65 8.42 35.90
N LEU E 202 38.78 8.08 34.62
CA LEU E 202 38.14 6.90 34.05
C LEU E 202 38.66 5.62 34.74
N ILE E 203 39.98 5.49 34.82
CA ILE E 203 40.56 4.33 35.48
C ILE E 203 40.07 4.24 36.92
N GLU E 204 40.17 5.39 37.61
CA GLU E 204 39.85 5.47 39.04
C GLU E 204 38.41 5.07 39.33
N ARG E 205 37.48 5.54 38.53
CA ARG E 205 36.10 5.20 38.74
C ARG E 205 35.81 3.76 38.46
N HIS E 206 36.44 3.22 37.44
CA HIS E 206 36.27 1.85 37.04
C HIS E 206 36.78 0.90 38.10
N CYS E 207 37.94 1.22 38.65
CA CYS E 207 38.53 0.37 39.69
C CYS E 207 37.78 0.46 41.03
N LYS E 208 37.10 1.57 41.31
CA LYS E 208 36.13 1.58 42.42
C LYS E 208 35.11 0.49 42.11
N LYS E 209 35.41 -0.68 42.66
CA LYS E 209 34.96 -1.99 42.14
C LYS E 209 35.87 -3.06 42.79
N LEU E 210 36.48 -2.68 43.90
CA LEU E 210 37.43 -3.49 44.67
C LEU E 210 38.83 -3.46 44.09
N GLY E 211 38.94 -3.15 42.81
CA GLY E 211 40.23 -3.01 42.16
C GLY E 211 40.94 -1.80 42.75
N LEU E 212 42.14 -2.04 43.27
CA LEU E 212 43.04 -0.97 43.69
C LEU E 212 43.30 -0.01 42.52
N PRO E 213 43.47 1.29 42.82
CA PRO E 213 43.46 2.18 41.65
C PRO E 213 44.85 2.25 41.05
N VAL E 214 44.93 1.76 39.83
CA VAL E 214 46.19 1.63 39.15
C VAL E 214 46.85 2.98 38.79
N PRO E 215 48.09 3.18 39.26
CA PRO E 215 48.88 4.41 39.13
C PRO E 215 48.91 5.02 37.74
N SER E 216 49.07 6.34 37.79
CA SER E 216 48.65 7.27 36.76
C SER E 216 49.24 7.02 35.38
N ILE E 217 49.38 5.75 34.99
CA ILE E 217 49.73 5.43 33.62
C ILE E 217 51.20 5.83 33.39
N ALA E 218 52.01 4.93 32.83
CA ALA E 218 53.40 5.28 32.54
C ALA E 218 53.42 6.49 31.61
N PRO E 219 54.41 7.36 31.79
CA PRO E 219 54.61 8.56 30.97
C PRO E 219 54.55 8.26 29.47
N ASN E 220 55.20 7.19 29.02
CA ASN E 220 55.16 6.80 27.62
C ASN E 220 53.75 6.49 27.14
N ALA E 221 52.92 5.96 28.04
CA ALA E 221 51.55 5.68 27.69
C ALA E 221 50.75 6.97 27.58
N ILE E 222 51.14 7.99 28.36
CA ILE E 222 50.46 9.27 28.31
C ILE E 222 50.66 9.90 26.95
N THR E 223 51.91 9.94 26.51
CA THR E 223 52.24 10.52 25.22
C THR E 223 51.51 9.74 24.12
N LYS E 224 51.41 8.42 24.29
CA LYS E 224 50.70 7.61 23.31
C LYS E 224 49.23 8.03 23.29
N LEU E 225 48.66 8.21 24.48
CA LEU E 225 47.27 8.66 24.56
C LEU E 225 47.10 10.08 24.01
N LEU E 226 48.12 10.93 24.11
CA LEU E 226 47.98 12.31 23.68
C LEU E 226 48.04 12.49 22.17
N ASN E 227 48.74 11.61 21.47
CA ASN E 227 48.98 11.80 20.04
C ASN E 227 48.01 11.06 19.15
N TYR E 228 46.89 10.68 19.71
CA TYR E 228 45.83 10.06 18.98
C TYR E 228 44.74 11.08 18.88
N PRO E 229 43.96 11.02 17.82
CA PRO E 229 42.98 12.05 17.52
C PRO E 229 41.64 11.80 18.17
N TRP E 230 41.41 10.57 18.59
CA TRP E 230 40.24 10.20 19.34
C TRP E 230 38.94 10.49 18.62
N PRO E 231 38.73 9.85 17.49
CA PRO E 231 37.46 10.02 16.76
C PRO E 231 36.23 9.71 17.63
N GLY E 232 36.36 8.79 18.59
CA GLY E 232 35.25 8.44 19.47
C GLY E 232 35.28 9.19 20.80
N ASN E 233 36.18 10.16 20.90
CA ASN E 233 36.30 10.97 22.10
C ASN E 233 36.38 10.19 23.42
N VAL E 234 35.59 10.59 24.40
CA VAL E 234 35.66 10.04 25.75
C VAL E 234 35.19 8.59 25.82
N ARG E 235 34.19 8.28 25.03
CA ARG E 235 33.71 6.92 24.91
C ARG E 235 34.82 5.99 24.42
N GLU E 236 35.63 6.49 23.49
CA GLU E 236 36.70 5.68 22.93
C GLU E 236 37.82 5.56 23.94
N LEU E 237 38.13 6.67 24.61
CA LEU E 237 39.16 6.71 25.65
C LEU E 237 38.84 5.74 26.77
N ASP E 238 37.59 5.78 27.22
CA ASP E 238 37.15 4.88 28.27
C ASP E 238 37.36 3.42 27.84
N ASN E 239 37.03 3.14 26.58
CA ASN E 239 37.24 1.83 25.95
C ASN E 239 38.71 1.40 26.00
N VAL E 240 39.59 2.29 25.57
CA VAL E 240 41.01 1.99 25.48
C VAL E 240 41.60 1.75 26.85
N VAL E 241 41.22 2.60 27.79
CA VAL E 241 41.77 2.56 29.14
C VAL E 241 41.26 1.34 29.95
N GLN E 242 40.08 0.83 29.62
CA GLN E 242 39.57 -0.39 30.27
C GLN E 242 40.26 -1.60 29.70
N ARG E 243 40.51 -1.58 28.39
CA ARG E 243 41.31 -2.61 27.75
C ARG E 243 42.70 -2.66 28.38
N ALA E 244 43.27 -1.49 28.60
CA ALA E 244 44.63 -1.39 29.11
C ALA E 244 44.75 -2.12 30.46
N LEU E 245 43.83 -1.84 31.35
CA LEU E 245 43.67 -2.52 32.60
C LEU E 245 43.54 -4.03 32.48
N ILE E 246 42.92 -4.52 31.42
CA ILE E 246 42.85 -5.95 31.25
C ILE E 246 44.23 -6.49 30.91
N LEU E 247 44.91 -5.83 30.02
CA LEU E 247 46.32 -6.11 29.81
C LEU E 247 47.09 -5.62 31.08
N SER E 248 47.03 -6.40 32.15
CA SER E 248 46.77 -5.89 33.52
C SER E 248 47.50 -4.63 34.05
N GLU E 249 47.99 -4.76 35.28
CA GLU E 249 47.97 -3.59 36.15
C GLU E 249 49.16 -2.65 36.06
N ASN E 250 48.80 -1.37 35.93
CA ASN E 250 49.69 -0.22 35.76
C ASN E 250 50.14 -0.11 34.32
N GLY E 251 49.65 0.93 33.64
CA GLY E 251 49.62 1.00 32.20
C GLY E 251 50.85 1.53 31.50
N HIS E 252 51.31 0.77 30.49
CA HIS E 252 52.53 1.07 29.75
C HIS E 252 52.43 1.33 28.23
N ILE E 253 52.63 0.32 27.40
CA ILE E 253 52.16 0.35 26.03
C ILE E 253 51.26 -0.89 26.04
N GLN E 254 50.32 -0.83 26.99
CA GLN E 254 49.16 -1.69 27.01
C GLN E 254 48.00 -0.98 26.30
N SER E 255 48.30 0.18 25.72
CA SER E 255 47.31 0.99 25.00
C SER E 255 47.19 0.58 23.54
N GLU E 256 46.01 0.08 23.15
CA GLU E 256 45.74 -0.26 21.75
C GLU E 256 44.73 0.68 21.13
N HIS E 257 45.01 1.10 19.91
CA HIS E 257 44.08 1.90 19.11
C HIS E 257 43.62 1.19 17.87
N ILE E 258 44.58 0.85 17.02
CA ILE E 258 44.32 0.13 15.77
C ILE E 258 45.39 -0.95 15.61
N LEU E 259 46.36 -0.93 16.51
CA LEU E 259 47.37 -1.99 16.66
C LEU E 259 48.11 -1.77 17.97
N HIS F 16 -30.47 44.35 -7.13
CA HIS F 16 -30.33 42.93 -7.44
C HIS F 16 -29.14 42.72 -8.36
N MET F 17 -29.36 42.87 -9.67
CA MET F 17 -28.28 42.91 -10.65
C MET F 17 -28.40 44.13 -11.54
N VAL F 18 -27.60 45.14 -11.27
CA VAL F 18 -27.59 46.33 -12.09
C VAL F 18 -26.28 46.44 -12.83
N VAL F 19 -26.37 46.71 -14.11
CA VAL F 19 -25.25 46.61 -15.02
C VAL F 19 -25.45 47.55 -16.17
N ALA F 20 -24.41 47.80 -16.95
CA ALA F 20 -24.54 48.76 -18.03
C ALA F 20 -23.84 48.40 -19.30
N ASP F 21 -22.80 47.60 -19.26
CA ASP F 21 -22.17 47.21 -20.49
C ASP F 21 -23.24 46.64 -21.39
N THR F 22 -23.16 46.96 -22.67
CA THR F 22 -24.18 46.52 -23.64
C THR F 22 -24.14 45.01 -23.77
N LYS F 23 -22.94 44.45 -23.78
CA LYS F 23 -22.73 43.00 -23.76
C LYS F 23 -23.43 42.36 -22.57
N SER F 24 -23.38 43.03 -21.43
CA SER F 24 -23.97 42.48 -20.24
C SER F 24 -25.50 42.58 -20.28
N LEU F 25 -26.00 43.68 -20.83
CA LEU F 25 -27.44 43.83 -21.08
C LEU F 25 -27.99 42.77 -22.03
N LYS F 26 -27.23 42.46 -23.08
CA LYS F 26 -27.61 41.39 -23.98
C LYS F 26 -27.77 40.05 -23.23
N LEU F 27 -26.84 39.77 -22.33
CA LEU F 27 -26.88 38.53 -21.53
C LEU F 27 -28.15 38.49 -20.67
N LEU F 28 -28.50 39.61 -20.05
CA LEU F 28 -29.71 39.65 -19.23
C LEU F 28 -30.97 39.47 -20.08
N ALA F 29 -30.98 40.07 -21.27
CA ALA F 29 -32.10 39.84 -22.18
C ALA F 29 -32.22 38.34 -22.49
N LEU F 30 -31.09 37.71 -22.78
CA LEU F 30 -31.04 36.25 -22.96
C LEU F 30 -31.58 35.54 -21.73
N ALA F 31 -31.13 35.98 -20.56
CA ALA F 31 -31.55 35.39 -19.29
C ALA F 31 -33.05 35.56 -19.10
N ASP F 32 -33.59 36.68 -19.57
CA ASP F 32 -35.04 36.91 -19.54
C ASP F 32 -35.80 35.89 -20.38
N LYS F 33 -35.21 35.44 -21.48
CA LYS F 33 -35.93 34.47 -22.30
C LYS F 33 -35.98 33.10 -21.60
N VAL F 34 -34.84 32.58 -21.13
CA VAL F 34 -34.88 31.28 -20.46
C VAL F 34 -35.67 31.32 -19.19
N ALA F 35 -35.63 32.45 -18.49
CA ALA F 35 -36.32 32.58 -17.22
C ALA F 35 -37.79 32.19 -17.34
N LYS F 36 -38.39 32.47 -18.48
CA LYS F 36 -39.81 32.18 -18.65
C LYS F 36 -40.05 30.67 -18.74
N THR F 37 -39.05 29.94 -19.20
CA THR F 37 -39.14 28.48 -19.35
C THR F 37 -38.59 27.75 -18.10
N ASP F 38 -38.63 26.43 -18.13
CA ASP F 38 -38.08 25.64 -17.03
C ASP F 38 -36.78 24.90 -17.40
N ALA F 39 -36.13 25.38 -18.44
CA ALA F 39 -34.88 24.80 -18.90
C ALA F 39 -33.77 25.01 -17.89
N ASN F 40 -32.91 24.00 -17.76
CA ASN F 40 -31.64 24.15 -17.06
C ASN F 40 -30.80 25.26 -17.65
N VAL F 41 -30.25 26.10 -16.81
CA VAL F 41 -29.35 27.12 -17.31
C VAL F 41 -27.96 26.84 -16.78
N MET F 42 -26.97 26.85 -17.67
CA MET F 42 -25.57 26.80 -17.26
C MET F 42 -24.95 28.18 -17.35
N ILE F 43 -24.43 28.69 -16.23
CA ILE F 43 -23.76 29.96 -16.24
C ILE F 43 -22.23 29.79 -16.17
N LEU F 44 -21.57 30.19 -17.25
CA LEU F 44 -20.13 30.05 -17.38
C LEU F 44 -19.42 31.37 -17.04
N GLY F 45 -18.10 31.30 -16.92
CA GLY F 45 -17.30 32.48 -16.68
C GLY F 45 -16.47 32.29 -15.43
N PRO F 46 -15.58 33.23 -15.14
CA PRO F 46 -14.71 33.06 -13.97
C PRO F 46 -15.50 33.11 -12.66
N SER F 47 -14.96 32.46 -11.63
CA SER F 47 -15.58 32.47 -10.30
C SER F 47 -15.45 33.86 -9.69
N GLY F 48 -16.37 34.19 -8.80
CA GLY F 48 -16.39 35.51 -8.17
C GLY F 48 -16.46 36.61 -9.21
N SER F 49 -17.31 36.40 -10.22
CA SER F 49 -17.54 37.38 -11.26
C SER F 49 -19.00 37.81 -11.28
N GLY F 50 -19.75 37.40 -10.27
CA GLY F 50 -21.13 37.83 -10.11
C GLY F 50 -22.22 36.92 -10.63
N LYS F 51 -21.90 35.63 -10.78
CA LYS F 51 -22.88 34.67 -11.30
C LYS F 51 -24.03 34.49 -10.33
N GLU F 52 -23.82 34.89 -9.08
CA GLU F 52 -24.81 34.67 -8.04
C GLU F 52 -26.12 35.38 -8.31
N VAL F 53 -26.04 36.66 -8.66
CA VAL F 53 -27.23 37.46 -8.82
C VAL F 53 -27.96 37.16 -10.13
N MET F 54 -27.22 36.70 -11.13
CA MET F 54 -27.81 36.31 -12.41
C MET F 54 -28.70 35.09 -12.22
N SER F 55 -28.30 34.21 -11.31
CA SER F 55 -29.10 33.06 -10.95
C SER F 55 -30.37 33.51 -10.24
N ARG F 56 -30.20 34.37 -9.24
CA ARG F 56 -31.32 34.84 -8.45
C ARG F 56 -32.26 35.66 -9.33
N TYR F 57 -31.66 36.37 -10.28
CA TYR F 57 -32.40 37.11 -11.28
C TYR F 57 -33.30 36.19 -12.12
N ILE F 58 -32.74 35.09 -12.59
CA ILE F 58 -33.52 34.17 -13.42
C ILE F 58 -34.73 33.62 -12.66
N HIS F 59 -34.53 33.21 -11.41
CA HIS F 59 -35.62 32.69 -10.60
C HIS F 59 -36.71 33.73 -10.40
N ASN F 60 -36.29 34.97 -10.13
CA ASN F 60 -37.25 36.05 -9.92
C ASN F 60 -38.05 36.36 -11.17
N ALA F 61 -37.46 36.15 -12.34
CA ALA F 61 -38.17 36.44 -13.58
C ALA F 61 -39.01 35.24 -14.00
N SER F 62 -38.79 34.10 -13.36
CA SER F 62 -39.46 32.87 -13.77
C SER F 62 -40.84 32.77 -13.13
N PRO F 63 -41.70 31.88 -13.64
CA PRO F 63 -42.96 31.59 -12.94
C PRO F 63 -42.77 31.05 -11.51
N ARG F 64 -41.54 30.72 -11.12
CA ARG F 64 -41.27 30.04 -9.85
C ARG F 64 -40.78 31.03 -8.81
N LYS F 65 -40.79 32.31 -9.18
CA LYS F 65 -40.34 33.41 -8.33
C LYS F 65 -40.72 33.30 -6.85
N GLU F 66 -41.97 32.92 -6.58
CA GLU F 66 -42.42 32.81 -5.19
C GLU F 66 -42.00 31.47 -4.55
N GLY F 67 -41.58 30.52 -5.36
CA GLY F 67 -41.07 29.29 -4.84
C GLY F 67 -39.71 29.44 -4.20
N PRO F 68 -39.18 28.37 -3.66
CA PRO F 68 -37.91 28.44 -2.96
C PRO F 68 -36.70 28.51 -3.87
N PHE F 69 -35.71 29.24 -3.42
CA PHE F 69 -34.47 29.37 -4.11
C PHE F 69 -33.36 28.85 -3.21
N ILE F 70 -32.75 27.76 -3.63
CA ILE F 70 -31.75 27.09 -2.85
C ILE F 70 -30.46 27.05 -3.61
N ALA F 71 -29.38 27.42 -2.94
CA ALA F 71 -28.07 27.40 -3.56
C ALA F 71 -27.13 26.54 -2.78
N ILE F 72 -26.30 25.80 -3.48
CA ILE F 72 -25.18 25.07 -2.86
C ILE F 72 -23.89 25.33 -3.67
N ASN F 73 -22.78 25.56 -2.98
CA ASN F 73 -21.49 25.69 -3.65
C ASN F 73 -20.74 24.38 -3.58
N CYS F 74 -20.71 23.68 -4.70
CA CYS F 74 -20.08 22.35 -4.77
C CYS F 74 -18.57 22.36 -4.53
N ALA F 75 -17.94 23.52 -4.53
CA ALA F 75 -16.50 23.61 -4.33
C ALA F 75 -16.17 24.04 -2.92
N ALA F 76 -17.17 24.09 -2.05
CA ALA F 76 -16.94 24.63 -0.71
C ALA F 76 -17.54 23.80 0.42
N ILE F 77 -18.06 22.61 0.11
CA ILE F 77 -18.62 21.74 1.14
C ILE F 77 -17.53 20.89 1.80
N PRO F 78 -17.27 21.13 3.08
CA PRO F 78 -16.21 20.42 3.80
C PRO F 78 -16.55 18.95 4.08
N ASP F 79 -15.50 18.21 4.42
CA ASP F 79 -15.61 16.86 4.97
C ASP F 79 -16.32 15.90 4.01
N ASN F 80 -16.20 16.14 2.70
CA ASN F 80 -16.80 15.29 1.68
C ASN F 80 -18.33 15.15 1.82
N MET F 81 -18.96 16.20 2.34
CA MET F 81 -20.40 16.13 2.61
C MET F 81 -21.29 16.55 1.45
N LEU F 82 -20.69 16.89 0.31
CA LEU F 82 -21.45 17.33 -0.86
C LEU F 82 -22.60 16.39 -1.23
N GLU F 83 -22.30 15.11 -1.40
CA GLU F 83 -23.32 14.19 -1.89
C GLU F 83 -24.45 14.05 -0.87
N ALA F 84 -24.10 14.03 0.40
CA ALA F 84 -25.10 13.90 1.43
C ALA F 84 -25.96 15.16 1.52
N THR F 85 -25.33 16.30 1.30
CA THR F 85 -26.06 17.57 1.29
C THR F 85 -27.12 17.61 0.18
N LEU F 86 -26.77 17.19 -1.04
CA LEU F 86 -27.68 17.25 -2.20
C LEU F 86 -28.82 16.24 -2.10
N PHE F 87 -28.51 15.03 -1.70
CA PHE F 87 -29.43 13.96 -1.73
C PHE F 87 -30.11 13.69 -0.42
N GLY F 88 -29.57 14.24 0.65
CA GLY F 88 -30.05 13.90 1.97
C GLY F 88 -29.65 12.51 2.35
N TYR F 89 -30.08 12.08 3.52
CA TYR F 89 -29.74 10.78 3.99
C TYR F 89 -30.61 10.28 5.13
N GLU F 90 -30.63 8.98 5.29
CA GLU F 90 -31.28 8.36 6.41
C GLU F 90 -30.24 8.05 7.47
N LYS F 91 -30.71 7.87 8.68
CA LYS F 91 -29.86 7.57 9.80
C LYS F 91 -29.07 6.32 9.52
N GLY F 92 -27.78 6.34 9.84
CA GLY F 92 -26.93 5.20 9.53
C GLY F 92 -26.43 5.06 8.08
N ALA F 93 -26.71 6.05 7.23
CA ALA F 93 -26.32 5.93 5.81
C ALA F 93 -24.81 5.91 5.62
N PHE F 94 -24.10 6.55 6.53
CA PHE F 94 -22.65 6.60 6.50
C PHE F 94 -22.19 6.84 7.92
N THR F 95 -20.90 6.70 8.16
CA THR F 95 -20.38 6.90 9.51
C THR F 95 -20.64 8.34 9.92
N GLY F 96 -21.32 8.52 11.04
CA GLY F 96 -21.64 9.85 11.52
C GLY F 96 -23.05 10.34 11.18
N ALA F 97 -23.73 9.69 10.24
CA ALA F 97 -25.13 10.01 9.96
C ALA F 97 -26.03 9.59 11.13
N VAL F 98 -26.15 10.47 12.08
CA VAL F 98 -26.85 10.14 13.29
C VAL F 98 -28.30 10.61 13.30
N GLN F 99 -28.79 11.08 12.17
CA GLN F 99 -30.16 11.52 12.06
C GLN F 99 -30.55 11.54 10.60
N ALA F 100 -31.82 11.68 10.34
CA ALA F 100 -32.27 11.84 8.98
C ALA F 100 -32.14 13.30 8.59
N CYS F 101 -31.96 13.57 7.32
CA CYS F 101 -31.83 14.93 6.87
C CYS F 101 -32.24 15.02 5.42
N PRO F 102 -33.06 15.98 5.09
CA PRO F 102 -33.52 16.12 3.73
C PRO F 102 -32.49 16.77 2.86
N GLY F 103 -32.50 16.44 1.59
CA GLY F 103 -31.54 16.98 0.66
C GLY F 103 -31.90 18.35 0.17
N LYS F 104 -30.95 18.99 -0.48
CA LYS F 104 -31.17 20.28 -1.01
C LYS F 104 -32.23 20.27 -2.07
N PHE F 105 -32.40 19.16 -2.75
CA PHE F 105 -33.37 19.09 -3.81
C PHE F 105 -34.76 19.13 -3.25
N GLU F 106 -34.98 18.32 -2.21
CA GLU F 106 -36.22 18.32 -1.48
C GLU F 106 -36.59 19.70 -0.98
N GLN F 107 -35.61 20.49 -0.59
CA GLN F 107 -35.86 21.85 -0.12
C GLN F 107 -36.22 22.81 -1.25
N ALA F 108 -35.88 22.44 -2.49
CA ALA F 108 -36.04 23.35 -3.61
C ALA F 108 -37.36 23.10 -4.30
N GLN F 109 -38.13 22.18 -3.72
CA GLN F 109 -39.35 21.68 -4.34
C GLN F 109 -40.27 22.84 -4.73
N GLY F 110 -40.73 22.83 -5.98
CA GLY F 110 -41.60 23.89 -6.46
C GLY F 110 -40.84 25.17 -6.78
N GLY F 111 -39.52 25.12 -6.67
CA GLY F 111 -38.72 26.30 -6.91
C GLY F 111 -37.49 26.04 -7.76
N THR F 112 -36.38 26.61 -7.32
CA THR F 112 -35.15 26.57 -8.10
C THR F 112 -33.97 26.13 -7.22
N ILE F 113 -33.05 25.38 -7.82
CA ILE F 113 -31.82 25.04 -7.13
C ILE F 113 -30.62 25.49 -7.96
N LEU F 114 -29.68 26.16 -7.30
CA LEU F 114 -28.44 26.57 -7.93
C LEU F 114 -27.33 25.60 -7.51
N LEU F 115 -26.67 25.00 -8.49
CA LEU F 115 -25.56 24.14 -8.24
C LEU F 115 -24.29 24.82 -8.66
N ASP F 116 -23.68 25.54 -7.73
CA ASP F 116 -22.49 26.31 -7.98
C ASP F 116 -21.26 25.46 -8.10
N GLU F 117 -20.43 25.79 -9.07
CA GLU F 117 -19.21 25.08 -9.39
C GLU F 117 -19.47 23.61 -9.55
N ILE F 118 -20.27 23.25 -10.53
CA ILE F 118 -20.68 21.89 -10.74
C ILE F 118 -19.61 20.98 -11.29
N SER F 119 -18.59 21.55 -11.88
CA SER F 119 -17.54 20.75 -12.49
C SER F 119 -16.73 20.03 -11.40
N GLU F 120 -17.05 20.31 -10.15
CA GLU F 120 -16.26 19.76 -9.05
C GLU F 120 -16.89 18.51 -8.44
N MET F 121 -17.94 18.00 -9.06
CA MET F 121 -18.49 16.71 -8.66
C MET F 121 -17.72 15.57 -9.30
N ASP F 122 -17.44 14.52 -8.51
CA ASP F 122 -16.86 13.30 -9.07
C ASP F 122 -17.85 12.60 -10.00
N LEU F 123 -17.30 11.77 -10.87
CA LEU F 123 -18.06 11.00 -11.85
C LEU F 123 -19.27 10.25 -11.28
N ASN F 124 -19.09 9.55 -10.15
CA ASN F 124 -20.21 8.85 -9.52
C ASN F 124 -21.34 9.79 -9.10
N LEU F 125 -20.96 10.94 -8.58
CA LEU F 125 -21.94 11.91 -8.17
C LEU F 125 -22.67 12.44 -9.40
N GLN F 126 -21.96 12.54 -10.52
CA GLN F 126 -22.55 13.03 -11.77
C GLN F 126 -23.58 12.04 -12.34
N ALA F 127 -23.28 10.76 -12.19
CA ALA F 127 -24.21 9.71 -12.57
C ALA F 127 -25.50 9.85 -11.75
N LYS F 128 -25.36 10.09 -10.44
CA LYS F 128 -26.55 10.27 -9.58
C LYS F 128 -27.33 11.51 -9.98
N LEU F 129 -26.62 12.62 -10.23
CA LEU F 129 -27.29 13.83 -10.68
C LEU F 129 -28.01 13.61 -12.00
N LEU F 130 -27.38 12.83 -12.89
CA LEU F 130 -27.98 12.53 -14.18
C LEU F 130 -29.32 11.81 -13.99
N ARG F 131 -29.38 10.85 -13.07
CA ARG F 131 -30.62 10.12 -12.87
C ARG F 131 -31.70 11.06 -12.30
N VAL F 132 -31.31 11.97 -11.43
CA VAL F 132 -32.23 12.97 -10.89
C VAL F 132 -32.84 13.77 -12.04
N LEU F 133 -32.00 14.22 -12.95
CA LEU F 133 -32.44 15.06 -14.06
C LEU F 133 -33.42 14.35 -15.01
N GLN F 134 -33.14 13.09 -15.34
CA GLN F 134 -33.98 12.42 -16.31
C GLN F 134 -35.22 11.80 -15.65
N GLU F 135 -35.14 11.49 -14.37
CA GLU F 135 -36.25 10.81 -13.72
C GLU F 135 -37.15 11.77 -12.96
N ARG F 136 -36.68 12.98 -12.73
CA ARG F 136 -37.38 13.95 -11.93
C ARG F 136 -37.71 13.38 -10.56
N GLU F 137 -36.77 12.67 -9.99
CA GLU F 137 -36.92 12.14 -8.65
C GLU F 137 -35.56 11.91 -8.01
N VAL F 138 -35.58 11.83 -6.69
CA VAL F 138 -34.39 11.75 -5.89
C VAL F 138 -34.61 10.77 -4.75
N GLU F 139 -33.57 10.04 -4.39
CA GLU F 139 -33.60 9.14 -3.24
C GLU F 139 -32.48 9.52 -2.28
N ARG F 140 -32.79 9.60 -0.99
CA ARG F 140 -31.77 9.89 0.02
C ARG F 140 -30.77 8.74 0.13
N LEU F 141 -29.60 9.05 0.68
CA LEU F 141 -28.58 8.02 0.89
C LEU F 141 -29.08 7.05 1.94
N GLY F 142 -28.89 5.76 1.66
CA GLY F 142 -29.29 4.71 2.57
C GLY F 142 -30.80 4.54 2.51
N SER F 143 -31.40 4.95 1.41
CA SER F 143 -32.83 4.80 1.27
C SER F 143 -33.17 4.32 -0.14
N ARG F 144 -34.27 3.58 -0.23
CA ARG F 144 -34.70 3.02 -1.51
C ARG F 144 -35.90 3.78 -2.05
N LYS F 145 -36.46 4.65 -1.22
CA LYS F 145 -37.66 5.38 -1.59
C LYS F 145 -37.34 6.59 -2.44
N SER F 146 -38.00 6.67 -3.59
CA SER F 146 -37.82 7.79 -4.48
C SER F 146 -38.80 8.90 -4.15
N ILE F 147 -38.31 10.13 -4.14
CA ILE F 147 -39.14 11.29 -3.86
C ILE F 147 -39.34 12.11 -5.13
N LYS F 148 -40.60 12.27 -5.52
CA LYS F 148 -40.97 13.02 -6.71
C LYS F 148 -40.55 14.48 -6.58
N LEU F 149 -40.12 15.04 -7.71
CA LEU F 149 -39.42 16.32 -7.74
C LEU F 149 -39.99 17.26 -8.78
N ASP F 150 -40.30 18.49 -8.35
CA ASP F 150 -40.64 19.59 -9.25
C ASP F 150 -39.65 20.74 -9.02
N VAL F 151 -38.48 20.68 -9.64
CA VAL F 151 -37.41 21.62 -9.32
C VAL F 151 -36.68 22.10 -10.58
N ARG F 152 -36.43 23.40 -10.65
CA ARG F 152 -35.73 23.98 -11.79
C ARG F 152 -34.25 24.10 -11.48
N VAL F 153 -33.42 23.62 -12.40
CA VAL F 153 -31.99 23.51 -12.16
C VAL F 153 -31.15 24.59 -12.85
N LEU F 154 -30.40 25.32 -12.05
CA LEU F 154 -29.40 26.25 -12.51
C LEU F 154 -28.06 25.74 -12.02
N ALA F 155 -27.03 25.92 -12.85
CA ALA F 155 -25.69 25.50 -12.49
C ALA F 155 -24.70 26.52 -12.98
N THR F 156 -23.46 26.31 -12.55
CA THR F 156 -22.35 27.22 -12.73
C THR F 156 -21.09 26.40 -12.90
N SER F 157 -20.20 26.86 -13.76
CA SER F 157 -18.87 26.29 -13.86
C SER F 157 -17.91 27.38 -14.28
N ASN F 158 -16.70 27.33 -13.72
CA ASN F 158 -15.68 28.26 -14.14
C ASN F 158 -14.73 27.58 -15.12
N ARG F 159 -15.13 26.38 -15.55
CA ARG F 159 -14.39 25.59 -16.54
C ARG F 159 -15.16 25.44 -17.85
N ASP F 160 -14.41 25.31 -18.94
CA ASP F 160 -14.92 24.82 -20.21
C ASP F 160 -15.36 23.37 -20.01
N LEU F 161 -16.66 23.13 -19.99
CA LEU F 161 -17.14 21.80 -19.63
C LEU F 161 -16.98 20.79 -20.74
N LYS F 162 -17.04 21.26 -21.99
CA LYS F 162 -16.80 20.40 -23.13
C LYS F 162 -15.38 19.85 -23.04
N GLN F 163 -14.45 20.73 -22.71
CA GLN F 163 -13.06 20.35 -22.58
C GLN F 163 -12.97 19.30 -21.48
N TYR F 164 -13.69 19.55 -20.40
CA TYR F 164 -13.70 18.68 -19.23
C TYR F 164 -14.28 17.32 -19.60
N VAL F 165 -15.29 17.33 -20.47
CA VAL F 165 -15.83 16.08 -20.98
C VAL F 165 -14.78 15.32 -21.76
N GLN F 166 -14.07 16.04 -22.62
CA GLN F 166 -13.12 15.39 -23.51
C GLN F 166 -11.91 14.86 -22.75
N ALA F 167 -11.65 15.40 -21.57
CA ALA F 167 -10.56 14.94 -20.71
C ALA F 167 -11.02 13.77 -19.83
N GLY F 168 -12.28 13.35 -19.97
CA GLY F 168 -12.80 12.21 -19.23
C GLY F 168 -13.14 12.48 -17.76
N HIS F 169 -13.39 13.73 -17.40
CA HIS F 169 -13.70 14.06 -15.99
C HIS F 169 -15.17 14.44 -15.81
N PHE F 170 -15.88 14.61 -16.92
CA PHE F 170 -17.29 15.01 -16.86
C PHE F 170 -18.08 14.20 -17.86
N ARG F 171 -19.22 13.70 -17.44
CA ARG F 171 -20.00 12.83 -18.31
C ARG F 171 -20.57 13.63 -19.47
N GLU F 172 -20.58 13.01 -20.64
CA GLU F 172 -21.07 13.65 -21.85
C GLU F 172 -22.59 13.82 -21.82
N ASP F 173 -23.31 12.79 -21.39
CA ASP F 173 -24.76 12.87 -21.39
C ASP F 173 -25.25 13.95 -20.40
N LEU F 174 -24.53 14.10 -19.28
CA LEU F 174 -24.85 15.15 -18.31
C LEU F 174 -24.51 16.54 -18.86
N TYR F 175 -23.38 16.65 -19.56
CA TYR F 175 -23.02 17.89 -20.22
C TYR F 175 -24.14 18.38 -21.16
N TYR F 176 -24.63 17.51 -22.01
CA TYR F 176 -25.69 17.86 -22.94
C TYR F 176 -27.01 18.24 -22.22
N ARG F 177 -27.37 17.52 -21.17
CA ARG F 177 -28.57 17.89 -20.42
C ARG F 177 -28.42 19.23 -19.69
N LEU F 178 -27.20 19.57 -19.26
CA LEU F 178 -26.99 20.80 -18.51
C LEU F 178 -26.69 22.00 -19.41
N ASN F 179 -26.53 21.75 -20.71
CA ASN F 179 -26.03 22.76 -21.64
C ASN F 179 -26.97 23.24 -22.75
N VAL F 180 -28.28 23.20 -22.52
CA VAL F 180 -29.17 23.66 -23.55
C VAL F 180 -28.97 25.16 -23.71
N PHE F 181 -28.72 25.84 -22.60
CA PHE F 181 -28.71 27.29 -22.61
C PHE F 181 -27.57 27.91 -21.82
N PRO F 182 -26.33 27.72 -22.29
CA PRO F 182 -25.20 28.33 -21.59
C PRO F 182 -25.17 29.83 -21.77
N LEU F 183 -25.01 30.55 -20.67
CA LEU F 183 -24.71 31.97 -20.70
C LEU F 183 -23.30 32.19 -20.17
N THR F 184 -22.48 32.89 -20.92
CA THR F 184 -21.13 33.13 -20.46
C THR F 184 -21.03 34.53 -19.89
N TRP F 185 -20.74 34.57 -18.60
CA TRP F 185 -20.61 35.82 -17.88
C TRP F 185 -19.17 36.31 -18.03
N PRO F 186 -18.98 37.45 -18.71
CA PRO F 186 -17.64 37.95 -19.03
C PRO F 186 -16.82 38.28 -17.79
N ALA F 187 -15.50 38.22 -17.91
CA ALA F 187 -14.63 38.75 -16.88
C ALA F 187 -14.86 40.26 -16.80
N LEU F 188 -14.38 40.88 -15.73
CA LEU F 188 -14.59 42.29 -15.51
C LEU F 188 -13.92 43.14 -16.58
N CYS F 189 -12.74 42.73 -17.05
CA CYS F 189 -11.97 43.57 -17.98
C CYS F 189 -12.57 43.61 -19.39
N GLU F 190 -13.61 42.83 -19.65
CA GLU F 190 -14.24 42.87 -20.95
C GLU F 190 -15.70 43.31 -20.83
N ARG F 191 -16.02 43.93 -19.71
CA ARG F 191 -17.24 44.72 -19.59
C ARG F 191 -16.97 45.90 -18.65
N LYS F 192 -16.03 46.75 -19.08
CA LYS F 192 -15.56 47.87 -18.26
C LYS F 192 -16.66 48.86 -17.88
N ASP F 193 -17.75 48.89 -18.66
CA ASP F 193 -18.89 49.76 -18.35
C ASP F 193 -19.66 49.31 -17.12
N ASP F 194 -19.38 48.10 -16.64
CA ASP F 194 -20.04 47.58 -15.45
C ASP F 194 -19.31 47.95 -14.19
N ILE F 195 -18.04 48.29 -14.33
CA ILE F 195 -17.30 48.84 -13.22
C ILE F 195 -17.87 50.22 -13.02
N GLU F 196 -18.03 50.61 -11.76
CA GLU F 196 -18.62 51.85 -11.26
C GLU F 196 -20.05 51.57 -10.78
N PRO F 197 -20.98 51.15 -11.67
CA PRO F 197 -22.25 50.74 -11.04
C PRO F 197 -22.04 49.54 -10.12
N LEU F 198 -21.15 48.63 -10.51
CA LEU F 198 -20.81 47.53 -9.64
C LEU F 198 -20.21 48.05 -8.34
N ALA F 199 -19.20 48.91 -8.47
CA ALA F 199 -18.43 49.38 -7.33
C ALA F 199 -19.32 50.14 -6.38
N ASN F 200 -20.16 51.00 -6.94
CA ASN F 200 -21.15 51.71 -6.14
C ASN F 200 -22.14 50.77 -5.47
N HIS F 201 -22.55 49.72 -6.17
CA HIS F 201 -23.41 48.70 -5.56
C HIS F 201 -22.70 47.97 -4.41
N LEU F 202 -21.43 47.66 -4.59
CA LEU F 202 -20.61 47.03 -3.54
C LEU F 202 -20.51 47.94 -2.32
N ILE F 203 -20.27 49.23 -2.54
CA ILE F 203 -20.22 50.18 -1.43
C ILE F 203 -21.52 50.21 -0.66
N GLU F 204 -22.60 50.45 -1.40
CA GLU F 204 -23.95 50.49 -0.86
C GLU F 204 -24.24 49.25 0.00
N ARG F 205 -23.98 48.10 -0.56
CA ARG F 205 -24.24 46.87 0.10
C ARG F 205 -23.51 46.82 1.43
N HIS F 206 -22.22 47.08 1.39
CA HIS F 206 -21.37 46.97 2.56
C HIS F 206 -21.77 47.99 3.64
N CYS F 207 -21.99 49.26 3.27
CA CYS F 207 -22.32 50.29 4.26
C CYS F 207 -23.71 50.06 4.91
N LYS F 208 -24.69 49.67 4.12
CA LYS F 208 -26.02 49.40 4.64
C LYS F 208 -25.99 48.28 5.67
N LYS F 209 -25.20 47.25 5.39
CA LYS F 209 -25.11 46.13 6.30
C LYS F 209 -24.47 46.55 7.62
N LEU F 210 -23.55 47.52 7.56
CA LEU F 210 -22.89 48.05 8.77
C LEU F 210 -23.67 49.20 9.39
N GLY F 211 -24.75 49.63 8.75
CA GLY F 211 -25.51 50.76 9.25
C GLY F 211 -24.72 52.05 9.09
N LEU F 212 -24.20 52.25 7.90
CA LEU F 212 -23.38 53.40 7.59
C LEU F 212 -23.94 54.14 6.39
N PRO F 213 -23.82 55.47 6.41
CA PRO F 213 -24.11 56.28 5.23
C PRO F 213 -23.25 55.79 4.09
N VAL F 214 -23.79 55.75 2.88
CA VAL F 214 -22.99 55.28 1.77
C VAL F 214 -22.37 56.49 1.04
N PRO F 215 -21.04 56.49 0.95
CA PRO F 215 -20.28 57.51 0.24
C PRO F 215 -20.22 57.27 -1.28
N SER F 216 -19.67 58.24 -1.99
CA SER F 216 -19.55 58.23 -3.44
C SER F 216 -18.10 58.06 -3.83
N ILE F 217 -17.87 57.86 -5.10
CA ILE F 217 -16.53 57.65 -5.62
C ILE F 217 -16.14 58.79 -6.52
N ALA F 218 -15.13 59.55 -6.11
CA ALA F 218 -14.58 60.63 -6.93
C ALA F 218 -14.19 60.14 -8.34
N PRO F 219 -14.33 61.02 -9.33
CA PRO F 219 -14.05 60.71 -10.74
C PRO F 219 -12.67 60.08 -11.00
N ASN F 220 -11.62 60.58 -10.34
CA ASN F 220 -10.27 60.05 -10.56
C ASN F 220 -10.09 58.65 -9.95
N ALA F 221 -10.90 58.32 -8.95
CA ALA F 221 -10.88 56.98 -8.39
C ALA F 221 -11.55 56.06 -9.38
N ILE F 222 -12.67 56.53 -9.93
CA ILE F 222 -13.36 55.82 -11.01
C ILE F 222 -12.39 55.42 -12.12
N THR F 223 -11.66 56.41 -12.62
CA THR F 223 -10.67 56.19 -13.66
C THR F 223 -9.65 55.15 -13.22
N LYS F 224 -9.19 55.28 -11.99
CA LYS F 224 -8.25 54.33 -11.45
C LYS F 224 -8.87 52.93 -11.53
N LEU F 225 -10.12 52.83 -11.11
CA LEU F 225 -10.81 51.55 -11.11
C LEU F 225 -11.05 51.02 -12.52
N LEU F 226 -11.26 51.91 -13.49
CA LEU F 226 -11.57 51.48 -14.85
C LEU F 226 -10.37 50.95 -15.61
N ASN F 227 -9.17 51.40 -15.24
CA ASN F 227 -7.95 51.05 -15.99
C ASN F 227 -7.10 49.93 -15.39
N TYR F 228 -7.68 49.19 -14.46
CA TYR F 228 -7.05 48.01 -13.87
C TYR F 228 -7.73 46.77 -14.46
N PRO F 229 -6.95 45.74 -14.82
CA PRO F 229 -7.52 44.57 -15.51
C PRO F 229 -8.35 43.60 -14.62
N TRP F 230 -8.27 43.72 -13.30
CA TRP F 230 -9.06 42.88 -12.39
C TRP F 230 -8.84 41.36 -12.57
N PRO F 231 -7.62 40.89 -12.31
CA PRO F 231 -7.40 39.44 -12.35
C PRO F 231 -8.38 38.69 -11.43
N GLY F 232 -8.67 39.27 -10.26
CA GLY F 232 -9.63 38.68 -9.35
C GLY F 232 -11.07 39.07 -9.58
N ASN F 233 -11.33 39.78 -10.69
CA ASN F 233 -12.69 40.22 -11.01
C ASN F 233 -13.43 40.91 -9.84
N VAL F 234 -14.69 40.52 -9.60
CA VAL F 234 -15.55 41.24 -8.66
C VAL F 234 -15.15 41.00 -7.21
N ARG F 235 -14.69 39.78 -6.94
CA ARG F 235 -14.17 39.46 -5.62
C ARG F 235 -13.01 40.39 -5.26
N GLU F 236 -12.17 40.69 -6.25
CA GLU F 236 -11.08 41.66 -6.09
C GLU F 236 -11.64 43.08 -5.94
N LEU F 237 -12.57 43.45 -6.82
CA LEU F 237 -13.19 44.76 -6.77
C LEU F 237 -13.77 45.04 -5.39
N ASP F 238 -14.50 44.06 -4.86
CA ASP F 238 -15.18 44.21 -3.57
C ASP F 238 -14.15 44.41 -2.46
N ASN F 239 -13.03 43.73 -2.58
CA ASN F 239 -11.89 43.94 -1.69
C ASN F 239 -11.34 45.35 -1.74
N VAL F 240 -11.03 45.80 -2.95
CA VAL F 240 -10.46 47.12 -3.18
C VAL F 240 -11.36 48.18 -2.58
N VAL F 241 -12.65 47.99 -2.80
CA VAL F 241 -13.64 48.95 -2.38
C VAL F 241 -13.78 48.99 -0.85
N GLN F 242 -13.82 47.83 -0.20
CA GLN F 242 -13.87 47.79 1.26
C GLN F 242 -12.63 48.38 1.91
N ARG F 243 -11.48 48.14 1.32
CA ARG F 243 -10.24 48.75 1.77
C ARG F 243 -10.35 50.28 1.67
N ALA F 244 -10.89 50.75 0.56
CA ALA F 244 -10.99 52.19 0.30
C ALA F 244 -11.82 52.85 1.37
N LEU F 245 -12.96 52.24 1.70
CA LEU F 245 -13.81 52.71 2.80
C LEU F 245 -13.09 52.74 4.11
N ILE F 246 -12.19 51.78 4.37
CA ILE F 246 -11.44 51.88 5.60
C ILE F 246 -10.49 53.09 5.57
N LEU F 247 -9.84 53.31 4.43
CA LEU F 247 -8.90 54.41 4.32
C LEU F 247 -9.67 55.74 4.40
N SER F 248 -10.97 55.68 4.04
CA SER F 248 -12.16 56.33 4.70
C SER F 248 -13.11 57.01 3.69
N GLU F 249 -14.19 57.64 4.21
CA GLU F 249 -15.45 57.87 3.47
C GLU F 249 -15.47 59.01 2.43
N ASN F 250 -16.19 58.77 1.33
CA ASN F 250 -16.07 59.43 0.01
C ASN F 250 -14.67 59.13 -0.54
N GLY F 251 -14.61 58.24 -1.54
CA GLY F 251 -13.37 57.57 -1.92
C GLY F 251 -12.55 58.36 -2.92
N HIS F 252 -11.30 58.63 -2.58
CA HIS F 252 -10.48 59.61 -3.32
C HIS F 252 -9.09 59.15 -3.73
N ILE F 253 -8.99 58.09 -4.54
CA ILE F 253 -7.68 57.46 -4.81
C ILE F 253 -7.13 56.97 -3.46
N GLN F 254 -8.07 56.45 -2.67
CA GLN F 254 -7.83 55.54 -1.57
C GLN F 254 -7.90 54.11 -2.13
N SER F 255 -7.73 54.04 -3.45
CA SER F 255 -7.79 52.79 -4.18
C SER F 255 -6.40 52.18 -4.26
N GLU F 256 -6.23 51.04 -3.61
CA GLU F 256 -4.99 50.24 -3.65
C GLU F 256 -5.16 49.00 -4.49
N HIS F 257 -4.43 48.92 -5.60
CA HIS F 257 -4.43 47.71 -6.40
C HIS F 257 -3.27 46.84 -6.02
N ILE F 258 -2.09 47.13 -6.59
CA ILE F 258 -0.87 46.42 -6.22
C ILE F 258 0.29 47.43 -6.07
N LEU F 259 0.15 48.32 -5.10
CA LEU F 259 1.09 49.42 -4.87
C LEU F 259 2.18 49.06 -3.86
N MET G 17 -38.63 4.24 -35.89
CA MET G 17 -39.92 4.41 -36.55
C MET G 17 -40.13 5.84 -37.06
N VAL G 18 -39.05 6.62 -37.09
CA VAL G 18 -39.10 8.03 -37.51
C VAL G 18 -38.46 8.28 -38.88
N VAL G 19 -37.35 7.58 -39.11
CA VAL G 19 -36.40 7.85 -40.19
C VAL G 19 -36.92 8.08 -41.62
N ALA G 20 -36.02 8.57 -42.49
CA ALA G 20 -36.35 8.78 -43.89
C ALA G 20 -35.17 8.47 -44.80
N ASP G 21 -33.96 8.62 -44.29
CA ASP G 21 -32.75 8.35 -45.05
C ASP G 21 -32.73 6.90 -45.53
N THR G 22 -32.28 6.69 -46.77
CA THR G 22 -32.23 5.35 -47.37
C THR G 22 -31.40 4.38 -46.55
N LYS G 23 -30.32 4.87 -45.96
CA LYS G 23 -29.44 4.07 -45.13
C LYS G 23 -30.18 3.54 -43.91
N SER G 24 -30.97 4.41 -43.30
CA SER G 24 -31.69 4.07 -42.07
C SER G 24 -32.83 3.08 -42.36
N LEU G 25 -33.51 3.29 -43.49
CA LEU G 25 -34.60 2.43 -43.92
C LEU G 25 -34.15 1.01 -44.22
N LYS G 26 -32.93 0.85 -44.75
CA LYS G 26 -32.38 -0.48 -44.97
C LYS G 26 -32.18 -1.19 -43.62
N LEU G 27 -31.73 -0.41 -42.64
CA LEU G 27 -31.49 -0.90 -41.28
C LEU G 27 -32.77 -1.42 -40.62
N LEU G 28 -33.84 -0.64 -40.74
CA LEU G 28 -35.13 -1.05 -40.17
C LEU G 28 -35.67 -2.29 -40.87
N ALA G 29 -35.39 -2.44 -42.17
CA ALA G 29 -35.74 -3.65 -42.89
C ALA G 29 -34.97 -4.87 -42.35
N LEU G 30 -33.71 -4.65 -41.98
CA LEU G 30 -32.95 -5.71 -41.34
C LEU G 30 -33.49 -5.96 -39.94
N ALA G 31 -33.88 -4.89 -39.25
CA ALA G 31 -34.47 -5.04 -37.92
C ALA G 31 -35.67 -5.95 -38.00
N ASP G 32 -36.53 -5.67 -38.98
CA ASP G 32 -37.73 -6.47 -39.24
C ASP G 32 -37.43 -7.96 -39.36
N LYS G 33 -36.33 -8.29 -40.05
CA LYS G 33 -35.92 -9.69 -40.18
C LYS G 33 -35.65 -10.32 -38.81
N VAL G 34 -34.67 -9.81 -38.06
CA VAL G 34 -34.36 -10.38 -36.73
C VAL G 34 -35.48 -10.38 -35.74
N ALA G 35 -36.30 -9.33 -35.79
CA ALA G 35 -37.45 -9.20 -34.90
C ALA G 35 -38.29 -10.49 -34.91
N LYS G 36 -38.47 -11.07 -36.10
CA LYS G 36 -39.20 -12.32 -36.26
C LYS G 36 -38.67 -13.42 -35.35
N THR G 37 -37.36 -13.41 -35.12
CA THR G 37 -36.70 -14.49 -34.40
C THR G 37 -36.37 -14.09 -32.97
N ASP G 38 -35.69 -14.98 -32.26
CA ASP G 38 -35.26 -14.73 -30.89
C ASP G 38 -33.78 -14.42 -30.75
N ALA G 39 -33.08 -14.26 -31.87
CA ALA G 39 -31.65 -13.95 -31.87
C ALA G 39 -31.29 -12.72 -31.02
N ASN G 40 -30.16 -12.78 -30.33
CA ASN G 40 -29.59 -11.59 -29.70
C ASN G 40 -29.25 -10.58 -30.78
N VAL G 41 -29.53 -9.30 -30.50
CA VAL G 41 -29.25 -8.22 -31.44
C VAL G 41 -28.32 -7.19 -30.83
N MET G 42 -27.20 -6.94 -31.49
CA MET G 42 -26.23 -5.97 -30.98
C MET G 42 -26.32 -4.68 -31.78
N ILE G 43 -26.50 -3.56 -31.12
CA ILE G 43 -26.61 -2.33 -31.88
C ILE G 43 -25.40 -1.41 -31.65
N LEU G 44 -24.67 -1.20 -32.73
CA LEU G 44 -23.44 -0.43 -32.73
C LEU G 44 -23.72 0.96 -33.28
N GLY G 45 -22.73 1.84 -33.23
CA GLY G 45 -22.93 3.24 -33.59
C GLY G 45 -22.70 4.10 -32.37
N PRO G 46 -22.68 5.42 -32.58
CA PRO G 46 -22.33 6.28 -31.45
C PRO G 46 -23.46 6.34 -30.40
N SER G 47 -23.08 6.57 -29.14
CA SER G 47 -24.06 6.81 -28.09
C SER G 47 -24.89 8.04 -28.46
N GLY G 48 -26.13 8.09 -27.99
CA GLY G 48 -27.03 9.19 -28.30
C GLY G 48 -27.17 9.44 -29.79
N SER G 49 -27.33 8.36 -30.55
CA SER G 49 -27.62 8.46 -31.96
C SER G 49 -29.02 7.97 -32.24
N GLY G 50 -29.69 7.46 -31.21
CA GLY G 50 -31.09 7.05 -31.33
C GLY G 50 -31.36 5.58 -31.11
N LYS G 51 -30.31 4.81 -30.82
CA LYS G 51 -30.38 3.36 -30.66
C LYS G 51 -31.62 2.84 -29.94
N GLU G 52 -31.92 3.45 -28.80
CA GLU G 52 -32.97 2.96 -27.91
C GLU G 52 -34.32 2.69 -28.60
N VAL G 53 -34.59 3.41 -29.70
CA VAL G 53 -35.86 3.27 -30.40
C VAL G 53 -35.78 2.16 -31.43
N MET G 54 -34.58 1.87 -31.92
CA MET G 54 -34.34 0.68 -32.72
C MET G 54 -34.75 -0.55 -31.93
N SER G 55 -34.37 -0.56 -30.65
CA SER G 55 -34.56 -1.74 -29.81
C SER G 55 -36.03 -1.89 -29.43
N ARG G 56 -36.68 -0.77 -29.13
CA ARG G 56 -38.12 -0.77 -28.88
C ARG G 56 -38.87 -1.18 -30.14
N TYR G 57 -38.32 -0.79 -31.28
CA TYR G 57 -38.91 -1.16 -32.55
C TYR G 57 -38.82 -2.67 -32.73
N ILE G 58 -37.62 -3.19 -32.52
CA ILE G 58 -37.41 -4.62 -32.65
C ILE G 58 -38.37 -5.41 -31.75
N HIS G 59 -38.59 -4.91 -30.55
CA HIS G 59 -39.48 -5.60 -29.61
C HIS G 59 -40.92 -5.55 -30.12
N ASN G 60 -41.34 -4.38 -30.58
CA ASN G 60 -42.69 -4.22 -31.10
C ASN G 60 -42.95 -5.09 -32.32
N ALA G 61 -41.93 -5.28 -33.15
CA ALA G 61 -42.10 -6.07 -34.36
C ALA G 61 -41.89 -7.57 -34.09
N SER G 62 -41.56 -7.89 -32.84
CA SER G 62 -41.31 -9.27 -32.44
C SER G 62 -42.58 -9.91 -31.89
N PRO G 63 -42.62 -11.25 -31.86
CA PRO G 63 -43.73 -11.97 -31.23
C PRO G 63 -43.77 -11.81 -29.71
N ARG G 64 -42.79 -11.12 -29.13
CA ARG G 64 -42.83 -10.84 -27.69
C ARG G 64 -43.41 -9.47 -27.41
N LYS G 65 -43.89 -8.83 -28.47
CA LYS G 65 -44.52 -7.50 -28.43
C LYS G 65 -45.33 -7.17 -27.17
N GLU G 66 -46.22 -8.08 -26.77
CA GLU G 66 -47.08 -7.80 -25.63
C GLU G 66 -46.39 -8.02 -24.29
N GLY G 67 -45.18 -8.57 -24.36
CA GLY G 67 -44.39 -8.77 -23.16
C GLY G 67 -43.70 -7.51 -22.69
N PRO G 68 -43.08 -7.57 -21.50
CA PRO G 68 -42.42 -6.41 -20.92
C PRO G 68 -41.18 -6.05 -21.68
N PHE G 69 -40.92 -4.76 -21.84
CA PHE G 69 -39.66 -4.26 -22.39
C PHE G 69 -38.86 -3.61 -21.26
N ILE G 70 -37.69 -4.15 -20.94
CA ILE G 70 -36.92 -3.62 -19.83
C ILE G 70 -35.53 -3.18 -20.29
N ALA G 71 -35.17 -1.94 -20.01
CA ALA G 71 -33.90 -1.42 -20.48
C ALA G 71 -33.02 -1.07 -19.30
N ILE G 72 -31.71 -1.09 -19.51
CA ILE G 72 -30.78 -0.61 -18.50
C ILE G 72 -29.51 -0.04 -19.15
N ASN G 73 -29.06 1.10 -18.65
CA ASN G 73 -27.84 1.70 -19.14
C ASN G 73 -26.70 1.29 -18.23
N CYS G 74 -25.89 0.34 -18.72
CA CYS G 74 -24.75 -0.20 -17.96
C CYS G 74 -23.66 0.85 -17.68
N ALA G 75 -23.74 1.97 -18.36
CA ALA G 75 -22.78 3.06 -18.13
C ALA G 75 -23.34 4.13 -17.21
N ALA G 76 -24.57 3.96 -16.72
CA ALA G 76 -25.16 4.99 -15.88
C ALA G 76 -25.78 4.50 -14.56
N ILE G 77 -25.34 3.35 -14.05
CA ILE G 77 -25.77 2.89 -12.72
C ILE G 77 -24.73 3.29 -11.68
N PRO G 78 -25.07 4.21 -10.76
CA PRO G 78 -24.07 4.64 -9.80
C PRO G 78 -23.80 3.62 -8.71
N ASP G 79 -22.85 3.93 -7.83
CA ASP G 79 -22.57 3.12 -6.63
C ASP G 79 -22.34 1.65 -6.91
N ASN G 80 -21.79 1.34 -8.09
CA ASN G 80 -21.41 -0.03 -8.43
C ASN G 80 -22.59 -0.99 -8.42
N MET G 81 -23.79 -0.46 -8.62
CA MET G 81 -24.98 -1.27 -8.38
C MET G 81 -25.42 -2.04 -9.61
N LEU G 82 -24.67 -1.91 -10.70
CA LEU G 82 -25.04 -2.52 -12.00
C LEU G 82 -25.30 -4.03 -11.87
N GLU G 83 -24.37 -4.72 -11.25
CA GLU G 83 -24.50 -6.15 -11.06
C GLU G 83 -25.72 -6.48 -10.19
N ALA G 84 -25.90 -5.71 -9.14
CA ALA G 84 -27.03 -5.91 -8.27
C ALA G 84 -28.35 -5.72 -9.05
N THR G 85 -28.42 -4.74 -9.94
CA THR G 85 -29.70 -4.50 -10.59
C THR G 85 -29.92 -5.48 -11.72
N LEU G 86 -28.86 -5.98 -12.34
CA LEU G 86 -29.03 -7.01 -13.35
C LEU G 86 -29.59 -8.31 -12.78
N PHE G 87 -28.96 -8.78 -11.72
CA PHE G 87 -29.20 -10.14 -11.24
C PHE G 87 -30.14 -10.20 -10.06
N GLY G 88 -30.38 -9.05 -9.46
CA GLY G 88 -31.13 -8.99 -8.23
C GLY G 88 -30.24 -9.51 -7.11
N TYR G 89 -30.75 -9.48 -5.89
CA TYR G 89 -29.98 -9.92 -4.75
C TYR G 89 -30.92 -10.33 -3.65
N GLU G 90 -30.42 -11.13 -2.72
CA GLU G 90 -31.12 -11.42 -1.47
C GLU G 90 -30.60 -10.50 -0.37
N LYS G 91 -31.43 -10.30 0.65
CA LYS G 91 -31.07 -9.54 1.83
C LYS G 91 -29.73 -10.01 2.40
N GLY G 92 -28.80 -9.09 2.64
CA GLY G 92 -27.50 -9.46 3.18
C GLY G 92 -26.43 -9.82 2.16
N ALA G 93 -26.78 -9.85 0.87
CA ALA G 93 -25.84 -10.26 -0.19
C ALA G 93 -24.57 -9.40 -0.28
N PHE G 94 -24.66 -8.16 0.22
CA PHE G 94 -23.56 -7.22 0.20
C PHE G 94 -23.90 -6.12 1.20
N THR G 95 -22.95 -5.23 1.46
CA THR G 95 -23.16 -4.20 2.45
C THR G 95 -24.17 -3.19 1.90
N GLY G 96 -25.36 -3.15 2.52
CA GLY G 96 -26.45 -2.34 2.04
C GLY G 96 -27.61 -3.17 1.51
N ALA G 97 -27.34 -4.42 1.17
CA ALA G 97 -28.38 -5.35 0.73
C ALA G 97 -29.34 -5.63 1.88
N VAL G 98 -30.20 -4.66 2.14
CA VAL G 98 -31.01 -4.69 3.34
C VAL G 98 -32.39 -5.30 3.03
N GLN G 99 -32.59 -5.70 1.78
CA GLN G 99 -33.84 -6.33 1.36
C GLN G 99 -33.59 -7.27 0.19
N ALA G 100 -34.58 -8.09 -0.15
CA ALA G 100 -34.51 -8.87 -1.38
C ALA G 100 -35.00 -7.99 -2.52
N CYS G 101 -34.50 -8.27 -3.72
CA CYS G 101 -34.79 -7.42 -4.86
C CYS G 101 -34.62 -8.24 -6.13
N PRO G 102 -35.68 -8.34 -6.93
CA PRO G 102 -35.57 -8.99 -8.24
C PRO G 102 -34.64 -8.20 -9.19
N GLY G 103 -33.95 -8.91 -10.07
CA GLY G 103 -33.11 -8.26 -11.07
C GLY G 103 -33.90 -7.95 -12.33
N LYS G 104 -33.26 -7.27 -13.26
CA LYS G 104 -33.91 -6.87 -14.50
C LYS G 104 -34.31 -8.05 -15.35
N PHE G 105 -33.49 -9.10 -15.34
CA PHE G 105 -33.81 -10.29 -16.14
C PHE G 105 -35.14 -10.89 -15.71
N GLU G 106 -35.39 -10.92 -14.39
CA GLU G 106 -36.64 -11.41 -13.85
C GLU G 106 -37.79 -10.58 -14.38
N GLN G 107 -37.61 -9.26 -14.39
CA GLN G 107 -38.67 -8.36 -14.79
C GLN G 107 -38.99 -8.46 -16.28
N ALA G 108 -38.02 -8.94 -17.06
CA ALA G 108 -38.19 -9.00 -18.52
C ALA G 108 -38.79 -10.33 -18.95
N GLN G 109 -39.07 -11.16 -17.97
CA GLN G 109 -39.58 -12.51 -18.21
C GLN G 109 -40.70 -12.50 -19.24
N GLY G 110 -40.49 -13.23 -20.33
CA GLY G 110 -41.50 -13.29 -21.38
C GLY G 110 -41.41 -12.14 -22.37
N GLY G 111 -40.47 -11.23 -22.13
CA GLY G 111 -40.29 -10.08 -22.99
C GLY G 111 -38.85 -9.89 -23.46
N THR G 112 -38.37 -8.67 -23.29
CA THR G 112 -37.11 -8.26 -23.90
C THR G 112 -36.31 -7.39 -22.94
N ILE G 113 -35.02 -7.67 -22.83
CA ILE G 113 -34.16 -6.79 -22.06
C ILE G 113 -33.17 -6.07 -22.99
N LEU G 114 -32.91 -4.83 -22.73
CA LEU G 114 -31.99 -4.10 -23.52
C LEU G 114 -30.82 -3.75 -22.66
N LEU G 115 -29.65 -4.24 -23.00
CA LEU G 115 -28.48 -3.91 -22.26
C LEU G 115 -27.70 -2.87 -22.99
N ASP G 116 -27.88 -1.63 -22.57
CA ASP G 116 -27.27 -0.51 -23.22
C ASP G 116 -25.87 -0.28 -22.73
N GLU G 117 -25.01 0.03 -23.67
CA GLU G 117 -23.61 0.25 -23.43
C GLU G 117 -22.99 -0.91 -22.69
N ILE G 118 -23.13 -2.07 -23.26
CA ILE G 118 -22.61 -3.27 -22.68
C ILE G 118 -21.10 -3.29 -22.51
N SER G 119 -20.39 -2.53 -23.30
CA SER G 119 -18.95 -2.50 -23.24
C SER G 119 -18.42 -2.06 -21.89
N GLU G 120 -19.29 -1.59 -21.02
CA GLU G 120 -18.88 -1.13 -19.69
C GLU G 120 -18.81 -2.23 -18.61
N MET G 121 -19.49 -3.36 -18.84
CA MET G 121 -19.42 -4.47 -17.90
C MET G 121 -17.98 -4.92 -17.74
N ASP G 122 -17.53 -5.08 -16.51
CA ASP G 122 -16.23 -5.68 -16.23
C ASP G 122 -16.26 -7.15 -16.59
N LEU G 123 -15.07 -7.75 -16.70
CA LEU G 123 -14.91 -9.13 -17.13
C LEU G 123 -15.70 -10.11 -16.27
N ASN G 124 -15.65 -9.95 -14.95
CA ASN G 124 -16.41 -10.84 -14.07
C ASN G 124 -17.91 -10.78 -14.33
N LEU G 125 -18.41 -9.56 -14.50
CA LEU G 125 -19.81 -9.36 -14.78
C LEU G 125 -20.12 -10.01 -16.14
N GLN G 126 -19.17 -9.92 -17.06
CA GLN G 126 -19.33 -10.49 -18.38
C GLN G 126 -19.44 -12.02 -18.30
N ALA G 127 -18.62 -12.60 -17.42
CA ALA G 127 -18.64 -14.03 -17.25
C ALA G 127 -20.00 -14.44 -16.68
N LYS G 128 -20.54 -13.62 -15.78
CA LYS G 128 -21.86 -13.95 -15.23
C LYS G 128 -22.95 -13.85 -16.29
N LEU G 129 -22.85 -12.83 -17.14
CA LEU G 129 -23.84 -12.62 -18.20
C LEU G 129 -23.77 -13.76 -19.23
N LEU G 130 -22.56 -14.25 -19.46
CA LEU G 130 -22.40 -15.34 -20.42
C LEU G 130 -23.18 -16.56 -19.95
N ARG G 131 -23.11 -16.84 -18.64
CA ARG G 131 -23.78 -18.01 -18.09
C ARG G 131 -25.28 -17.87 -18.27
N VAL G 132 -25.78 -16.66 -18.03
CA VAL G 132 -27.21 -16.39 -18.20
C VAL G 132 -27.59 -16.73 -19.63
N LEU G 133 -26.78 -16.27 -20.57
CA LEU G 133 -27.09 -16.48 -21.98
C LEU G 133 -26.98 -17.96 -22.33
N GLN G 134 -26.08 -18.68 -21.68
CA GLN G 134 -25.89 -20.09 -22.02
C GLN G 134 -26.91 -20.99 -21.36
N GLU G 135 -27.23 -20.73 -20.12
CA GLU G 135 -28.11 -21.59 -19.39
C GLU G 135 -29.55 -21.15 -19.41
N ARG G 136 -29.82 -19.90 -19.74
CA ARG G 136 -31.15 -19.36 -19.69
C ARG G 136 -31.69 -19.47 -18.29
N GLU G 137 -30.80 -19.26 -17.34
CA GLU G 137 -31.09 -19.23 -15.92
C GLU G 137 -30.34 -18.08 -15.31
N VAL G 138 -30.80 -17.64 -14.16
CA VAL G 138 -30.14 -16.56 -13.44
C VAL G 138 -30.33 -16.77 -11.94
N GLU G 139 -29.32 -16.44 -11.17
CA GLU G 139 -29.43 -16.43 -9.72
C GLU G 139 -29.16 -15.04 -9.17
N ARG G 140 -29.91 -14.66 -8.16
CA ARG G 140 -29.67 -13.43 -7.44
C ARG G 140 -28.36 -13.53 -6.67
N LEU G 141 -27.71 -12.39 -6.49
CA LEU G 141 -26.55 -12.30 -5.60
C LEU G 141 -26.94 -12.80 -4.21
N GLY G 142 -26.12 -13.68 -3.65
CA GLY G 142 -26.35 -14.17 -2.30
C GLY G 142 -27.34 -15.31 -2.28
N SER G 143 -27.59 -15.88 -3.45
CA SER G 143 -28.54 -16.96 -3.58
C SER G 143 -27.94 -18.06 -4.45
N ARG G 144 -28.36 -19.29 -4.20
CA ARG G 144 -27.85 -20.40 -4.98
C ARG G 144 -28.97 -20.92 -5.88
N LYS G 145 -30.14 -20.31 -5.74
CA LYS G 145 -31.33 -20.70 -6.48
C LYS G 145 -31.40 -20.05 -7.85
N SER G 146 -31.42 -20.87 -8.90
CA SER G 146 -31.45 -20.35 -10.25
C SER G 146 -32.87 -20.21 -10.78
N ILE G 147 -33.16 -19.06 -11.37
CA ILE G 147 -34.46 -18.80 -11.94
C ILE G 147 -34.44 -19.01 -13.45
N LYS G 148 -35.32 -19.88 -13.93
CA LYS G 148 -35.39 -20.16 -15.36
C LYS G 148 -35.85 -18.91 -16.12
N LEU G 149 -35.10 -18.56 -17.17
CA LEU G 149 -35.38 -17.34 -17.92
C LEU G 149 -35.92 -17.59 -19.32
N ASP G 150 -36.86 -16.77 -19.72
CA ASP G 150 -37.30 -16.66 -21.10
C ASP G 150 -37.32 -15.19 -21.52
N VAL G 151 -36.17 -14.71 -21.98
CA VAL G 151 -35.95 -13.30 -22.24
C VAL G 151 -35.18 -13.12 -23.56
N ARG G 152 -35.62 -12.18 -24.37
CA ARG G 152 -34.91 -11.85 -25.59
C ARG G 152 -33.88 -10.80 -25.21
N VAL G 153 -32.64 -10.99 -25.60
CA VAL G 153 -31.61 -10.04 -25.23
C VAL G 153 -31.25 -9.11 -26.35
N LEU G 154 -31.22 -7.83 -26.05
CA LEU G 154 -30.73 -6.85 -26.95
C LEU G 154 -29.58 -6.12 -26.27
N ALA G 155 -28.65 -5.59 -27.02
CA ALA G 155 -27.52 -4.92 -26.44
C ALA G 155 -27.03 -3.83 -27.34
N THR G 156 -26.32 -2.87 -26.79
CA THR G 156 -25.69 -1.85 -27.56
C THR G 156 -24.30 -1.55 -27.08
N SER G 157 -23.50 -1.04 -27.98
CA SER G 157 -22.19 -0.64 -27.65
C SER G 157 -21.80 0.48 -28.55
N ASN G 158 -21.10 1.46 -28.02
CA ASN G 158 -20.63 2.54 -28.82
C ASN G 158 -19.19 2.37 -29.23
N ARG G 159 -18.62 1.21 -28.94
CA ARG G 159 -17.28 0.94 -29.40
C ARG G 159 -17.21 -0.39 -30.12
N ASP G 160 -16.20 -0.55 -30.97
CA ASP G 160 -16.02 -1.80 -31.71
C ASP G 160 -15.62 -2.96 -30.80
N LEU G 161 -16.52 -3.92 -30.63
CA LEU G 161 -16.34 -4.95 -29.62
C LEU G 161 -15.26 -5.94 -30.00
N LYS G 162 -15.11 -6.20 -31.30
CA LYS G 162 -14.04 -7.05 -31.80
C LYS G 162 -12.70 -6.55 -31.28
N GLN G 163 -12.47 -5.25 -31.49
CA GLN G 163 -11.25 -4.59 -31.03
C GLN G 163 -11.09 -4.72 -29.51
N TYR G 164 -12.17 -4.46 -28.80
CA TYR G 164 -12.18 -4.49 -27.34
C TYR G 164 -11.82 -5.89 -26.86
N VAL G 165 -12.29 -6.90 -27.57
CA VAL G 165 -11.86 -8.28 -27.32
C VAL G 165 -10.34 -8.39 -27.49
N GLN G 166 -9.86 -7.89 -28.63
CA GLN G 166 -8.45 -8.00 -28.96
C GLN G 166 -7.55 -7.25 -27.98
N ALA G 167 -8.12 -6.25 -27.29
CA ALA G 167 -7.40 -5.51 -26.26
C ALA G 167 -7.49 -6.18 -24.87
N GLY G 168 -8.21 -7.29 -24.81
CA GLY G 168 -8.33 -8.04 -23.57
C GLY G 168 -9.32 -7.46 -22.57
N HIS G 169 -10.27 -6.67 -23.04
CA HIS G 169 -11.26 -6.06 -22.15
C HIS G 169 -12.65 -6.67 -22.27
N PHE G 170 -12.85 -7.55 -23.24
CA PHE G 170 -14.16 -8.15 -23.46
C PHE G 170 -13.98 -9.64 -23.79
N ARG G 171 -14.79 -10.50 -23.18
CA ARG G 171 -14.66 -11.93 -23.39
C ARG G 171 -14.96 -12.28 -24.84
N GLU G 172 -14.10 -13.10 -25.42
CA GLU G 172 -14.32 -13.54 -26.77
C GLU G 172 -15.59 -14.37 -26.90
N ASP G 173 -15.91 -15.20 -25.91
CA ASP G 173 -17.04 -16.12 -26.06
C ASP G 173 -18.36 -15.36 -25.98
N LEU G 174 -18.36 -14.28 -25.22
CA LEU G 174 -19.52 -13.41 -25.09
C LEU G 174 -19.75 -12.55 -26.35
N TYR G 175 -18.65 -12.09 -26.95
CA TYR G 175 -18.73 -11.31 -28.18
C TYR G 175 -19.48 -12.10 -29.27
N TYR G 176 -19.00 -13.30 -29.59
CA TYR G 176 -19.67 -14.17 -30.55
C TYR G 176 -21.10 -14.46 -30.18
N ARG G 177 -21.37 -14.72 -28.91
CA ARG G 177 -22.74 -15.01 -28.52
C ARG G 177 -23.65 -13.82 -28.79
N LEU G 178 -23.12 -12.60 -28.65
CA LEU G 178 -23.91 -11.40 -28.92
C LEU G 178 -23.79 -10.87 -30.35
N ASN G 179 -23.06 -11.58 -31.21
CA ASN G 179 -22.67 -11.04 -32.51
C ASN G 179 -23.39 -11.65 -33.71
N VAL G 180 -24.44 -12.42 -33.45
CA VAL G 180 -25.15 -13.05 -34.55
C VAL G 180 -25.62 -12.02 -35.57
N PHE G 181 -26.15 -10.89 -35.08
CA PHE G 181 -26.81 -9.94 -35.97
C PHE G 181 -26.51 -8.49 -35.59
N PRO G 182 -25.26 -8.05 -35.81
CA PRO G 182 -24.89 -6.69 -35.41
C PRO G 182 -25.46 -5.68 -36.39
N LEU G 183 -26.13 -4.67 -35.86
CA LEU G 183 -26.72 -3.62 -36.68
C LEU G 183 -26.02 -2.34 -36.34
N THR G 184 -25.45 -1.69 -37.34
CA THR G 184 -24.70 -0.49 -37.08
C THR G 184 -25.54 0.76 -37.42
N TRP G 185 -25.77 1.55 -36.40
CA TRP G 185 -26.60 2.73 -36.47
C TRP G 185 -25.69 3.92 -36.72
N PRO G 186 -25.66 4.44 -37.95
CA PRO G 186 -24.65 5.43 -38.32
C PRO G 186 -24.79 6.79 -37.63
N ALA G 187 -23.70 7.54 -37.63
CA ALA G 187 -23.70 8.90 -37.09
C ALA G 187 -24.61 9.78 -37.91
N LEU G 188 -25.14 10.82 -37.27
CA LEU G 188 -26.11 11.72 -37.90
C LEU G 188 -25.64 12.28 -39.24
N CYS G 189 -24.40 12.78 -39.29
CA CYS G 189 -23.83 13.35 -40.49
C CYS G 189 -23.66 12.34 -41.62
N GLU G 190 -23.89 11.07 -41.31
CA GLU G 190 -23.82 10.00 -42.30
C GLU G 190 -25.22 9.57 -42.72
N ARG G 191 -26.22 10.13 -42.04
CA ARG G 191 -27.60 9.95 -42.47
C ARG G 191 -28.31 11.31 -42.54
N LYS G 192 -27.72 12.24 -43.29
CA LYS G 192 -28.18 13.63 -43.34
C LYS G 192 -29.69 13.81 -43.60
N ASP G 193 -30.29 12.86 -44.32
CA ASP G 193 -31.72 12.95 -44.63
C ASP G 193 -32.64 12.60 -43.47
N ASP G 194 -32.07 12.26 -42.32
CA ASP G 194 -32.88 12.01 -41.14
C ASP G 194 -32.99 13.26 -40.29
N ILE G 195 -32.12 14.24 -40.54
CA ILE G 195 -31.99 15.42 -39.68
C ILE G 195 -33.25 16.29 -39.61
N GLU G 196 -33.83 16.63 -40.76
CA GLU G 196 -35.05 17.43 -40.74
C GLU G 196 -36.22 16.73 -40.00
N PRO G 197 -36.60 15.49 -40.39
CA PRO G 197 -37.70 14.85 -39.66
C PRO G 197 -37.40 14.57 -38.19
N LEU G 198 -36.12 14.40 -37.86
CA LEU G 198 -35.72 14.22 -36.48
C LEU G 198 -35.90 15.51 -35.68
N ALA G 199 -35.39 16.61 -36.21
CA ALA G 199 -35.56 17.92 -35.59
C ALA G 199 -37.02 18.21 -35.28
N ASN G 200 -37.89 17.96 -36.26
CA ASN G 200 -39.34 18.13 -36.11
C ASN G 200 -39.90 17.32 -34.98
N HIS G 201 -39.59 16.03 -34.98
CA HIS G 201 -40.05 15.14 -33.94
C HIS G 201 -39.58 15.63 -32.57
N LEU G 202 -38.30 15.99 -32.48
CA LEU G 202 -37.75 16.55 -31.27
C LEU G 202 -38.53 17.79 -30.85
N ILE G 203 -38.92 18.62 -31.82
CA ILE G 203 -39.74 19.80 -31.52
C ILE G 203 -41.11 19.43 -30.95
N GLU G 204 -41.84 18.53 -31.60
CA GLU G 204 -43.20 18.22 -31.14
C GLU G 204 -43.18 17.58 -29.77
N ARG G 205 -42.23 16.71 -29.52
CA ARG G 205 -42.25 16.01 -28.25
C ARG G 205 -41.90 16.92 -27.11
N HIS G 206 -41.00 17.84 -27.36
CA HIS G 206 -40.65 18.84 -26.34
C HIS G 206 -41.83 19.78 -26.05
N CYS G 207 -42.43 20.31 -27.11
CA CYS G 207 -43.52 21.25 -26.92
C CYS G 207 -44.72 20.57 -26.25
N LYS G 208 -44.90 19.28 -26.50
CA LYS G 208 -45.94 18.51 -25.82
C LYS G 208 -45.84 18.62 -24.30
N LYS G 209 -46.03 19.86 -23.82
CA LYS G 209 -46.35 20.22 -22.43
C LYS G 209 -46.94 21.63 -22.51
N LEU G 210 -48.15 21.71 -23.07
CA LEU G 210 -48.80 22.96 -23.48
C LEU G 210 -47.82 23.89 -24.16
N GLY G 211 -47.29 23.40 -25.27
CA GLY G 211 -46.61 24.24 -26.22
C GLY G 211 -47.22 23.91 -27.56
N LEU G 212 -47.71 24.92 -28.25
CA LEU G 212 -48.03 24.78 -29.66
C LEU G 212 -46.72 24.60 -30.45
N PRO G 213 -46.57 23.46 -31.16
CA PRO G 213 -45.37 23.23 -31.95
C PRO G 213 -45.21 24.20 -33.10
N VAL G 214 -44.20 25.04 -32.98
CA VAL G 214 -43.65 25.80 -34.07
C VAL G 214 -43.32 24.84 -35.22
N PRO G 215 -43.52 25.27 -36.47
CA PRO G 215 -43.43 24.32 -37.58
C PRO G 215 -42.00 24.16 -38.04
N SER G 216 -41.74 23.08 -38.78
CA SER G 216 -40.46 22.73 -39.41
C SER G 216 -39.19 23.41 -38.88
N ILE G 217 -39.32 24.70 -38.57
CA ILE G 217 -38.25 25.70 -38.44
C ILE G 217 -38.16 26.26 -39.86
N ALA G 218 -37.70 27.50 -39.98
CA ALA G 218 -37.65 28.16 -41.26
C ALA G 218 -36.63 27.44 -42.16
N PRO G 219 -36.87 27.44 -43.48
CA PRO G 219 -36.01 26.73 -44.42
C PRO G 219 -34.51 27.02 -44.25
N ASN G 220 -34.13 28.28 -44.01
CA ASN G 220 -32.71 28.58 -43.80
C ASN G 220 -32.15 27.89 -42.56
N ALA G 221 -32.95 27.80 -41.52
CA ALA G 221 -32.52 27.08 -40.34
C ALA G 221 -32.40 25.57 -40.65
N ILE G 222 -33.27 25.05 -41.51
CA ILE G 222 -33.11 23.68 -41.98
C ILE G 222 -31.72 23.52 -42.58
N THR G 223 -31.43 24.35 -43.57
CA THR G 223 -30.12 24.35 -44.24
C THR G 223 -28.97 24.43 -43.23
N LYS G 224 -29.11 25.28 -42.25
CA LYS G 224 -28.11 25.45 -41.23
C LYS G 224 -27.91 24.14 -40.49
N LEU G 225 -29.00 23.48 -40.15
CA LEU G 225 -28.93 22.19 -39.47
C LEU G 225 -28.36 21.07 -40.37
N LEU G 226 -28.52 21.22 -41.68
CA LEU G 226 -28.07 20.16 -42.57
C LEU G 226 -26.57 20.22 -42.81
N ASN G 227 -26.00 21.42 -42.69
CA ASN G 227 -24.61 21.63 -43.06
C ASN G 227 -23.67 21.67 -41.87
N TYR G 228 -24.12 21.06 -40.77
CA TYR G 228 -23.33 20.90 -39.56
C TYR G 228 -23.07 19.41 -39.37
N PRO G 229 -21.82 19.04 -39.02
CA PRO G 229 -21.38 17.64 -38.89
C PRO G 229 -21.97 16.85 -37.69
N TRP G 230 -22.59 17.54 -36.74
CA TRP G 230 -23.21 16.88 -35.55
C TRP G 230 -22.29 15.91 -34.83
N PRO G 231 -21.18 16.43 -34.30
CA PRO G 231 -20.25 15.57 -33.54
C PRO G 231 -20.93 14.92 -32.32
N GLY G 232 -21.98 15.55 -31.79
CA GLY G 232 -22.73 14.97 -30.69
C GLY G 232 -24.00 14.26 -31.10
N ASN G 233 -24.17 14.08 -32.41
CA ASN G 233 -25.32 13.35 -32.95
C ASN G 233 -26.68 13.81 -32.38
N VAL G 234 -27.59 12.88 -32.14
CA VAL G 234 -28.97 13.25 -31.79
C VAL G 234 -29.06 14.00 -30.45
N ARG G 235 -28.19 13.68 -29.50
CA ARG G 235 -28.16 14.44 -28.24
C ARG G 235 -27.86 15.91 -28.49
N GLU G 236 -27.00 16.18 -29.45
CA GLU G 236 -26.62 17.54 -29.77
C GLU G 236 -27.75 18.27 -30.46
N LEU G 237 -28.37 17.61 -31.42
CA LEU G 237 -29.50 18.16 -32.14
C LEU G 237 -30.61 18.58 -31.19
N ASP G 238 -30.96 17.68 -30.28
CA ASP G 238 -31.95 17.94 -29.24
C ASP G 238 -31.63 19.22 -28.46
N ASN G 239 -30.36 19.39 -28.11
CA ASN G 239 -29.92 20.60 -27.41
C ASN G 239 -30.15 21.86 -28.25
N VAL G 240 -29.76 21.76 -29.51
CA VAL G 240 -29.84 22.86 -30.43
C VAL G 240 -31.29 23.21 -30.68
N VAL G 241 -32.12 22.18 -30.79
CA VAL G 241 -33.53 22.37 -31.04
C VAL G 241 -34.22 22.99 -29.81
N GLN G 242 -33.95 22.47 -28.61
CA GLN G 242 -34.54 23.09 -27.42
C GLN G 242 -34.03 24.50 -27.18
N ARG G 243 -32.77 24.74 -27.53
CA ARG G 243 -32.21 26.08 -27.37
C ARG G 243 -32.93 27.01 -28.35
N ALA G 244 -33.20 26.51 -29.54
CA ALA G 244 -33.83 27.31 -30.56
C ALA G 244 -35.22 27.73 -30.11
N LEU G 245 -35.98 26.79 -29.55
CA LEU G 245 -37.31 27.07 -29.02
C LEU G 245 -37.28 28.09 -27.87
N ILE G 246 -36.21 28.11 -27.08
CA ILE G 246 -36.10 29.13 -26.06
C ILE G 246 -35.93 30.52 -26.69
N LEU G 247 -35.04 30.62 -27.65
CA LEU G 247 -34.70 31.85 -28.34
C LEU G 247 -35.87 32.44 -29.05
N SER G 248 -36.62 31.57 -29.69
CA SER G 248 -38.04 31.42 -29.65
C SER G 248 -38.76 30.78 -30.82
N GLU G 249 -40.06 31.00 -30.82
CA GLU G 249 -41.06 30.06 -31.33
C GLU G 249 -41.40 30.04 -32.80
N ASN G 250 -40.65 29.26 -33.55
CA ASN G 250 -40.68 29.25 -35.01
C ASN G 250 -39.33 29.78 -35.43
N GLY G 251 -38.35 28.90 -35.46
CA GLY G 251 -36.98 29.30 -35.50
C GLY G 251 -36.40 29.63 -36.84
N HIS G 252 -35.34 30.43 -36.78
CA HIS G 252 -34.62 30.92 -37.92
C HIS G 252 -33.12 30.94 -37.76
N ILE G 253 -32.70 31.59 -36.69
CA ILE G 253 -31.33 31.98 -36.47
C ILE G 253 -30.89 31.55 -35.08
N GLN G 254 -30.48 30.26 -35.03
CA GLN G 254 -30.06 29.54 -33.84
C GLN G 254 -28.61 28.94 -33.88
N SER G 255 -28.16 28.37 -32.77
CA SER G 255 -26.81 28.47 -32.34
C SER G 255 -26.04 27.19 -32.21
N GLU G 256 -24.78 27.26 -32.57
CA GLU G 256 -23.93 26.12 -32.42
C GLU G 256 -22.45 26.43 -32.37
N HIS G 257 -21.71 25.43 -31.97
CA HIS G 257 -20.29 25.57 -31.73
C HIS G 257 -19.57 26.22 -32.86
N ILE G 258 -19.49 27.54 -32.74
CA ILE G 258 -18.98 28.42 -33.76
C ILE G 258 -20.04 29.47 -34.00
N LEU G 259 -20.81 29.76 -32.96
CA LEU G 259 -21.70 30.90 -32.99
C LEU G 259 -20.83 32.14 -33.02
N LEU G 260 -21.29 33.17 -33.71
CA LEU G 260 -20.51 34.38 -33.90
C LEU G 260 -21.39 35.62 -34.03
C1 EDO H . 23.81 5.45 19.35
O1 EDO H . 25.17 5.67 19.79
C2 EDO H . 23.57 5.84 17.89
O2 EDO H . 24.57 5.26 17.03
C1 EDO I . 6.18 -28.31 -10.56
O1 EDO I . 6.83 -29.48 -11.12
C2 EDO I . 6.84 -26.99 -11.00
O2 EDO I . 6.98 -26.87 -12.42
C1 EDO J . 22.72 -18.87 8.36
O1 EDO J . 23.87 -19.73 8.31
C2 EDO J . 22.82 -17.69 7.40
O2 EDO J . 23.09 -18.10 6.05
C1 EDO K . -10.29 27.92 -4.77
O1 EDO K . -9.10 28.68 -4.53
C2 EDO K . -11.40 28.23 -3.76
O2 EDO K . -11.87 29.59 -3.93
C1 EDO L . 8.26 26.19 13.78
O1 EDO L . 8.77 27.48 14.16
C2 EDO L . 8.62 25.85 12.33
O2 EDO L . 10.04 25.76 12.16
C1 EDO M . -20.03 9.20 -20.55
O1 EDO M . -19.36 10.36 -21.08
C2 EDO M . -21.45 9.57 -20.14
O2 EDO M . -22.13 10.21 -21.24
C1 EDO N . -13.14 -15.55 -22.80
O1 EDO N . -13.61 -16.12 -24.04
C2 EDO N . -11.83 -14.79 -22.98
O2 EDO N . -11.92 -13.80 -24.01
#